data_3M0B
# 
_entry.id   3M0B 
# 
_audit_conform.dict_name       mmcif_pdbx.dic 
_audit_conform.dict_version    5.379 
_audit_conform.dict_location   http://mmcif.pdb.org/dictionaries/ascii/mmcif_pdbx.dic 
# 
loop_
_database_2.database_id 
_database_2.database_code 
_database_2.pdbx_database_accession 
_database_2.pdbx_DOI 
PDB   3M0B         pdb_00003m0b 10.2210/pdb3m0b/pdb 
RCSB  RCSB057946   ?            ?                   
WWPDB D_1000057946 ?            ?                   
# 
loop_
_pdbx_database_related.db_name 
_pdbx_database_related.db_id 
_pdbx_database_related.details 
_pdbx_database_related.content_type 
PDB 1U55 . unspecified 
PDB 1U56 . unspecified 
PDB 3EEE . unspecified 
PDB 3LAH . unspecified 
PDB 3LAI . unspecified 
PDB 3IQB . unspecified 
PDB 1U4H . unspecified 
# 
_pdbx_database_status.status_code                     REL 
_pdbx_database_status.entry_id                        3M0B 
_pdbx_database_status.recvd_initial_deposition_date   2010-03-02 
_pdbx_database_status.deposit_site                    RCSB 
_pdbx_database_status.process_site                    RCSB 
_pdbx_database_status.status_code_sf                  REL 
_pdbx_database_status.status_code_mr                  ? 
_pdbx_database_status.SG_entry                        ? 
_pdbx_database_status.status_code_cs                  ? 
_pdbx_database_status.methods_development_category    ? 
_pdbx_database_status.pdb_format_compatible           Y 
_pdbx_database_status.status_code_nmr_data            ? 
# 
loop_
_audit_author.name 
_audit_author.pdbx_ordinal 
'Winter, M.B.'   1 
'McLaurin, E.J.' 2 
'Reece, S.Y.'    3 
'Olea Jr., C.'   4 
'Nocera, D.G.'   5 
'Marletta, M.A.' 6 
# 
_citation.id                        primary 
_citation.title                     'Ru-porphyrin protein scaffolds for sensing O2.' 
_citation.journal_abbrev            J.Am.Chem.Soc. 
_citation.journal_volume            132 
_citation.page_first                5582 
_citation.page_last                 5583 
_citation.year                      2010 
_citation.journal_id_ASTM           JACSAT 
_citation.country                   US 
_citation.journal_id_ISSN           0002-7863 
_citation.journal_id_CSD            0004 
_citation.book_publisher            ? 
_citation.pdbx_database_id_PubMed   20373741 
_citation.pdbx_database_id_DOI      10.1021/ja101527r 
# 
loop_
_citation_author.citation_id 
_citation_author.name 
_citation_author.ordinal 
_citation_author.identifier_ORCID 
primary 'Winter, M.B.'   1 ? 
primary 'McLaurin, E.J.' 2 ? 
primary 'Reece, S.Y.'    3 ? 
primary 'Olea, C.'       4 ? 
primary 'Nocera, D.G.'   5 ? 
primary 'Marletta, M.A.' 6 ? 
# 
_cell.entry_id           3M0B 
_cell.length_a           61.183 
_cell.length_b           61.183 
_cell.length_c           245.116 
_cell.angle_alpha        90.00 
_cell.angle_beta         90.00 
_cell.angle_gamma        120.00 
_cell.Z_PDB              12 
_cell.pdbx_unique_axis   ? 
_cell.length_a_esd       ? 
_cell.length_b_esd       ? 
_cell.length_c_esd       ? 
_cell.angle_alpha_esd    ? 
_cell.angle_beta_esd     ? 
_cell.angle_gamma_esd    ? 
# 
_symmetry.entry_id                         3M0B 
_symmetry.space_group_name_H-M             'P 61 2 2' 
_symmetry.pdbx_full_space_group_name_H-M   ? 
_symmetry.cell_setting                     ? 
_symmetry.Int_Tables_number                178 
_symmetry.space_group_name_Hall            ? 
# 
loop_
_entity.id 
_entity.type 
_entity.src_method 
_entity.pdbx_description 
_entity.formula_weight 
_entity.pdbx_number_of_molecules 
_entity.pdbx_ec 
_entity.pdbx_mutation 
_entity.pdbx_fragment 
_entity.details 
1 polymer     nat 'Methyl-accepting chemotaxis protein' 22047.502 1  ? ? 'UNP residues 1-188' ? 
2 non-polymer syn 
"[3,3'-(7,12-diethyl-3,8,13,17-tetramethylporphyrin-2,18-diyl-kappa~4~N~21~,N~22~,N~23~,N~24~)dipropanoato(2-)]ruthenium" 665.744 
1  ? ? ?                    ? 
3 non-polymer syn 'CARBON MONOXIDE' 28.010    1  ? ? ?                    ? 
4 water       nat water 18.015    97 ? ? ?                    ? 
# 
_entity_name_sys.entity_id   2 
_entity_name_sys.name        'PROTOPORPHYRIN IX CONTAINING RU' 
# 
_entity_poly.entity_id                      1 
_entity_poly.type                           'polypeptide(L)' 
_entity_poly.nstd_linkage                   no 
_entity_poly.nstd_monomer                   no 
_entity_poly.pdbx_seq_one_letter_code       
;MKGTIVGTWIKTLRDLYGNDVVDESLKSVGWEPDRVITPLEDIDDDEVRRIFAKVSEKTGKNVNEIWREVGRQNIKTFSE
WFPSYFAGRRLVNFLMMMDEVHLQLTKMIKGATPPRLIAKPVAKDAIEMEYVSKRKMYDYFLGLIEGSSKFFKEEISVEE
VERGEKDGFSRLKVRIKFKNPVFEYKKN
;
_entity_poly.pdbx_seq_one_letter_code_can   
;MKGTIVGTWIKTLRDLYGNDVVDESLKSVGWEPDRVITPLEDIDDDEVRRIFAKVSEKTGKNVNEIWREVGRQNIKTFSE
WFPSYFAGRRLVNFLMMMDEVHLQLTKMIKGATPPRLIAKPVAKDAIEMEYVSKRKMYDYFLGLIEGSSKFFKEEISVEE
VERGEKDGFSRLKVRIKFKNPVFEYKKN
;
_entity_poly.pdbx_strand_id                 A 
_entity_poly.pdbx_target_identifier         ? 
# 
loop_
_entity_poly_seq.entity_id 
_entity_poly_seq.num 
_entity_poly_seq.mon_id 
_entity_poly_seq.hetero 
1 1   MET n 
1 2   LYS n 
1 3   GLY n 
1 4   THR n 
1 5   ILE n 
1 6   VAL n 
1 7   GLY n 
1 8   THR n 
1 9   TRP n 
1 10  ILE n 
1 11  LYS n 
1 12  THR n 
1 13  LEU n 
1 14  ARG n 
1 15  ASP n 
1 16  LEU n 
1 17  TYR n 
1 18  GLY n 
1 19  ASN n 
1 20  ASP n 
1 21  VAL n 
1 22  VAL n 
1 23  ASP n 
1 24  GLU n 
1 25  SER n 
1 26  LEU n 
1 27  LYS n 
1 28  SER n 
1 29  VAL n 
1 30  GLY n 
1 31  TRP n 
1 32  GLU n 
1 33  PRO n 
1 34  ASP n 
1 35  ARG n 
1 36  VAL n 
1 37  ILE n 
1 38  THR n 
1 39  PRO n 
1 40  LEU n 
1 41  GLU n 
1 42  ASP n 
1 43  ILE n 
1 44  ASP n 
1 45  ASP n 
1 46  ASP n 
1 47  GLU n 
1 48  VAL n 
1 49  ARG n 
1 50  ARG n 
1 51  ILE n 
1 52  PHE n 
1 53  ALA n 
1 54  LYS n 
1 55  VAL n 
1 56  SER n 
1 57  GLU n 
1 58  LYS n 
1 59  THR n 
1 60  GLY n 
1 61  LYS n 
1 62  ASN n 
1 63  VAL n 
1 64  ASN n 
1 65  GLU n 
1 66  ILE n 
1 67  TRP n 
1 68  ARG n 
1 69  GLU n 
1 70  VAL n 
1 71  GLY n 
1 72  ARG n 
1 73  GLN n 
1 74  ASN n 
1 75  ILE n 
1 76  LYS n 
1 77  THR n 
1 78  PHE n 
1 79  SER n 
1 80  GLU n 
1 81  TRP n 
1 82  PHE n 
1 83  PRO n 
1 84  SER n 
1 85  TYR n 
1 86  PHE n 
1 87  ALA n 
1 88  GLY n 
1 89  ARG n 
1 90  ARG n 
1 91  LEU n 
1 92  VAL n 
1 93  ASN n 
1 94  PHE n 
1 95  LEU n 
1 96  MET n 
1 97  MET n 
1 98  MET n 
1 99  ASP n 
1 100 GLU n 
1 101 VAL n 
1 102 HIS n 
1 103 LEU n 
1 104 GLN n 
1 105 LEU n 
1 106 THR n 
1 107 LYS n 
1 108 MET n 
1 109 ILE n 
1 110 LYS n 
1 111 GLY n 
1 112 ALA n 
1 113 THR n 
1 114 PRO n 
1 115 PRO n 
1 116 ARG n 
1 117 LEU n 
1 118 ILE n 
1 119 ALA n 
1 120 LYS n 
1 121 PRO n 
1 122 VAL n 
1 123 ALA n 
1 124 LYS n 
1 125 ASP n 
1 126 ALA n 
1 127 ILE n 
1 128 GLU n 
1 129 MET n 
1 130 GLU n 
1 131 TYR n 
1 132 VAL n 
1 133 SER n 
1 134 LYS n 
1 135 ARG n 
1 136 LYS n 
1 137 MET n 
1 138 TYR n 
1 139 ASP n 
1 140 TYR n 
1 141 PHE n 
1 142 LEU n 
1 143 GLY n 
1 144 LEU n 
1 145 ILE n 
1 146 GLU n 
1 147 GLY n 
1 148 SER n 
1 149 SER n 
1 150 LYS n 
1 151 PHE n 
1 152 PHE n 
1 153 LYS n 
1 154 GLU n 
1 155 GLU n 
1 156 ILE n 
1 157 SER n 
1 158 VAL n 
1 159 GLU n 
1 160 GLU n 
1 161 VAL n 
1 162 GLU n 
1 163 ARG n 
1 164 GLY n 
1 165 GLU n 
1 166 LYS n 
1 167 ASP n 
1 168 GLY n 
1 169 PHE n 
1 170 SER n 
1 171 ARG n 
1 172 LEU n 
1 173 LYS n 
1 174 VAL n 
1 175 ARG n 
1 176 ILE n 
1 177 LYS n 
1 178 PHE n 
1 179 LYS n 
1 180 ASN n 
1 181 PRO n 
1 182 VAL n 
1 183 PHE n 
1 184 GLU n 
1 185 TYR n 
1 186 LYS n 
1 187 LYS n 
1 188 ASN n 
# 
_entity_src_nat.entity_id                  1 
_entity_src_nat.pdbx_src_id                1 
_entity_src_nat.pdbx_alt_source_flag       sample 
_entity_src_nat.pdbx_beg_seq_num           ? 
_entity_src_nat.pdbx_end_seq_num           ? 
_entity_src_nat.common_name                ? 
_entity_src_nat.pdbx_organism_scientific   'Thermoanaerobacter tengcongensis' 
_entity_src_nat.pdbx_ncbi_taxonomy_id      119072 
_entity_src_nat.genus                      ? 
_entity_src_nat.species                    ? 
_entity_src_nat.strain                     ? 
_entity_src_nat.tissue                     ? 
_entity_src_nat.tissue_fraction            ? 
_entity_src_nat.pdbx_secretion             ? 
_entity_src_nat.pdbx_fragment              ? 
_entity_src_nat.pdbx_variant               ? 
_entity_src_nat.pdbx_cell_line             ? 
_entity_src_nat.pdbx_atcc                  ? 
_entity_src_nat.pdbx_cellular_location     ? 
_entity_src_nat.pdbx_organ                 ? 
_entity_src_nat.pdbx_organelle             ? 
_entity_src_nat.pdbx_cell                  ? 
_entity_src_nat.pdbx_plasmid_name          ? 
_entity_src_nat.pdbx_plasmid_details       ? 
_entity_src_nat.details                    ? 
# 
_struct_ref.id                         1 
_struct_ref.db_name                    UNP 
_struct_ref.db_code                    Q8RBX6_THETN 
_struct_ref.pdbx_db_accession          Q8RBX6 
_struct_ref.entity_id                  1 
_struct_ref.pdbx_seq_one_letter_code   
;MKGTIVGTWIKTLRDLYGNDVVDESLKSVGWEPDRVITPLEDIDDDEVRRIFAKVSEKTGKNVNEIWREVGRQNIKTFSE
WFPSYFAGRRLVNFLMMMDEVHLQLTKMIKGATPPRLIAKPVAKDAIEMEYVSKRKMYDYFLGLIEGSSKFFKEEISVEE
VERGEKDGFSRLKVRIKFKNPVFEYKKN
;
_struct_ref.pdbx_align_begin           1 
_struct_ref.pdbx_db_isoform            ? 
# 
_struct_ref_seq.align_id                      1 
_struct_ref_seq.ref_id                        1 
_struct_ref_seq.pdbx_PDB_id_code              3M0B 
_struct_ref_seq.pdbx_strand_id                A 
_struct_ref_seq.seq_align_beg                 1 
_struct_ref_seq.pdbx_seq_align_beg_ins_code   ? 
_struct_ref_seq.seq_align_end                 188 
_struct_ref_seq.pdbx_seq_align_end_ins_code   ? 
_struct_ref_seq.pdbx_db_accession             Q8RBX6 
_struct_ref_seq.db_align_beg                  1 
_struct_ref_seq.pdbx_db_align_beg_ins_code    ? 
_struct_ref_seq.db_align_end                  188 
_struct_ref_seq.pdbx_db_align_end_ins_code    ? 
_struct_ref_seq.pdbx_auth_seq_align_beg       1 
_struct_ref_seq.pdbx_auth_seq_align_end       188 
# 
loop_
_chem_comp.id 
_chem_comp.type 
_chem_comp.mon_nstd_flag 
_chem_comp.name 
_chem_comp.pdbx_synonyms 
_chem_comp.formula 
_chem_comp.formula_weight 
ALA 'L-peptide linking' y ALANINE ?                                'C3 H7 N O2'       89.093  
ARG 'L-peptide linking' y ARGININE ?                                'C6 H15 N4 O2 1'   175.209 
ASN 'L-peptide linking' y ASPARAGINE ?                                'C4 H8 N2 O3'      132.118 
ASP 'L-peptide linking' y 'ASPARTIC ACID' ?                                'C4 H7 N O4'       133.103 
CMO non-polymer         . 'CARBON MONOXIDE' ?                                'C O'              28.010  
GLN 'L-peptide linking' y GLUTAMINE ?                                'C5 H10 N2 O3'     146.144 
GLU 'L-peptide linking' y 'GLUTAMIC ACID' ?                                'C5 H9 N O4'       147.129 
GLY 'peptide linking'   y GLYCINE ?                                'C2 H5 N O2'       75.067  
HIS 'L-peptide linking' y HISTIDINE ?                                'C6 H10 N3 O2 1'   156.162 
HOH non-polymer         . WATER ?                                'H2 O'             18.015  
ILE 'L-peptide linking' y ISOLEUCINE ?                                'C6 H13 N O2'      131.173 
LEU 'L-peptide linking' y LEUCINE ?                                'C6 H13 N O2'      131.173 
LYS 'L-peptide linking' y LYSINE ?                                'C6 H15 N2 O2 1'   147.195 
MET 'L-peptide linking' y METHIONINE ?                                'C5 H11 N O2 S'    149.211 
PHE 'L-peptide linking' y PHENYLALANINE ?                                'C9 H11 N O2'      165.189 
PRO 'L-peptide linking' y PROLINE ?                                'C5 H9 N O2'       115.130 
RUR non-polymer         . 
"[3,3'-(7,12-diethyl-3,8,13,17-tetramethylporphyrin-2,18-diyl-kappa~4~N~21~,N~22~,N~23~,N~24~)dipropanoato(2-)]ruthenium" 
'MESOPORPHYRIN IX CONTAINING RU' 'C34 H36 N4 O4 Ru' 665.744 
SER 'L-peptide linking' y SERINE ?                                'C3 H7 N O3'       105.093 
THR 'L-peptide linking' y THREONINE ?                                'C4 H9 N O3'       119.119 
TRP 'L-peptide linking' y TRYPTOPHAN ?                                'C11 H12 N2 O2'    204.225 
TYR 'L-peptide linking' y TYROSINE ?                                'C9 H11 N O3'      181.189 
VAL 'L-peptide linking' y VALINE ?                                'C5 H11 N O2'      117.146 
# 
_exptl.entry_id          3M0B 
_exptl.method            'X-RAY DIFFRACTION' 
_exptl.crystals_number   1 
# 
_exptl_crystal.id                    1 
_exptl_crystal.density_meas          ? 
_exptl_crystal.density_Matthews      3.00 
_exptl_crystal.density_percent_sol   59.05 
_exptl_crystal.description           ? 
_exptl_crystal.F_000                 ? 
_exptl_crystal.preparation           ? 
# 
_exptl_crystal_grow.crystal_id      1 
_exptl_crystal_grow.method          'VAPOR DIFFUSION, SITTING DROP' 
_exptl_crystal_grow.temp            293 
_exptl_crystal_grow.temp_details    ? 
_exptl_crystal_grow.pH              7.5 
_exptl_crystal_grow.pdbx_pH_range   ? 
_exptl_crystal_grow.pdbx_details    
'24% PEG 3350, 0.1-0.2 M Lithium acetate, pH 7.5, VAPOR DIFFUSION, SITTING DROP, temperature 293K' 
# 
_diffrn.id                     1 
_diffrn.ambient_temp           100 
_diffrn.ambient_temp_details   ? 
_diffrn.crystal_id             1 
# 
_diffrn_detector.diffrn_id              1 
_diffrn_detector.detector               CCD 
_diffrn_detector.type                   'ADSC QUANTUM 315r' 
_diffrn_detector.pdbx_collection_date   2009-03-26 
_diffrn_detector.details                ? 
# 
_diffrn_radiation.diffrn_id                        1 
_diffrn_radiation.wavelength_id                    1 
_diffrn_radiation.pdbx_monochromatic_or_laue_m_l   M 
_diffrn_radiation.monochromator                    'Double flat crystal, Si(111)' 
_diffrn_radiation.pdbx_diffrn_protocol             'SINGLE WAVELENGTH' 
_diffrn_radiation.pdbx_scattering_type             x-ray 
# 
_diffrn_radiation_wavelength.id           1 
_diffrn_radiation_wavelength.wavelength   1 
_diffrn_radiation_wavelength.wt           1.0 
# 
_diffrn_source.diffrn_id                   1 
_diffrn_source.source                      SYNCHROTRON 
_diffrn_source.type                        'ALS BEAMLINE 8.3.1' 
_diffrn_source.pdbx_synchrotron_site       ALS 
_diffrn_source.pdbx_synchrotron_beamline   8.3.1 
_diffrn_source.pdbx_wavelength             ? 
_diffrn_source.pdbx_wavelength_list        1 
# 
_reflns.entry_id                     3M0B 
_reflns.observed_criterion_sigma_I   2 
_reflns.observed_criterion_sigma_F   2 
_reflns.d_resolution_low             50 
_reflns.d_resolution_high            2.00 
_reflns.number_obs                   19396 
_reflns.number_all                   19396 
_reflns.percent_possible_obs         99 
_reflns.pdbx_Rmerge_I_obs            ? 
_reflns.pdbx_Rsym_value              .076 
_reflns.pdbx_netI_over_sigmaI        217.25 
_reflns.B_iso_Wilson_estimate        ? 
_reflns.pdbx_redundancy              19.4 
_reflns.R_free_details               ? 
_reflns.limit_h_max                  ? 
_reflns.limit_h_min                  ? 
_reflns.limit_k_max                  ? 
_reflns.limit_k_min                  ? 
_reflns.limit_l_max                  ? 
_reflns.limit_l_min                  ? 
_reflns.observed_criterion_F_max     ? 
_reflns.observed_criterion_F_min     ? 
_reflns.pdbx_chi_squared             ? 
_reflns.pdbx_scaling_rejects         ? 
_reflns.pdbx_ordinal                 1 
_reflns.pdbx_diffrn_id               1 
# 
_reflns_shell.d_res_high             2.00 
_reflns_shell.d_res_low              2.07 
_reflns_shell.percent_possible_all   96 
_reflns_shell.Rmerge_I_obs           ? 
_reflns_shell.pdbx_Rsym_value        .307 
_reflns_shell.meanI_over_sigI_obs    10.1 
_reflns_shell.pdbx_redundancy        ? 
_reflns_shell.percent_possible_obs   ? 
_reflns_shell.number_unique_all      ? 
_reflns_shell.number_measured_all    ? 
_reflns_shell.number_measured_obs    ? 
_reflns_shell.number_unique_obs      ? 
_reflns_shell.pdbx_chi_squared       ? 
_reflns_shell.pdbx_ordinal           1 
_reflns_shell.pdbx_diffrn_id         1 
# 
_refine.pdbx_refine_id                           'X-RAY DIFFRACTION' 
_refine.entry_id                                 3M0B 
_refine.ls_number_reflns_obs                     19295 
_refine.ls_number_reflns_all                     ? 
_refine.pdbx_ls_sigma_I                          ? 
_refine.pdbx_ls_sigma_F                          1.34 
_refine.pdbx_data_cutoff_high_absF               ? 
_refine.pdbx_data_cutoff_low_absF                ? 
_refine.pdbx_data_cutoff_high_rms_absF           ? 
_refine.ls_d_res_low                             32.353 
_refine.ls_d_res_high                            2.0 
_refine.ls_percent_reflns_obs                    99.14 
_refine.ls_R_factor_obs                          0.2065 
_refine.ls_R_factor_all                          ? 
_refine.ls_R_factor_R_work                       0.2044 
_refine.ls_R_factor_R_free                       0.2248 
_refine.ls_R_factor_R_free_error                 ? 
_refine.ls_R_factor_R_free_error_details         ? 
_refine.ls_percent_reflns_R_free                 10.00 
_refine.ls_number_reflns_R_free                  1930 
_refine.ls_number_parameters                     ? 
_refine.ls_number_restraints                     ? 
_refine.occupancy_min                            ? 
_refine.occupancy_max                            ? 
_refine.correlation_coeff_Fo_to_Fc               ? 
_refine.correlation_coeff_Fo_to_Fc_free          ? 
_refine.B_iso_mean                               ? 
_refine.aniso_B[1][1]                            ? 
_refine.aniso_B[2][2]                            ? 
_refine.aniso_B[3][3]                            ? 
_refine.aniso_B[1][2]                            ? 
_refine.aniso_B[1][3]                            ? 
_refine.aniso_B[2][3]                            ? 
_refine.solvent_model_details                    'FLAT BULK SOLVENT MODEL' 
_refine.solvent_model_param_ksol                 0.400 
_refine.solvent_model_param_bsol                 60.179 
_refine.pdbx_solvent_vdw_probe_radii             1.11 
_refine.pdbx_solvent_ion_probe_radii             ? 
_refine.pdbx_solvent_shrinkage_radii             0.90 
_refine.pdbx_ls_cross_valid_method               ? 
_refine.details                                  ? 
_refine.pdbx_starting_model                      'PDB ENTRY 1U55' 
_refine.pdbx_method_to_determine_struct          'MOLECULAR REPLACEMENT' 
_refine.pdbx_isotropic_thermal_model             ? 
_refine.pdbx_stereochemistry_target_values       ML 
_refine.pdbx_stereochem_target_val_spec_case     ? 
_refine.pdbx_R_Free_selection_details            ? 
_refine.pdbx_overall_ESU_R_Free                  ? 
_refine.overall_SU_ML                            0.22 
_refine.pdbx_overall_phase_error                 22.06 
_refine.overall_SU_B                             ? 
_refine.overall_SU_R_Cruickshank_DPI             ? 
_refine.pdbx_overall_SU_R_free_Cruickshank_DPI   ? 
_refine.pdbx_overall_SU_R_Blow_DPI               ? 
_refine.pdbx_overall_SU_R_free_Blow_DPI          ? 
_refine.ls_redundancy_reflns_obs                 ? 
_refine.B_iso_min                                ? 
_refine.B_iso_max                                ? 
_refine.overall_SU_R_free                        ? 
_refine.ls_wR_factor_R_free                      ? 
_refine.ls_wR_factor_R_work                      ? 
_refine.overall_FOM_free_R_set                   ? 
_refine.overall_FOM_work_R_set                   ? 
_refine.pdbx_overall_ESU_R                       ? 
_refine.pdbx_diffrn_id                           1 
_refine.pdbx_TLS_residual_ADP_flag               ? 
# 
_refine_hist.pdbx_refine_id                   'X-RAY DIFFRACTION' 
_refine_hist.cycle_id                         LAST 
_refine_hist.pdbx_number_atoms_protein        1498 
_refine_hist.pdbx_number_atoms_nucleic_acid   0 
_refine_hist.pdbx_number_atoms_ligand         45 
_refine_hist.number_atoms_solvent             97 
_refine_hist.number_atoms_total               1640 
_refine_hist.d_res_high                       2.0 
_refine_hist.d_res_low                        32.353 
# 
loop_
_refine_ls_restr.type 
_refine_ls_restr.dev_ideal 
_refine_ls_restr.dev_ideal_target 
_refine_ls_restr.weight 
_refine_ls_restr.number 
_refine_ls_restr.pdbx_refine_id 
_refine_ls_restr.pdbx_restraint_function 
f_bond_d           0.013  ? ? 1587 'X-RAY DIFFRACTION' ? 
f_angle_d          1.002  ? ? 2069 'X-RAY DIFFRACTION' ? 
f_dihedral_angle_d 17.394 ? ? 580  'X-RAY DIFFRACTION' ? 
f_chiral_restr     0.074  ? ? 224  'X-RAY DIFFRACTION' ? 
f_plane_restr      0.004  ? ? 264  'X-RAY DIFFRACTION' ? 
# 
loop_
_refine_ls_shell.pdbx_refine_id 
_refine_ls_shell.pdbx_total_number_of_bins_used 
_refine_ls_shell.d_res_high 
_refine_ls_shell.d_res_low 
_refine_ls_shell.number_reflns_R_work 
_refine_ls_shell.R_factor_R_work 
_refine_ls_shell.percent_reflns_obs 
_refine_ls_shell.R_factor_R_free 
_refine_ls_shell.R_factor_R_free_error 
_refine_ls_shell.percent_reflns_R_free 
_refine_ls_shell.number_reflns_R_free 
_refine_ls_shell.number_reflns_all 
_refine_ls_shell.R_factor_all 
_refine_ls_shell.redundancy_reflns_obs 
_refine_ls_shell.number_reflns_obs 
'X-RAY DIFFRACTION' . 1.9981 2.0481  1178 0.2025 96.00  0.2644 . . 131 . . . . 
'X-RAY DIFFRACTION' . 2.0481 2.1035  1204 0.1976 100.00 0.2853 . . 134 . . . . 
'X-RAY DIFFRACTION' . 2.1035 2.1654  1200 0.2085 100.00 0.2317 . . 133 . . . . 
'X-RAY DIFFRACTION' . 2.1654 2.2352  1212 0.2116 100.00 0.2786 . . 135 . . . . 
'X-RAY DIFFRACTION' . 2.2352 2.3151  1223 0.2200 100.00 0.2571 . . 136 . . . . 
'X-RAY DIFFRACTION' . 2.3151 2.4078  1225 0.2125 100.00 0.2367 . . 137 . . . . 
'X-RAY DIFFRACTION' . 2.4078 2.5173  1228 0.2240 100.00 0.3189 . . 136 . . . . 
'X-RAY DIFFRACTION' . 2.5173 2.6500  1237 0.2192 100.00 0.2284 . . 137 . . . . 
'X-RAY DIFFRACTION' . 2.6500 2.8159  1235 0.2105 100.00 0.2445 . . 138 . . . . 
'X-RAY DIFFRACTION' . 2.8159 3.0332  1248 0.2083 100.00 0.2217 . . 138 . . . . 
'X-RAY DIFFRACTION' . 3.0332 3.3381  1259 0.2202 100.00 0.2383 . . 140 . . . . 
'X-RAY DIFFRACTION' . 3.3381 3.8205  1281 0.2092 100.00 0.2217 . . 142 . . . . 
'X-RAY DIFFRACTION' . 3.8205 4.8109  1245 0.1723 96.00  0.1838 . . 139 . . . . 
'X-RAY DIFFRACTION' . 4.8109 32.3572 1390 0.1985 97.00  0.1957 . . 154 . . . . 
# 
_struct.entry_id                  3M0B 
_struct.title                     'Ru-Porphyrin Protein Scaffolds for Sensing O2' 
_struct.pdbx_model_details        ? 
_struct.pdbx_CASP_flag            ? 
_struct.pdbx_model_type_details   ? 
# 
_struct_keywords.entry_id        3M0B 
_struct_keywords.pdbx_keywords   'SIGNALING PROTEIN' 
_struct_keywords.text            'Oxygen sensing molecule, SIGNALING PROTEIN' 
# 
loop_
_struct_asym.id 
_struct_asym.pdbx_blank_PDB_chainid_flag 
_struct_asym.pdbx_modified 
_struct_asym.entity_id 
_struct_asym.details 
A N N 1 ? 
B N N 2 ? 
C N N 3 ? 
D N N 4 ? 
# 
_struct_biol.id        1 
_struct_biol.details   'AUTHOR STATES THAT THE BIOLOGICAL ASSEMBLY IS UNKNOWN.' 
# 
loop_
_struct_conf.conf_type_id 
_struct_conf.id 
_struct_conf.pdbx_PDB_helix_id 
_struct_conf.beg_label_comp_id 
_struct_conf.beg_label_asym_id 
_struct_conf.beg_label_seq_id 
_struct_conf.pdbx_beg_PDB_ins_code 
_struct_conf.end_label_comp_id 
_struct_conf.end_label_asym_id 
_struct_conf.end_label_seq_id 
_struct_conf.pdbx_end_PDB_ins_code 
_struct_conf.beg_auth_comp_id 
_struct_conf.beg_auth_asym_id 
_struct_conf.beg_auth_seq_id 
_struct_conf.end_auth_comp_id 
_struct_conf.end_auth_asym_id 
_struct_conf.end_auth_seq_id 
_struct_conf.pdbx_PDB_helix_class 
_struct_conf.details 
_struct_conf.pdbx_PDB_helix_length 
HELX_P HELX_P1 1 LYS A 2   ? GLY A 18  ? LYS A 2   GLY A 18  1 ? 17 
HELX_P HELX_P2 2 GLY A 18  ? SER A 28  ? GLY A 18  SER A 28  1 ? 11 
HELX_P HELX_P3 3 ASP A 44  ? GLY A 60  ? ASP A 44  GLY A 60  1 ? 17 
HELX_P HELX_P4 4 ASN A 62  ? PHE A 82  ? ASN A 62  PHE A 82  1 ? 21 
HELX_P HELX_P5 5 PRO A 83  ? ALA A 87  ? PRO A 83  ALA A 87  5 ? 5  
HELX_P HELX_P6 6 ARG A 90  ? MET A 97  ? ARG A 90  MET A 97  1 ? 8  
HELX_P HELX_P7 7 MET A 97  ? ILE A 109 ? MET A 97  ILE A 109 1 ? 13 
HELX_P HELX_P8 8 MET A 137 ? LYS A 153 ? MET A 137 LYS A 153 1 ? 17 
# 
_struct_conf_type.id          HELX_P 
_struct_conf_type.criteria    ? 
_struct_conf_type.reference   ? 
# 
loop_
_struct_conn.id 
_struct_conn.conn_type_id 
_struct_conn.pdbx_leaving_atom_flag 
_struct_conn.pdbx_PDB_id 
_struct_conn.ptnr1_label_asym_id 
_struct_conn.ptnr1_label_comp_id 
_struct_conn.ptnr1_label_seq_id 
_struct_conn.ptnr1_label_atom_id 
_struct_conn.pdbx_ptnr1_label_alt_id 
_struct_conn.pdbx_ptnr1_PDB_ins_code 
_struct_conn.pdbx_ptnr1_standard_comp_id 
_struct_conn.ptnr1_symmetry 
_struct_conn.ptnr2_label_asym_id 
_struct_conn.ptnr2_label_comp_id 
_struct_conn.ptnr2_label_seq_id 
_struct_conn.ptnr2_label_atom_id 
_struct_conn.pdbx_ptnr2_label_alt_id 
_struct_conn.pdbx_ptnr2_PDB_ins_code 
_struct_conn.ptnr1_auth_asym_id 
_struct_conn.ptnr1_auth_comp_id 
_struct_conn.ptnr1_auth_seq_id 
_struct_conn.ptnr2_auth_asym_id 
_struct_conn.ptnr2_auth_comp_id 
_struct_conn.ptnr2_auth_seq_id 
_struct_conn.ptnr2_symmetry 
_struct_conn.pdbx_ptnr3_label_atom_id 
_struct_conn.pdbx_ptnr3_label_seq_id 
_struct_conn.pdbx_ptnr3_label_comp_id 
_struct_conn.pdbx_ptnr3_label_asym_id 
_struct_conn.pdbx_ptnr3_label_alt_id 
_struct_conn.pdbx_ptnr3_PDB_ins_code 
_struct_conn.details 
_struct_conn.pdbx_dist_value 
_struct_conn.pdbx_value_order 
_struct_conn.pdbx_role 
metalc1 metalc ? ? A HIS 102 NE2 ? ? ? 1_555 B RUR . RU ? ? A HIS 102 A RUR 200 1_555 ? ? ? ? ? ? ? 2.135 ? ? 
metalc2 metalc ? ? B RUR .   RU  ? ? ? 1_555 C CMO . C  ? ? A RUR 200 A CMO 500 1_555 ? ? ? ? ? ? ? 1.596 ? ? 
# 
_struct_conn_type.id          metalc 
_struct_conn_type.criteria    ? 
_struct_conn_type.reference   ? 
# 
_struct_sheet.id               A 
_struct_sheet.type             ? 
_struct_sheet.number_strands   4 
_struct_sheet.details          ? 
# 
loop_
_struct_sheet_order.sheet_id 
_struct_sheet_order.range_id_1 
_struct_sheet_order.range_id_2 
_struct_sheet_order.offset 
_struct_sheet_order.sense 
A 1 2 ? anti-parallel 
A 2 3 ? anti-parallel 
A 3 4 ? anti-parallel 
# 
loop_
_struct_sheet_range.sheet_id 
_struct_sheet_range.id 
_struct_sheet_range.beg_label_comp_id 
_struct_sheet_range.beg_label_asym_id 
_struct_sheet_range.beg_label_seq_id 
_struct_sheet_range.pdbx_beg_PDB_ins_code 
_struct_sheet_range.end_label_comp_id 
_struct_sheet_range.end_label_asym_id 
_struct_sheet_range.end_label_seq_id 
_struct_sheet_range.pdbx_end_PDB_ins_code 
_struct_sheet_range.beg_auth_comp_id 
_struct_sheet_range.beg_auth_asym_id 
_struct_sheet_range.beg_auth_seq_id 
_struct_sheet_range.end_auth_comp_id 
_struct_sheet_range.end_auth_asym_id 
_struct_sheet_range.end_auth_seq_id 
A 1 ALA A 119 ? ALA A 123 ? ALA A 119 ALA A 123 
A 2 ALA A 126 ? SER A 133 ? ALA A 126 SER A 133 
A 3 PHE A 169 ? PHE A 178 ? PHE A 169 PHE A 178 
A 4 ILE A 156 ? LYS A 166 ? ILE A 156 LYS A 166 
# 
loop_
_pdbx_struct_sheet_hbond.sheet_id 
_pdbx_struct_sheet_hbond.range_id_1 
_pdbx_struct_sheet_hbond.range_id_2 
_pdbx_struct_sheet_hbond.range_1_label_atom_id 
_pdbx_struct_sheet_hbond.range_1_label_comp_id 
_pdbx_struct_sheet_hbond.range_1_label_asym_id 
_pdbx_struct_sheet_hbond.range_1_label_seq_id 
_pdbx_struct_sheet_hbond.range_1_PDB_ins_code 
_pdbx_struct_sheet_hbond.range_1_auth_atom_id 
_pdbx_struct_sheet_hbond.range_1_auth_comp_id 
_pdbx_struct_sheet_hbond.range_1_auth_asym_id 
_pdbx_struct_sheet_hbond.range_1_auth_seq_id 
_pdbx_struct_sheet_hbond.range_2_label_atom_id 
_pdbx_struct_sheet_hbond.range_2_label_comp_id 
_pdbx_struct_sheet_hbond.range_2_label_asym_id 
_pdbx_struct_sheet_hbond.range_2_label_seq_id 
_pdbx_struct_sheet_hbond.range_2_PDB_ins_code 
_pdbx_struct_sheet_hbond.range_2_auth_atom_id 
_pdbx_struct_sheet_hbond.range_2_auth_comp_id 
_pdbx_struct_sheet_hbond.range_2_auth_asym_id 
_pdbx_struct_sheet_hbond.range_2_auth_seq_id 
A 1 2 N LYS A 120 ? N LYS A 120 O GLU A 128 ? O GLU A 128 
A 2 3 N SER A 133 ? N SER A 133 O SER A 170 ? O SER A 170 
A 3 4 O LYS A 173 ? O LYS A 173 N VAL A 161 ? N VAL A 161 
# 
loop_
_struct_site.id 
_struct_site.pdbx_evidence_code 
_struct_site.pdbx_auth_asym_id 
_struct_site.pdbx_auth_comp_id 
_struct_site.pdbx_auth_seq_id 
_struct_site.pdbx_auth_ins_code 
_struct_site.pdbx_num_residues 
_struct_site.details 
AC1 Software A RUR 200 ? 20 'BINDING SITE FOR RESIDUE RUR A 200' 
AC2 Software A CMO 500 ? 4  'BINDING SITE FOR RESIDUE CMO A 500' 
# 
loop_
_struct_site_gen.id 
_struct_site_gen.site_id 
_struct_site_gen.pdbx_num_res 
_struct_site_gen.label_comp_id 
_struct_site_gen.label_asym_id 
_struct_site_gen.label_seq_id 
_struct_site_gen.pdbx_auth_ins_code 
_struct_site_gen.auth_comp_id 
_struct_site_gen.auth_asym_id 
_struct_site_gen.auth_seq_id 
_struct_site_gen.label_atom_id 
_struct_site_gen.label_alt_id 
_struct_site_gen.symmetry 
_struct_site_gen.details 
1  AC1 20 MET A 1   ? MET A 1   . ? 1_555 ? 
2  AC1 20 LYS A 2   ? LYS A 2   . ? 1_555 ? 
3  AC1 20 ILE A 5   ? ILE A 5   . ? 1_555 ? 
4  AC1 20 PHE A 78  ? PHE A 78  . ? 1_555 ? 
5  AC1 20 PHE A 82  ? PHE A 82  . ? 1_555 ? 
6  AC1 20 TYR A 85  ? TYR A 85  . ? 1_555 ? 
7  AC1 20 MET A 98  ? MET A 98  . ? 1_555 ? 
8  AC1 20 HIS A 102 ? HIS A 102 . ? 1_555 ? 
9  AC1 20 LEU A 105 ? LEU A 105 . ? 1_555 ? 
10 AC1 20 ALA A 112 ? ALA A 112 . ? 1_555 ? 
11 AC1 20 THR A 113 ? THR A 113 . ? 1_555 ? 
12 AC1 20 PRO A 115 ? PRO A 115 . ? 1_555 ? 
13 AC1 20 TYR A 131 ? TYR A 131 . ? 1_555 ? 
14 AC1 20 SER A 133 ? SER A 133 . ? 1_555 ? 
15 AC1 20 MET A 137 ? MET A 137 . ? 1_555 ? 
16 AC1 20 LEU A 144 ? LEU A 144 . ? 1_555 ? 
17 AC1 20 SER A 148 ? SER A 148 . ? 1_555 ? 
18 AC1 20 HOH D .   ? HOH A 245 . ? 1_555 ? 
19 AC1 20 HOH D .   ? HOH A 261 . ? 1_555 ? 
20 AC1 20 CMO C .   ? CMO A 500 . ? 1_555 ? 
21 AC2 4  PHE A 78  ? PHE A 78  . ? 1_555 ? 
22 AC2 4  TYR A 140 ? TYR A 140 . ? 1_555 ? 
23 AC2 4  LEU A 144 ? LEU A 144 . ? 1_555 ? 
24 AC2 4  RUR B .   ? RUR A 200 . ? 1_555 ? 
# 
_atom_sites.entry_id                    3M0B 
_atom_sites.fract_transf_matrix[1][1]   -0.01473045 
_atom_sites.fract_transf_matrix[1][2]   -0.00021295 
_atom_sites.fract_transf_matrix[1][3]   0.01179546 
_atom_sites.fract_transf_matrix[2][1]   -0.00115406 
_atom_sites.fract_transf_matrix[2][2]   -0.01322189 
_atom_sites.fract_transf_matrix[2][3]   0.01341789 
_atom_sites.fract_transf_matrix[3][1]   0.00202506 
_atom_sites.fract_transf_matrix[3][2]   0.00243428 
_atom_sites.fract_transf_matrix[3][3]   0.00257290 
_atom_sites.fract_transf_vector[1]      -0.223500 
_atom_sites.fract_transf_vector[2]      -0.480330 
_atom_sites.fract_transf_vector[3]      -0.034235 
# 
loop_
_atom_type.symbol 
C  
N  
O  
RU 
S  
# 
loop_
_atom_site.group_PDB 
_atom_site.id 
_atom_site.type_symbol 
_atom_site.label_atom_id 
_atom_site.label_alt_id 
_atom_site.label_comp_id 
_atom_site.label_asym_id 
_atom_site.label_entity_id 
_atom_site.label_seq_id 
_atom_site.pdbx_PDB_ins_code 
_atom_site.Cartn_x 
_atom_site.Cartn_y 
_atom_site.Cartn_z 
_atom_site.occupancy 
_atom_site.B_iso_or_equiv 
_atom_site.pdbx_formal_charge 
_atom_site.auth_seq_id 
_atom_site.auth_comp_id 
_atom_site.auth_asym_id 
_atom_site.auth_atom_id 
_atom_site.pdbx_PDB_model_num 
ATOM   1    N  N   . MET A 1 1   ? -2.150  -9.284  9.935   1.00 41.35 ? 1   MET A N   1 
ATOM   2    C  CA  . MET A 1 1   ? -1.735  -7.895  9.772   1.00 43.11 ? 1   MET A CA  1 
ATOM   3    C  C   . MET A 1 1   ? -1.896  -7.165  11.108  1.00 42.55 ? 1   MET A C   1 
ATOM   4    O  O   . MET A 1 1   ? -2.749  -7.527  11.914  1.00 41.44 ? 1   MET A O   1 
ATOM   5    C  CB  . MET A 1 1   ? -2.586  -7.223  8.690   1.00 45.46 ? 1   MET A CB  1 
ATOM   6    C  CG  . MET A 1 1   ? -1.886  -6.104  7.956   1.00 49.56 ? 1   MET A CG  1 
ATOM   7    S  SD  . MET A 1 1   ? -0.658  -6.693  6.765   1.00 50.34 ? 1   MET A SD  1 
ATOM   8    C  CE  . MET A 1 1   ? -1.626  -7.861  5.877   1.00 41.67 ? 1   MET A CE  1 
ATOM   9    N  N   . LYS A 1 2   ? -1.069  -6.153  11.354  1.00 41.24 ? 2   LYS A N   1 
ATOM   10   C  CA  . LYS A 1 2   ? -1.189  -5.371  12.585  1.00 41.54 ? 2   LYS A CA  1 
ATOM   11   C  C   . LYS A 1 2   ? -2.317  -4.350  12.472  1.00 40.01 ? 2   LYS A C   1 
ATOM   12   O  O   . LYS A 1 2   ? -2.699  -3.951  11.372  1.00 35.02 ? 2   LYS A O   1 
ATOM   13   C  CB  . LYS A 1 2   ? 0.139   -4.691  12.922  1.00 41.72 ? 2   LYS A CB  1 
ATOM   14   C  CG  . LYS A 1 2   ? 1.096   -5.605  13.669  1.00 45.66 ? 2   LYS A CG  1 
ATOM   15   C  CD  . LYS A 1 2   ? 0.602   -5.779  15.094  1.00 47.92 ? 2   LYS A CD  1 
ATOM   16   C  CE  . LYS A 1 2   ? 1.155   -7.024  15.744  1.00 50.55 ? 2   LYS A CE  1 
ATOM   17   N  NZ  . LYS A 1 2   ? 0.633   -7.126  17.132  1.00 55.06 ? 2   LYS A NZ  1 
ATOM   18   N  N   . GLY A 1 3   ? -2.840  -3.920  13.616  1.00 37.32 ? 3   GLY A N   1 
ATOM   19   C  CA  . GLY A 1 3   ? -3.987  -3.035  13.628  1.00 39.02 ? 3   GLY A CA  1 
ATOM   20   C  C   . GLY A 1 3   ? -3.756  -1.679  12.978  1.00 36.75 ? 3   GLY A C   1 
ATOM   21   O  O   . GLY A 1 3   ? -4.691  -1.068  12.447  1.00 38.29 ? 3   GLY A O   1 
ATOM   22   N  N   . THR A 1 4   ? -2.527  -1.182  13.009  1.00 34.17 ? 4   THR A N   1 
ATOM   23   C  CA  . THR A 1 4   ? -2.347  0.181   12.532  1.00 35.65 ? 4   THR A CA  1 
ATOM   24   C  C   . THR A 1 4   ? -2.706  0.297   11.042  1.00 35.68 ? 4   THR A C   1 
ATOM   25   O  O   . THR A 1 4   ? -3.476  1.166   10.662  1.00 35.19 ? 4   THR A O   1 
ATOM   26   C  CB  . THR A 1 4   ? -0.988  0.840   12.979  1.00 40.30 ? 4   THR A CB  1 
ATOM   27   O  OG1 . THR A 1 4   ? -0.346  1.468   11.866  1.00 49.74 ? 4   THR A OG1 1 
ATOM   28   C  CG2 . THR A 1 4   ? -0.055  -0.160  13.648  1.00 35.92 ? 4   THR A CG2 1 
ATOM   29   N  N   . ILE A 1 5   ? -2.241  -0.636  10.216  1.00 33.45 ? 5   ILE A N   1 
ATOM   30   C  CA  . ILE A 1 5   ? -2.562  -0.592  8.794   1.00 33.85 ? 5   ILE A CA  1 
ATOM   31   C  C   . ILE A 1 5   ? -4.033  -0.920  8.499   1.00 33.20 ? 5   ILE A C   1 
ATOM   32   O  O   . ILE A 1 5   ? -4.681  -0.280  7.649   1.00 32.26 ? 5   ILE A O   1 
ATOM   33   C  CB  . ILE A 1 5   ? -1.644  -1.537  8.010   1.00 34.75 ? 5   ILE A CB  1 
ATOM   34   C  CG1 . ILE A 1 5   ? -1.641  -1.181  6.527   1.00 35.19 ? 5   ILE A CG1 1 
ATOM   35   C  CG2 . ILE A 1 5   ? -2.073  -2.987  8.226   1.00 37.97 ? 5   ILE A CG2 1 
ATOM   36   C  CD1 . ILE A 1 5   ? -0.867  -2.181  5.718   1.00 36.48 ? 5   ILE A CD1 1 
ATOM   37   N  N   . VAL A 1 6   ? -4.585  -1.911  9.192   1.00 30.94 ? 6   VAL A N   1 
ATOM   38   C  CA  . VAL A 1 6   ? -5.956  -2.301  8.890   1.00 31.88 ? 6   VAL A CA  1 
ATOM   39   C  C   . VAL A 1 6   ? -6.906  -1.156  9.242   1.00 32.86 ? 6   VAL A C   1 
ATOM   40   O  O   . VAL A 1 6   ? -7.919  -0.970  8.586   1.00 32.94 ? 6   VAL A O   1 
ATOM   41   C  CB  . VAL A 1 6   ? -6.355  -3.603  9.615   1.00 35.90 ? 6   VAL A CB  1 
ATOM   42   C  CG1 . VAL A 1 6   ? -7.803  -3.925  9.360   1.00 32.75 ? 6   VAL A CG1 1 
ATOM   43   C  CG2 . VAL A 1 6   ? -5.451  -4.750  9.160   1.00 29.24 ? 6   VAL A CG2 1 
ATOM   44   N  N   . GLY A 1 7   ? -6.565  -0.388  10.277  1.00 32.66 ? 7   GLY A N   1 
ATOM   45   C  CA  . GLY A 1 7   ? -7.351  0.787   10.624  1.00 34.59 ? 7   GLY A CA  1 
ATOM   46   C  C   . GLY A 1 7   ? -7.419  1.747   9.445   1.00 35.62 ? 7   GLY A C   1 
ATOM   47   O  O   . GLY A 1 7   ? -8.498  2.235   9.079   1.00 30.91 ? 7   GLY A O   1 
ATOM   48   N  N   . THR A 1 8   ? -6.267  2.013   8.830   1.00 31.93 ? 8   THR A N   1 
ATOM   49   C  CA  . THR A 1 8   ? -6.242  2.881   7.665   1.00 34.68 ? 8   THR A CA  1 
ATOM   50   C  C   . THR A 1 8   ? -7.082  2.298   6.530   1.00 34.29 ? 8   THR A C   1 
ATOM   51   O  O   . THR A 1 8   ? -7.738  3.037   5.795   1.00 31.94 ? 8   THR A O   1 
ATOM   52   C  CB  . THR A 1 8   ? -4.802  3.196   7.184   1.00 33.58 ? 8   THR A CB  1 
ATOM   53   O  OG1 . THR A 1 8   ? -4.184  2.019   6.640   1.00 33.82 ? 8   THR A OG1 1 
ATOM   54   C  CG2 . THR A 1 8   ? -3.950  3.757   8.322   1.00 33.19 ? 8   THR A CG2 1 
ATOM   55   N  N   . TRP A 1 9   ? -7.097  0.968   6.401   1.00 34.36 ? 9   TRP A N   1 
ATOM   56   C  CA  . TRP A 1 9   ? -7.865  0.344   5.324   1.00 35.81 ? 9   TRP A CA  1 
ATOM   57   C  C   . TRP A 1 9   ? -9.364  0.570   5.452   1.00 34.01 ? 9   TRP A C   1 
ATOM   58   O  O   . TRP A 1 9   ? -10.039 0.805   4.455   1.00 32.23 ? 9   TRP A O   1 
ATOM   59   C  CB  . TRP A 1 9   ? -7.569  -1.159  5.222   1.00 31.96 ? 9   TRP A CB  1 
ATOM   60   C  CG  . TRP A 1 9   ? -6.188  -1.438  4.720   1.00 32.47 ? 9   TRP A CG  1 
ATOM   61   C  CD1 . TRP A 1 9   ? -5.357  -0.560  4.068   1.00 33.82 ? 9   TRP A CD1 1 
ATOM   62   C  CD2 . TRP A 1 9   ? -5.477  -2.677  4.801   1.00 33.15 ? 9   TRP A CD2 1 
ATOM   63   N  NE1 . TRP A 1 9   ? -4.169  -1.180  3.751   1.00 33.73 ? 9   TRP A NE1 1 
ATOM   64   C  CE2 . TRP A 1 9   ? -4.215  -2.477  4.199   1.00 32.61 ? 9   TRP A CE2 1 
ATOM   65   C  CE3 . TRP A 1 9   ? -5.779  -3.937  5.329   1.00 35.09 ? 9   TRP A CE3 1 
ATOM   66   C  CZ2 . TRP A 1 9   ? -3.263  -3.494  4.112   1.00 34.06 ? 9   TRP A CZ2 1 
ATOM   67   C  CZ3 . TRP A 1 9   ? -4.827  -4.940  5.251   1.00 32.18 ? 9   TRP A CZ3 1 
ATOM   68   C  CH2 . TRP A 1 9   ? -3.590  -4.715  4.645   1.00 32.58 ? 9   TRP A CH2 1 
ATOM   69   N  N   . ILE A 1 10  ? -9.888  0.476   6.673   1.00 33.39 ? 10  ILE A N   1 
ATOM   70   C  CA  . ILE A 1 10  ? -11.324 0.660   6.891   1.00 35.06 ? 10  ILE A CA  1 
ATOM   71   C  C   . ILE A 1 10  ? -11.723 2.086   6.502   1.00 35.97 ? 10  ILE A C   1 
ATOM   72   O  O   . ILE A 1 10  ? -12.726 2.295   5.821   1.00 38.90 ? 10  ILE A O   1 
ATOM   73   C  CB  . ILE A 1 10  ? -11.716 0.424   8.378   1.00 39.64 ? 10  ILE A CB  1 
ATOM   74   C  CG1 . ILE A 1 10  ? -11.376 -1.004  8.813   1.00 37.87 ? 10  ILE A CG1 1 
ATOM   75   C  CG2 . ILE A 1 10  ? -13.191 0.714   8.606   1.00 39.08 ? 10  ILE A CG2 1 
ATOM   76   C  CD1 . ILE A 1 10  ? -11.573 -2.004  7.740   1.00 37.86 ? 10  ILE A CD1 1 
ATOM   77   N  N   . LYS A 1 11  ? -10.935 3.060   6.942   1.00 34.53 ? 11  LYS A N   1 
ATOM   78   C  CA  . LYS A 1 11  ? -11.209 4.458   6.595   1.00 37.57 ? 11  LYS A CA  1 
ATOM   79   C  C   . LYS A 1 11  ? -11.177 4.638   5.088   1.00 36.47 ? 11  LYS A C   1 
ATOM   80   O  O   . LYS A 1 11  ? -12.105 5.176   4.488   1.00 37.90 ? 11  LYS A O   1 
ATOM   81   C  CB  . LYS A 1 11  ? -10.195 5.401   7.247   1.00 39.11 ? 11  LYS A CB  1 
ATOM   82   C  CG  . LYS A 1 11  ? -10.410 6.866   6.836   1.00 41.51 ? 11  LYS A CG  1 
ATOM   83   C  CD  . LYS A 1 11  ? -9.314  7.764   7.363   1.00 42.88 ? 11  LYS A CD  1 
ATOM   84   C  CE  . LYS A 1 11  ? -9.623  9.239   7.086   1.00 48.57 ? 11  LYS A CE  1 
ATOM   85   N  NZ  . LYS A 1 11  ? -9.868  9.490   5.648   1.00 47.16 ? 11  LYS A NZ  1 
ATOM   86   N  N   . THR A 1 12  ? -10.101 4.161   4.475   1.00 39.28 ? 12  THR A N   1 
ATOM   87   C  CA  . THR A 1 12  ? -9.948  4.252   3.023   1.00 33.81 ? 12  THR A CA  1 
ATOM   88   C  C   . THR A 1 12  ? -11.085 3.585   2.268   1.00 35.88 ? 12  THR A C   1 
ATOM   89   O  O   . THR A 1 12  ? -11.583 4.132   1.280   1.00 35.48 ? 12  THR A O   1 
ATOM   90   C  CB  . THR A 1 12  ? -8.598  3.684   2.588   1.00 36.53 ? 12  THR A CB  1 
ATOM   91   O  OG1 . THR A 1 12  ? -7.560  4.538   3.091   1.00 32.74 ? 12  THR A OG1 1 
ATOM   92   C  CG2 . THR A 1 12  ? -8.511  3.567   1.058   1.00 33.52 ? 12  THR A CG2 1 
ATOM   93   N  N   . LEU A 1 13  ? -11.508 2.406   2.727   1.00 34.95 ? 13  LEU A N   1 
ATOM   94   C  CA  . LEU A 1 13  ? -12.635 1.719   2.099   1.00 36.71 ? 13  LEU A CA  1 
ATOM   95   C  C   . LEU A 1 13  ? -13.911 2.553   2.215   1.00 36.00 ? 13  LEU A C   1 
ATOM   96   O  O   . LEU A 1 13  ? -14.663 2.675   1.265   1.00 35.20 ? 13  LEU A O   1 
ATOM   97   C  CB  . LEU A 1 13  ? -12.864 0.338   2.730   1.00 37.06 ? 13  LEU A CB  1 
ATOM   98   C  CG  . LEU A 1 13  ? -11.834 -0.764  2.424   1.00 34.71 ? 13  LEU A CG  1 
ATOM   99   C  CD1 . LEU A 1 13  ? -12.044 -1.965  3.316   1.00 33.98 ? 13  LEU A CD1 1 
ATOM   100  C  CD2 . LEU A 1 13  ? -11.882 -1.178  0.965   1.00 32.03 ? 13  LEU A CD2 1 
ATOM   101  N  N   . ARG A 1 14  ? -14.162 3.109   3.392   1.00 38.50 ? 14  ARG A N   1 
ATOM   102  C  CA  . ARG A 1 14  ? -15.311 4.000   3.554   1.00 39.51 ? 14  ARG A CA  1 
ATOM   103  C  C   . ARG A 1 14  ? -15.245 5.168   2.563   1.00 38.79 ? 14  ARG A C   1 
ATOM   104  O  O   . ARG A 1 14  ? -16.238 5.505   1.916   1.00 38.66 ? 14  ARG A O   1 
ATOM   105  C  CB  . ARG A 1 14  ? -15.411 4.510   5.002   1.00 38.24 ? 14  ARG A CB  1 
ATOM   106  C  CG  . ARG A 1 14  ? -15.664 3.389   6.003   1.00 40.88 ? 14  ARG A CG  1 
ATOM   107  C  CD  . ARG A 1 14  ? -16.233 3.872   7.336   1.00 43.66 ? 14  ARG A CD  1 
ATOM   108  N  NE  . ARG A 1 14  ? -16.487 2.747   8.237   1.00 41.28 ? 14  ARG A NE  1 
ATOM   109  C  CZ  . ARG A 1 14  ? -17.618 2.038   8.239   1.00 45.90 ? 14  ARG A CZ  1 
ATOM   110  N  NH1 . ARG A 1 14  ? -18.602 2.352   7.404   1.00 40.24 ? 14  ARG A NH1 1 
ATOM   111  N  NH2 . ARG A 1 14  ? -17.772 1.020   9.074   1.00 42.76 ? 14  ARG A NH2 1 
ATOM   112  N  N   . ASP A 1 15  ? -14.067 5.770   2.429   1.00 38.49 ? 15  ASP A N   1 
ATOM   113  C  CA  . ASP A 1 15  ? -13.912 6.933   1.555   1.00 37.81 ? 15  ASP A CA  1 
ATOM   114  C  C   . ASP A 1 15  ? -14.163 6.585   0.093   1.00 44.18 ? 15  ASP A C   1 
ATOM   115  O  O   . ASP A 1 15  ? -14.741 7.379   -0.649  1.00 44.48 ? 15  ASP A O   1 
ATOM   116  C  CB  . ASP A 1 15  ? -12.528 7.563   1.740   1.00 37.64 ? 15  ASP A CB  1 
ATOM   117  C  CG  . ASP A 1 15  ? -12.355 8.185   3.111   1.00 43.16 ? 15  ASP A CG  1 
ATOM   118  O  OD1 . ASP A 1 15  ? -13.378 8.425   3.785   1.00 47.21 ? 15  ASP A OD1 1 
ATOM   119  O  OD2 . ASP A 1 15  ? -11.200 8.431   3.520   1.00 45.52 ? 15  ASP A OD2 1 
ATOM   120  N  N   . LEU A 1 16  ? -13.739 5.391   -0.316  1.00 39.54 ? 16  LEU A N   1 
ATOM   121  C  CA  . LEU A 1 16  ? -13.919 4.953   -1.691  1.00 36.80 ? 16  LEU A CA  1 
ATOM   122  C  C   . LEU A 1 16  ? -15.318 4.441   -1.955  1.00 37.31 ? 16  LEU A C   1 
ATOM   123  O  O   . LEU A 1 16  ? -15.899 4.741   -2.978  1.00 37.00 ? 16  LEU A O   1 
ATOM   124  C  CB  . LEU A 1 16  ? -12.927 3.838   -2.037  1.00 37.96 ? 16  LEU A CB  1 
ATOM   125  C  CG  . LEU A 1 16  ? -11.468 4.283   -2.152  1.00 38.96 ? 16  LEU A CG  1 
ATOM   126  C  CD1 . LEU A 1 16  ? -10.543 3.076   -2.259  1.00 35.99 ? 16  LEU A CD1 1 
ATOM   127  C  CD2 . LEU A 1 16  ? -11.298 5.200   -3.346  1.00 42.30 ? 16  LEU A CD2 1 
ATOM   128  N  N   . TYR A 1 17  ? -15.856 3.652   -1.036  1.00 38.54 ? 17  TYR A N   1 
ATOM   129  C  CA  . TYR A 1 17  ? -17.036 2.866   -1.374  1.00 37.77 ? 17  TYR A CA  1 
ATOM   130  C  C   . TYR A 1 17  ? -18.312 3.156   -0.568  1.00 39.81 ? 17  TYR A C   1 
ATOM   131  O  O   . TYR A 1 17  ? -19.377 2.625   -0.888  1.00 44.42 ? 17  TYR A O   1 
ATOM   132  C  CB  . TYR A 1 17  ? -16.692 1.372   -1.354  1.00 41.81 ? 17  TYR A CB  1 
ATOM   133  C  CG  . TYR A 1 17  ? -15.451 1.064   -2.167  1.00 38.92 ? 17  TYR A CG  1 
ATOM   134  C  CD1 . TYR A 1 17  ? -14.299 0.553   -1.565  1.00 38.44 ? 17  TYR A CD1 1 
ATOM   135  C  CD2 . TYR A 1 17  ? -15.421 1.314   -3.533  1.00 42.54 ? 17  TYR A CD2 1 
ATOM   136  C  CE1 . TYR A 1 17  ? -13.151 0.287   -2.319  1.00 36.39 ? 17  TYR A CE1 1 
ATOM   137  C  CE2 . TYR A 1 17  ? -14.290 1.054   -4.287  1.00 42.59 ? 17  TYR A CE2 1 
ATOM   138  C  CZ  . TYR A 1 17  ? -13.154 0.540   -3.679  1.00 41.11 ? 17  TYR A CZ  1 
ATOM   139  O  OH  . TYR A 1 17  ? -12.038 0.277   -4.462  1.00 36.40 ? 17  TYR A OH  1 
ATOM   140  N  N   . GLY A 1 18  ? -18.200 3.989   0.460   1.00 45.38 ? 18  GLY A N   1 
ATOM   141  C  CA  . GLY A 1 18  ? -19.351 4.376   1.261   1.00 45.28 ? 18  GLY A CA  1 
ATOM   142  C  C   . GLY A 1 18  ? -19.600 3.457   2.445   1.00 50.05 ? 18  GLY A C   1 
ATOM   143  O  O   . GLY A 1 18  ? -19.075 2.339   2.513   1.00 43.59 ? 18  GLY A O   1 
ATOM   144  N  N   . ASN A 1 19  ? -20.422 3.925   3.377   1.00 45.88 ? 19  ASN A N   1 
ATOM   145  C  CA  . ASN A 1 19  ? -20.607 3.228   4.643   1.00 47.78 ? 19  ASN A CA  1 
ATOM   146  C  C   . ASN A 1 19  ? -21.405 1.936   4.532   1.00 47.48 ? 19  ASN A C   1 
ATOM   147  O  O   . ASN A 1 19  ? -21.118 0.964   5.232   1.00 49.09 ? 19  ASN A O   1 
ATOM   148  C  CB  . ASN A 1 19  ? -21.220 4.172   5.685   1.00 49.09 ? 19  ASN A CB  1 
ATOM   149  C  CG  . ASN A 1 19  ? -20.244 5.248   6.136   1.00 49.37 ? 19  ASN A CG  1 
ATOM   150  O  OD1 . ASN A 1 19  ? -20.624 6.402   6.335   1.00 58.56 ? 19  ASN A OD1 1 
ATOM   151  N  ND2 . ASN A 1 19  ? -18.979 4.876   6.294   1.00 48.55 ? 19  ASN A ND2 1 
ATOM   152  N  N   . ASP A 1 20  ? -22.396 1.919   3.648   1.00 45.16 ? 20  ASP A N   1 
ATOM   153  C  CA  . ASP A 1 20  ? -23.215 0.733   3.447   1.00 47.90 ? 20  ASP A CA  1 
ATOM   154  C  C   . ASP A 1 20  ? -22.367 -0.464  2.998   1.00 50.31 ? 20  ASP A C   1 
ATOM   155  O  O   . ASP A 1 20  ? -22.496 -1.572  3.530   1.00 46.77 ? 20  ASP A O   1 
ATOM   156  C  CB  . ASP A 1 20  ? -24.304 1.011   2.410   1.00 50.01 ? 20  ASP A CB  1 
ATOM   157  N  N   . VAL A 1 21  ? -21.519 -0.245  1.999   1.00 45.34 ? 21  VAL A N   1 
ATOM   158  C  CA  . VAL A 1 21  ? -20.674 -1.321  1.508   1.00 47.38 ? 21  VAL A CA  1 
ATOM   159  C  C   . VAL A 1 21  ? -19.759 -1.802  2.640   1.00 41.67 ? 21  VAL A C   1 
ATOM   160  O  O   . VAL A 1 21  ? -19.617 -3.002  2.875   1.00 43.12 ? 21  VAL A O   1 
ATOM   161  C  CB  . VAL A 1 21  ? -19.863 -0.895  0.256   1.00 45.28 ? 21  VAL A CB  1 
ATOM   162  C  CG1 . VAL A 1 21  ? -18.788 -1.922  -0.067  1.00 36.61 ? 21  VAL A CG1 1 
ATOM   163  C  CG2 . VAL A 1 21  ? -20.788 -0.715  -0.941  1.00 45.95 ? 21  VAL A CG2 1 
ATOM   164  N  N   . VAL A 1 22  ? -19.172 -0.867  3.374   1.00 40.83 ? 22  VAL A N   1 
ATOM   165  C  CA  . VAL A 1 22  ? -18.190 -1.254  4.371   1.00 43.46 ? 22  VAL A CA  1 
ATOM   166  C  C   . VAL A 1 22  ? -18.824 -1.913  5.600   1.00 42.39 ? 22  VAL A C   1 
ATOM   167  O  O   . VAL A 1 22  ? -18.328 -2.934  6.077   1.00 41.37 ? 22  VAL A O   1 
ATOM   168  C  CB  . VAL A 1 22  ? -17.268 -0.088  4.775   1.00 42.28 ? 22  VAL A CB  1 
ATOM   169  C  CG1 . VAL A 1 22  ? -16.297 -0.540  5.839   1.00 36.18 ? 22  VAL A CG1 1 
ATOM   170  C  CG2 . VAL A 1 22  ? -16.514 0.429   3.556   1.00 42.48 ? 22  VAL A CG2 1 
ATOM   171  N  N   . ASP A 1 23  ? -19.907 -1.336  6.111   1.00 38.92 ? 23  ASP A N   1 
ATOM   172  C  CA  . ASP A 1 23  ? -20.622 -1.941  7.236   1.00 40.65 ? 23  ASP A CA  1 
ATOM   173  C  C   . ASP A 1 23  ? -20.925 -3.407  6.920   1.00 41.07 ? 23  ASP A C   1 
ATOM   174  O  O   . ASP A 1 23  ? -20.623 -4.304  7.702   1.00 41.49 ? 23  ASP A O   1 
ATOM   175  C  CB  . ASP A 1 23  ? -21.950 -1.224  7.487   1.00 40.86 ? 23  ASP A CB  1 
ATOM   176  C  CG  . ASP A 1 23  ? -21.778 0.171   8.074   1.00 46.28 ? 23  ASP A CG  1 
ATOM   177  O  OD1 . ASP A 1 23  ? -20.642 0.578   8.418   1.00 44.42 ? 23  ASP A OD1 1 
ATOM   178  O  OD2 . ASP A 1 23  ? -22.813 0.865   8.194   1.00 49.15 ? 23  ASP A OD2 1 
ATOM   179  N  N   . GLU A 1 24  ? -21.533 -3.638  5.763   1.00 40.18 ? 24  GLU A N   1 
ATOM   180  C  CA  . GLU A 1 24  ? -21.966 -4.983  5.393   1.00 44.68 ? 24  GLU A CA  1 
ATOM   181  C  C   . GLU A 1 24  ? -20.779 -5.919  5.143   1.00 44.13 ? 24  GLU A C   1 
ATOM   182  O  O   . GLU A 1 24  ? -20.819 -7.103  5.482   1.00 38.69 ? 24  GLU A O   1 
ATOM   183  C  CB  . GLU A 1 24  ? -22.890 -4.922  4.186   1.00 42.70 ? 24  GLU A CB  1 
ATOM   184  C  CG  . GLU A 1 24  ? -24.187 -4.165  4.461   1.00 48.20 ? 24  GLU A CG  1 
ATOM   185  C  CD  . GLU A 1 24  ? -25.068 -4.869  5.488   1.00 47.77 ? 24  GLU A CD  1 
ATOM   186  O  OE1 . GLU A 1 24  ? -25.563 -4.196  6.423   1.00 49.90 ? 24  GLU A OE1 1 
ATOM   187  O  OE2 . GLU A 1 24  ? -25.247 -6.102  5.370   1.00 45.31 ? 24  GLU A OE2 1 
ATOM   188  N  N   . SER A 1 25  ? -19.701 -5.388  4.577   1.00 40.48 ? 25  SER A N   1 
ATOM   189  C  CA  . SER A 1 25  ? -18.508 -6.207  4.390   1.00 39.30 ? 25  SER A CA  1 
ATOM   190  C  C   . SER A 1 25  ? -17.869 -6.618  5.723   1.00 38.26 ? 25  SER A C   1 
ATOM   191  O  O   . SER A 1 25  ? -17.498 -7.777  5.899   1.00 40.53 ? 25  SER A O   1 
ATOM   192  C  CB  . SER A 1 25  ? -17.508 -5.498  3.482   1.00 36.65 ? 25  SER A CB  1 
ATOM   193  O  OG  . SER A 1 25  ? -18.077 -5.335  2.199   1.00 39.42 ? 25  SER A OG  1 
ATOM   194  N  N   . LEU A 1 26  ? -17.752 -5.681  6.661   1.00 36.76 ? 26  LEU A N   1 
ATOM   195  C  CA  . LEU A 1 26  ? -17.213 -5.998  7.984   1.00 36.54 ? 26  LEU A CA  1 
ATOM   196  C  C   . LEU A 1 26  ? -18.100 -7.016  8.696   1.00 42.61 ? 26  LEU A C   1 
ATOM   197  O  O   . LEU A 1 26  ? -17.605 -7.940  9.332   1.00 39.37 ? 26  LEU A O   1 
ATOM   198  C  CB  . LEU A 1 26  ? -17.108 -4.750  8.854   1.00 38.09 ? 26  LEU A CB  1 
ATOM   199  C  CG  . LEU A 1 26  ? -16.144 -3.632  8.433   1.00 38.19 ? 26  LEU A CG  1 
ATOM   200  C  CD1 . LEU A 1 26  ? -15.769 -2.794  9.638   1.00 37.42 ? 26  LEU A CD1 1 
ATOM   201  C  CD2 . LEU A 1 26  ? -14.902 -4.205  7.777   1.00 36.76 ? 26  LEU A CD2 1 
ATOM   202  N  N   . LYS A 1 27  ? -19.412 -6.814  8.610   1.00 36.34 ? 27  LYS A N   1 
ATOM   203  C  CA  . LYS A 1 27  ? -20.373 -7.720  9.227   1.00 39.59 ? 27  LYS A CA  1 
ATOM   204  C  C   . LYS A 1 27  ? -20.185 -9.150  8.725   1.00 40.77 ? 27  LYS A C   1 
ATOM   205  O  O   . LYS A 1 27  ? -20.310 -10.106 9.499   1.00 41.15 ? 27  LYS A O   1 
ATOM   206  C  CB  . LYS A 1 27  ? -21.805 -7.232  8.970   1.00 39.57 ? 27  LYS A CB  1 
ATOM   207  C  CG  . LYS A 1 27  ? -22.421 -6.522  10.172  1.00 47.56 ? 27  LYS A CG  1 
ATOM   208  C  CD  . LYS A 1 27  ? -23.416 -5.409  9.786   1.00 45.80 ? 27  LYS A CD  1 
ATOM   209  C  CE  . LYS A 1 27  ? -24.596 -5.927  9.014   1.00 46.83 ? 27  LYS A CE  1 
ATOM   210  N  NZ  . LYS A 1 27  ? -25.767 -4.992  9.122   1.00 46.65 ? 27  LYS A NZ  1 
ATOM   211  N  N   . SER A 1 28  ? -19.847 -9.285  7.441   1.00 40.67 ? 28  SER A N   1 
ATOM   212  C  CA  . SER A 1 28  ? -19.764 -10.592 6.793   1.00 42.53 ? 28  SER A CA  1 
ATOM   213  C  C   . SER A 1 28  ? -18.688 -11.509 7.374   1.00 43.81 ? 28  SER A C   1 
ATOM   214  O  O   . SER A 1 28  ? -18.702 -12.716 7.101   1.00 42.25 ? 28  SER A O   1 
ATOM   215  C  CB  . SER A 1 28  ? -19.557 -10.449 5.278   1.00 43.95 ? 28  SER A CB  1 
ATOM   216  O  OG  . SER A 1 28  ? -18.198 -10.155 4.978   1.00 40.67 ? 28  SER A OG  1 
ATOM   217  N  N   . VAL A 1 29  ? -17.757 -10.948 8.152   1.00 41.83 ? 29  VAL A N   1 
ATOM   218  C  CA  . VAL A 1 29  ? -16.724 -11.757 8.815   1.00 40.40 ? 29  VAL A CA  1 
ATOM   219  C  C   . VAL A 1 29  ? -16.904 -11.771 10.324  1.00 37.83 ? 29  VAL A C   1 
ATOM   220  O  O   . VAL A 1 29  ? -16.021 -12.196 11.060  1.00 43.86 ? 29  VAL A O   1 
ATOM   221  C  CB  . VAL A 1 29  ? -15.276 -11.306 8.469   1.00 41.42 ? 29  VAL A CB  1 
ATOM   222  C  CG1 . VAL A 1 29  ? -15.047 -11.320 6.954   1.00 37.83 ? 29  VAL A CG1 1 
ATOM   223  C  CG2 . VAL A 1 29  ? -14.973 -9.919  9.062   1.00 38.94 ? 29  VAL A CG2 1 
ATOM   224  N  N   . GLY A 1 30  ? -18.055 -11.301 10.789  1.00 42.37 ? 30  GLY A N   1 
ATOM   225  C  CA  . GLY A 1 30  ? -18.380 -11.396 12.203  1.00 40.29 ? 30  GLY A CA  1 
ATOM   226  C  C   . GLY A 1 30  ? -18.073 -10.160 13.026  1.00 39.30 ? 30  GLY A C   1 
ATOM   227  O  O   . GLY A 1 30  ? -18.320 -10.138 14.235  1.00 41.85 ? 30  GLY A O   1 
ATOM   228  N  N   . TRP A 1 31  ? -17.516 -9.132  12.389  1.00 42.19 ? 31  TRP A N   1 
ATOM   229  C  CA  . TRP A 1 31  ? -17.157 -7.897  13.099  1.00 39.02 ? 31  TRP A CA  1 
ATOM   230  C  C   . TRP A 1 31  ? -18.386 -7.018  13.267  1.00 39.78 ? 31  TRP A C   1 
ATOM   231  O  O   . TRP A 1 31  ? -19.324 -7.107  12.466  1.00 40.99 ? 31  TRP A O   1 
ATOM   232  C  CB  . TRP A 1 31  ? -16.139 -7.094  12.288  1.00 39.32 ? 31  TRP A CB  1 
ATOM   233  C  CG  . TRP A 1 31  ? -14.806 -7.743  12.089  1.00 41.04 ? 31  TRP A CG  1 
ATOM   234  C  CD1 . TRP A 1 31  ? -14.427 -8.998  12.477  1.00 43.27 ? 31  TRP A CD1 1 
ATOM   235  C  CD2 . TRP A 1 31  ? -13.667 -7.161  11.443  1.00 41.66 ? 31  TRP A CD2 1 
ATOM   236  N  NE1 . TRP A 1 31  ? -13.118 -9.228  12.117  1.00 41.12 ? 31  TRP A NE1 1 
ATOM   237  C  CE2 . TRP A 1 31  ? -12.632 -8.119  11.474  1.00 42.18 ? 31  TRP A CE2 1 
ATOM   238  C  CE3 . TRP A 1 31  ? -13.421 -5.917  10.844  1.00 40.09 ? 31  TRP A CE3 1 
ATOM   239  C  CZ2 . TRP A 1 31  ? -11.367 -7.873  10.933  1.00 41.64 ? 31  TRP A CZ2 1 
ATOM   240  C  CZ3 . TRP A 1 31  ? -12.165 -5.675  10.300  1.00 41.56 ? 31  TRP A CZ3 1 
ATOM   241  C  CH2 . TRP A 1 31  ? -11.154 -6.654  10.348  1.00 39.33 ? 31  TRP A CH2 1 
ATOM   242  N  N   . GLU A 1 32  ? -18.387 -6.146  14.276  1.00 39.76 ? 32  GLU A N   1 
ATOM   243  C  CA  . GLU A 1 32  ? -19.418 -5.112  14.326  1.00 39.56 ? 32  GLU A CA  1 
ATOM   244  C  C   . GLU A 1 32  ? -19.201 -4.219  13.107  1.00 38.35 ? 32  GLU A C   1 
ATOM   245  O  O   . GLU A 1 32  ? -18.059 -3.998  12.696  1.00 35.95 ? 32  GLU A O   1 
ATOM   246  C  CB  . GLU A 1 32  ? -19.339 -4.285  15.617  1.00 41.64 ? 32  GLU A CB  1 
ATOM   247  C  CG  . GLU A 1 32  ? -19.670 -5.065  16.887  1.00 43.75 ? 32  GLU A CG  1 
ATOM   248  C  CD  . GLU A 1 32  ? -21.038 -5.733  16.818  1.00 53.20 ? 32  GLU A CD  1 
ATOM   249  O  OE1 . GLU A 1 32  ? -21.137 -6.932  17.166  1.00 57.70 ? 32  GLU A OE1 1 
ATOM   250  O  OE2 . GLU A 1 32  ? -22.012 -5.068  16.400  1.00 48.71 ? 32  GLU A OE2 1 
ATOM   251  N  N   . PRO A 1 33  ? -20.293 -3.703  12.525  1.00 39.27 ? 33  PRO A N   1 
ATOM   252  C  CA  . PRO A 1 33  ? -20.223 -2.875  11.316  1.00 37.48 ? 33  PRO A CA  1 
ATOM   253  C  C   . PRO A 1 33  ? -19.434 -1.588  11.549  1.00 39.73 ? 33  PRO A C   1 
ATOM   254  O  O   . PRO A 1 33  ? -18.886 -1.029  10.594  1.00 37.18 ? 33  PRO A O   1 
ATOM   255  C  CB  . PRO A 1 33  ? -21.692 -2.539  11.034  1.00 41.08 ? 33  PRO A CB  1 
ATOM   256  C  CG  . PRO A 1 33  ? -22.382 -2.684  12.363  1.00 43.96 ? 33  PRO A CG  1 
ATOM   257  C  CD  . PRO A 1 33  ? -21.667 -3.817  13.048  1.00 41.64 ? 33  PRO A CD  1 
ATOM   258  N  N   . ASP A 1 34  ? -19.387 -1.137  12.800  1.00 36.50 ? 34  ASP A N   1 
ATOM   259  C  CA  . ASP A 1 34  ? -18.713 0.112   13.158  1.00 42.27 ? 34  ASP A CA  1 
ATOM   260  C  C   . ASP A 1 34  ? -17.440 -0.156  13.942  1.00 40.03 ? 34  ASP A C   1 
ATOM   261  O  O   . ASP A 1 34  ? -17.019 0.672   14.753  1.00 39.14 ? 34  ASP A O   1 
ATOM   262  C  CB  . ASP A 1 34  ? -19.637 1.024   13.990  1.00 40.21 ? 34  ASP A CB  1 
ATOM   263  C  CG  . ASP A 1 34  ? -20.223 0.318   15.208  1.00 45.61 ? 34  ASP A CG  1 
ATOM   264  O  OD1 . ASP A 1 34  ? -19.806 -0.821  15.505  1.00 42.01 ? 34  ASP A OD1 1 
ATOM   265  O  OD2 . ASP A 1 34  ? -21.106 0.903   15.872  1.00 46.48 ? 34  ASP A OD2 1 
ATOM   266  N  N   . ARG A 1 35  ? -16.836 -1.316  13.715  1.00 35.86 ? 35  ARG A N   1 
ATOM   267  C  CA  . ARG A 1 35  ? -15.641 -1.669  14.455  1.00 38.34 ? 35  ARG A CA  1 
ATOM   268  C  C   . ARG A 1 35  ? -14.547 -0.624  14.262  1.00 35.68 ? 35  ARG A C   1 
ATOM   269  O  O   . ARG A 1 35  ? -14.316 -0.149  13.155  1.00 32.50 ? 35  ARG A O   1 
ATOM   270  C  CB  . ARG A 1 35  ? -15.112 -3.052  14.054  1.00 39.78 ? 35  ARG A CB  1 
ATOM   271  C  CG  . ARG A 1 35  ? -13.917 -3.477  14.891  1.00 38.88 ? 35  ARG A CG  1 
ATOM   272  C  CD  . ARG A 1 35  ? -13.452 -4.897  14.578  1.00 41.28 ? 35  ARG A CD  1 
ATOM   273  N  NE  . ARG A 1 35  ? -12.286 -5.293  15.384  1.00 39.30 ? 35  ARG A NE  1 
ATOM   274  C  CZ  . ARG A 1 35  ? -11.725 -6.501  15.325  1.00 44.05 ? 35  ARG A CZ  1 
ATOM   275  N  NH1 . ARG A 1 35  ? -12.223 -7.426  14.508  1.00 39.65 ? 35  ARG A NH1 1 
ATOM   276  N  NH2 . ARG A 1 35  ? -10.676 -6.790  16.073  1.00 41.78 ? 35  ARG A NH2 1 
ATOM   277  N  N   . VAL A 1 36  ? -13.892 -0.259  15.358  1.00 40.04 ? 36  VAL A N   1 
ATOM   278  C  CA  . VAL A 1 36  ? -12.727 0.599   15.275  1.00 35.17 ? 36  VAL A CA  1 
ATOM   279  C  C   . VAL A 1 36  ? -11.536 -0.270  15.607  1.00 34.41 ? 36  VAL A C   1 
ATOM   280  O  O   . VAL A 1 36  ? -11.452 -0.827  16.700  1.00 35.57 ? 36  VAL A O   1 
ATOM   281  C  CB  . VAL A 1 36  ? -12.797 1.781   16.274  1.00 42.18 ? 36  VAL A CB  1 
ATOM   282  C  CG1 . VAL A 1 36  ? -11.507 2.569   16.230  1.00 34.66 ? 36  VAL A CG1 1 
ATOM   283  C  CG2 . VAL A 1 36  ? -13.978 2.686   15.943  1.00 39.79 ? 36  VAL A CG2 1 
ATOM   284  N  N   . ILE A 1 37  ? -10.627 -0.403  14.648  1.00 37.46 ? 37  ILE A N   1 
ATOM   285  C  CA  . ILE A 1 37  ? -9.437  -1.228  14.823  1.00 36.82 ? 37  ILE A CA  1 
ATOM   286  C  C   . ILE A 1 37  ? -8.325  -0.376  15.410  1.00 38.33 ? 37  ILE A C   1 
ATOM   287  O  O   . ILE A 1 37  ? -8.052  0.709   14.901  1.00 38.31 ? 37  ILE A O   1 
ATOM   288  C  CB  . ILE A 1 37  ? -8.946  -1.791  13.473  1.00 35.75 ? 37  ILE A CB  1 
ATOM   289  C  CG1 . ILE A 1 37  ? -10.011 -2.692  12.831  1.00 38.84 ? 37  ILE A CG1 1 
ATOM   290  C  CG2 . ILE A 1 37  ? -7.625  -2.530  13.669  1.00 33.85 ? 37  ILE A CG2 1 
ATOM   291  C  CD1 . ILE A 1 37  ? -10.160 -4.030  13.487  1.00 41.25 ? 37  ILE A CD1 1 
ATOM   292  N  N   . THR A 1 38  ? -7.678  -0.874  16.464  1.00 35.38 ? 38  THR A N   1 
ATOM   293  C  CA  . THR A 1 38  ? -6.650  -0.119  17.171  1.00 37.79 ? 38  THR A CA  1 
ATOM   294  C  C   . THR A 1 38  ? -5.263  -0.703  16.906  1.00 40.20 ? 38  THR A C   1 
ATOM   295  O  O   . THR A 1 38  ? -5.144  -1.884  16.556  1.00 40.59 ? 38  THR A O   1 
ATOM   296  C  CB  . THR A 1 38  ? -6.949  -0.043  18.691  1.00 38.27 ? 38  THR A CB  1 
ATOM   297  O  OG1 . THR A 1 38  ? -6.832  -1.347  19.276  1.00 39.36 ? 38  THR A OG1 1 
ATOM   298  C  CG2 . THR A 1 38  ? -8.368  0.487   18.919  1.00 39.43 ? 38  THR A CG2 1 
ATOM   299  N  N   . PRO A 1 39  ? -4.212  0.126   17.057  1.00 37.48 ? 39  PRO A N   1 
ATOM   300  C  CA  . PRO A 1 39  ? -2.902  -0.177  16.461  1.00 36.03 ? 39  PRO A CA  1 
ATOM   301  C  C   . PRO A 1 39  ? -2.270  -1.499  16.856  1.00 39.28 ? 39  PRO A C   1 
ATOM   302  O  O   . PRO A 1 39  ? -1.592  -2.099  16.023  1.00 41.32 ? 39  PRO A O   1 
ATOM   303  C  CB  . PRO A 1 39  ? -2.023  0.996   16.915  1.00 38.94 ? 39  PRO A CB  1 
ATOM   304  C  CG  . PRO A 1 39  ? -2.987  2.117   17.091  1.00 40.51 ? 39  PRO A CG  1 
ATOM   305  C  CD  . PRO A 1 39  ? -4.227  1.470   17.669  1.00 37.44 ? 39  PRO A CD  1 
ATOM   306  N  N   . LEU A 1 40  ? -2.475  -1.948  18.085  1.00 39.14 ? 40  LEU A N   1 
ATOM   307  C  CA  . LEU A 1 40  ? -1.757  -3.129  18.567  1.00 43.67 ? 40  LEU A CA  1 
ATOM   308  C  C   . LEU A 1 40  ? -2.452  -4.467  18.280  1.00 42.43 ? 40  LEU A C   1 
ATOM   309  O  O   . LEU A 1 40  ? -1.885  -5.525  18.509  1.00 44.43 ? 40  LEU A O   1 
ATOM   310  C  CB  . LEU A 1 40  ? -1.437  -2.986  20.058  1.00 42.88 ? 40  LEU A CB  1 
ATOM   311  C  CG  . LEU A 1 40  ? -0.470  -1.831  20.354  1.00 47.64 ? 40  LEU A CG  1 
ATOM   312  C  CD1 . LEU A 1 40  ? -0.058  -1.833  21.817  1.00 47.41 ? 40  LEU A CD1 1 
ATOM   313  C  CD2 . LEU A 1 40  ? 0.762   -1.904  19.449  1.00 48.32 ? 40  LEU A CD2 1 
ATOM   314  N  N   . GLU A 1 41  ? -3.672  -4.427  17.762  1.00 39.87 ? 41  GLU A N   1 
ATOM   315  C  CA  . GLU A 1 41  ? -4.404  -5.664  17.519  1.00 40.90 ? 41  GLU A CA  1 
ATOM   316  C  C   . GLU A 1 41  ? -3.730  -6.486  16.422  1.00 43.40 ? 41  GLU A C   1 
ATOM   317  O  O   . GLU A 1 41  ? -3.057  -5.942  15.543  1.00 40.46 ? 41  GLU A O   1 
ATOM   318  C  CB  . GLU A 1 41  ? -5.854  -5.366  17.141  1.00 37.30 ? 41  GLU A CB  1 
ATOM   319  C  CG  . GLU A 1 41  ? -6.609  -4.563  18.178  1.00 41.99 ? 41  GLU A CG  1 
ATOM   320  C  CD  . GLU A 1 41  ? -8.072  -4.352  17.810  1.00 43.34 ? 41  GLU A CD  1 
ATOM   321  O  OE1 . GLU A 1 41  ? -8.547  -3.199  17.884  1.00 41.25 ? 41  GLU A OE1 1 
ATOM   322  O  OE2 . GLU A 1 41  ? -8.750  -5.337  17.442  1.00 43.92 ? 41  GLU A OE2 1 
ATOM   323  N  N   . ASP A 1 42  ? -3.898  -7.799  16.494  1.00 43.41 ? 42  ASP A N   1 
ATOM   324  C  CA  . ASP A 1 42  ? -3.494  -8.683  15.409  1.00 42.49 ? 42  ASP A CA  1 
ATOM   325  C  C   . ASP A 1 42  ? -4.754  -8.999  14.641  1.00 39.64 ? 42  ASP A C   1 
ATOM   326  O  O   . ASP A 1 42  ? -5.717  -9.516  15.203  1.00 42.38 ? 42  ASP A O   1 
ATOM   327  C  CB  . ASP A 1 42  ? -2.866  -9.967  15.953  1.00 43.93 ? 42  ASP A CB  1 
ATOM   328  C  CG  . ASP A 1 42  ? -1.590  -9.702  16.736  1.00 48.56 ? 42  ASP A CG  1 
ATOM   329  O  OD1 . ASP A 1 42  ? -1.626  -9.742  17.990  1.00 46.97 ? 42  ASP A OD1 1 
ATOM   330  O  OD2 . ASP A 1 42  ? -0.553  -9.442  16.092  1.00 48.61 ? 42  ASP A OD2 1 
ATOM   331  N  N   . ILE A 1 43  ? -4.779  -8.648  13.366  1.00 37.64 ? 43  ILE A N   1 
ATOM   332  C  CA  . ILE A 1 43  ? -5.962  -8.892  12.566  1.00 35.12 ? 43  ILE A CA  1 
ATOM   333  C  C   . ILE A 1 43  ? -5.673  -10.066 11.637  1.00 37.97 ? 43  ILE A C   1 
ATOM   334  O  O   . ILE A 1 43  ? -4.637  -10.101 10.977  1.00 34.92 ? 43  ILE A O   1 
ATOM   335  C  CB  . ILE A 1 43  ? -6.363  -7.656  11.744  1.00 38.12 ? 43  ILE A CB  1 
ATOM   336  C  CG1 . ILE A 1 43  ? -6.534  -6.431  12.656  1.00 37.21 ? 43  ILE A CG1 1 
ATOM   337  C  CG2 . ILE A 1 43  ? -7.642  -7.944  10.974  1.00 34.67 ? 43  ILE A CG2 1 
ATOM   338  C  CD1 . ILE A 1 43  ? -7.739  -6.533  13.585  1.00 38.29 ? 43  ILE A CD1 1 
ATOM   339  N  N   . ASP A 1 44  ? -6.583  -11.029 11.604  1.00 38.38 ? 44  ASP A N   1 
ATOM   340  C  CA  . ASP A 1 44  ? -6.402  -12.235 10.788  1.00 37.62 ? 44  ASP A CA  1 
ATOM   341  C  C   . ASP A 1 44  ? -6.412  -11.900 9.297   1.00 37.38 ? 44  ASP A C   1 
ATOM   342  O  O   . ASP A 1 44  ? -7.394  -11.358 8.785   1.00 37.00 ? 44  ASP A O   1 
ATOM   343  C  CB  . ASP A 1 44  ? -7.507  -13.234 11.116  1.00 38.49 ? 44  ASP A CB  1 
ATOM   344  C  CG  . ASP A 1 44  ? -7.332  -14.567 10.386  1.00 47.33 ? 44  ASP A CG  1 
ATOM   345  O  OD1 . ASP A 1 44  ? -7.090  -14.564 9.161   1.00 45.82 ? 44  ASP A OD1 1 
ATOM   346  O  OD2 . ASP A 1 44  ? -7.445  -15.617 11.051  1.00 52.36 ? 44  ASP A OD2 1 
ATOM   347  N  N   . ASP A 1 45  ? -5.321  -12.212 8.599   1.00 35.55 ? 45  ASP A N   1 
ATOM   348  C  CA  . ASP A 1 45  ? -5.220  -11.888 7.177   1.00 38.02 ? 45  ASP A CA  1 
ATOM   349  C  C   . ASP A 1 45  ? -6.371  -12.496 6.377   1.00 38.16 ? 45  ASP A C   1 
ATOM   350  O  O   . ASP A 1 45  ? -6.781  -11.946 5.356   1.00 37.59 ? 45  ASP A O   1 
ATOM   351  C  CB  . ASP A 1 45  ? -3.881  -12.359 6.580   1.00 40.10 ? 45  ASP A CB  1 
ATOM   352  C  CG  . ASP A 1 45  ? -2.704  -11.485 6.999   1.00 43.91 ? 45  ASP A CG  1 
ATOM   353  O  OD1 . ASP A 1 45  ? -2.927  -10.336 7.446   1.00 41.96 ? 45  ASP A OD1 1 
ATOM   354  O  OD2 . ASP A 1 45  ? -1.549  -11.947 6.863   1.00 44.39 ? 45  ASP A OD2 1 
ATOM   355  N  N   . ASP A 1 46  ? -6.884  -13.639 6.817   1.00 37.40 ? 46  ASP A N   1 
ATOM   356  C  CA  . ASP A 1 46  ? -7.953  -14.285 6.047   1.00 42.23 ? 46  ASP A CA  1 
ATOM   357  C  C   . ASP A 1 46  ? -9.269  -13.531 6.220   1.00 39.98 ? 46  ASP A C   1 
ATOM   358  O  O   . ASP A 1 46  ? -10.098 -13.502 5.317   1.00 39.02 ? 46  ASP A O   1 
ATOM   359  C  CB  . ASP A 1 46  ? -8.122  -15.768 6.396   1.00 40.18 ? 46  ASP A CB  1 
ATOM   360  C  CG  . ASP A 1 46  ? -9.138  -16.455 5.495   1.00 46.27 ? 46  ASP A CG  1 
ATOM   361  O  OD1 . ASP A 1 46  ? -10.204 -16.851 6.007   1.00 48.42 ? 46  ASP A OD1 1 
ATOM   362  O  OD2 . ASP A 1 46  ? -8.882  -16.569 4.270   1.00 46.31 ? 46  ASP A OD2 1 
ATOM   363  N  N   . GLU A 1 47  ? -9.441  -12.895 7.374   1.00 37.65 ? 47  GLU A N   1 
ATOM   364  C  CA  . GLU A 1 47  ? -10.609 -12.051 7.583   1.00 37.78 ? 47  GLU A CA  1 
ATOM   365  C  C   . GLU A 1 47  ? -10.542 -10.803 6.711   1.00 37.48 ? 47  GLU A C   1 
ATOM   366  O  O   . GLU A 1 47  ? -11.556 -10.363 6.166   1.00 39.41 ? 47  GLU A O   1 
ATOM   367  C  CB  . GLU A 1 47  ? -10.763 -11.689 9.060   1.00 38.01 ? 47  GLU A CB  1 
ATOM   368  C  CG  . GLU A 1 47  ? -11.013 -12.898 9.933   1.00 42.23 ? 47  GLU A CG  1 
ATOM   369  C  CD  . GLU A 1 47  ? -11.401 -12.545 11.348  1.00 46.62 ? 47  GLU A CD  1 
ATOM   370  O  OE1 . GLU A 1 47  ? -11.244 -11.369 11.748  1.00 41.53 ? 47  GLU A OE1 1 
ATOM   371  O  OE2 . GLU A 1 47  ? -11.869 -13.454 12.062  1.00 49.88 ? 47  GLU A OE2 1 
ATOM   372  N  N   . VAL A 1 48  ? -9.345  -10.243 6.558   1.00 37.44 ? 48  VAL A N   1 
ATOM   373  C  CA  . VAL A 1 48  ? -9.154  -9.138  5.624   1.00 35.72 ? 48  VAL A CA  1 
ATOM   374  C  C   . VAL A 1 48  ? -9.461  -9.582  4.212   1.00 33.70 ? 48  VAL A C   1 
ATOM   375  O  O   . VAL A 1 48  ? -10.163 -8.892  3.471   1.00 34.03 ? 48  VAL A O   1 
ATOM   376  C  CB  . VAL A 1 48  ? -7.716  -8.584  5.665   1.00 35.93 ? 48  VAL A CB  1 
ATOM   377  C  CG1 . VAL A 1 48  ? -7.508  -7.583  4.533   1.00 30.89 ? 48  VAL A CG1 1 
ATOM   378  C  CG2 . VAL A 1 48  ? -7.430  -7.965  7.025   1.00 33.97 ? 48  VAL A CG2 1 
ATOM   379  N  N   . ARG A 1 49  ? -8.946  -10.747 3.833   1.00 36.32 ? 49  ARG A N   1 
ATOM   380  C  CA  . ARG A 1 49  ? -9.227  -11.280 2.505   1.00 37.99 ? 49  ARG A CA  1 
ATOM   381  C  C   . ARG A 1 49  ? -10.745 -11.341 2.244   1.00 36.52 ? 49  ARG A C   1 
ATOM   382  O  O   . ARG A 1 49  ? -11.235 -10.925 1.184   1.00 37.11 ? 49  ARG A O   1 
ATOM   383  C  CB  . ARG A 1 49  ? -8.591  -12.667 2.337   1.00 41.14 ? 49  ARG A CB  1 
ATOM   384  C  CG  . ARG A 1 49  ? -8.900  -13.326 0.988   1.00 41.01 ? 49  ARG A CG  1 
ATOM   385  C  CD  . ARG A 1 49  ? -8.725  -14.842 1.043   1.00 45.84 ? 49  ARG A CD  1 
ATOM   386  N  NE  . ARG A 1 49  ? -9.872  -15.492 0.410   1.00 56.65 ? 49  ARG A NE  1 
ATOM   387  C  CZ  . ARG A 1 49  ? -10.824 -16.148 1.065   1.00 52.30 ? 49  ARG A CZ  1 
ATOM   388  N  NH1 . ARG A 1 49  ? -10.767 -16.282 2.383   1.00 53.60 ? 49  ARG A NH1 1 
ATOM   389  N  NH2 . ARG A 1 49  ? -11.828 -16.687 0.395   1.00 60.07 ? 49  ARG A NH2 1 
ATOM   390  N  N   . ARG A 1 50  ? -11.479 -11.851 3.223   1.00 33.89 ? 50  ARG A N   1 
ATOM   391  C  CA  . ARG A 1 50  ? -12.921 -12.057 3.073   1.00 37.75 ? 50  ARG A CA  1 
ATOM   392  C  C   . ARG A 1 50  ? -13.689 -10.734 3.057   1.00 35.48 ? 50  ARG A C   1 
ATOM   393  O  O   . ARG A 1 50  ? -14.708 -10.600 2.380   1.00 32.78 ? 50  ARG A O   1 
ATOM   394  C  CB  . ARG A 1 50  ? -13.429 -12.992 4.172   1.00 36.63 ? 50  ARG A CB  1 
ATOM   395  C  CG  . ARG A 1 50  ? -13.160 -14.494 3.862   1.00 46.76 ? 50  ARG A CG  1 
ATOM   396  C  CD  . ARG A 1 50  ? -12.823 -15.305 5.122   1.00 45.69 ? 50  ARG A CD  1 
ATOM   397  N  NE  . ARG A 1 50  ? -13.848 -15.174 6.150   1.00 47.18 ? 50  ARG A NE  1 
ATOM   398  C  CZ  . ARG A 1 50  ? -13.644 -15.378 7.446   1.00 50.20 ? 50  ARG A CZ  1 
ATOM   399  N  NH1 . ARG A 1 50  ? -12.442 -15.732 7.897   1.00 49.28 ? 50  ARG A NH1 1 
ATOM   400  N  NH2 . ARG A 1 50  ? -14.647 -15.227 8.298   1.00 51.29 ? 50  ARG A NH2 1 
ATOM   401  N  N   . ILE A 1 51  ? -13.195 -9.746  3.798   1.00 35.08 ? 51  ILE A N   1 
ATOM   402  C  CA  . ILE A 1 51  ? -13.793 -8.410  3.736   1.00 34.02 ? 51  ILE A CA  1 
ATOM   403  C  C   . ILE A 1 51  ? -13.685 -7.831  2.333   1.00 36.22 ? 51  ILE A C   1 
ATOM   404  O  O   . ILE A 1 51  ? -14.665 -7.354  1.756   1.00 34.43 ? 51  ILE A O   1 
ATOM   405  C  CB  . ILE A 1 51  ? -13.127 -7.445  4.746   1.00 35.88 ? 51  ILE A CB  1 
ATOM   406  C  CG1 . ILE A 1 51  ? -13.560 -7.808  6.167   1.00 35.17 ? 51  ILE A CG1 1 
ATOM   407  C  CG2 . ILE A 1 51  ? -13.464 -5.998  4.381   1.00 35.40 ? 51  ILE A CG2 1 
ATOM   408  C  CD1 . ILE A 1 51  ? -12.742 -7.177  7.276   1.00 34.74 ? 51  ILE A CD1 1 
ATOM   409  N  N   . PHE A 1 52  ? -12.478 -7.873  1.782   1.00 35.93 ? 52  PHE A N   1 
ATOM   410  C  CA  . PHE A 1 52  ? -12.243 -7.366  0.438   1.00 35.31 ? 52  PHE A CA  1 
ATOM   411  C  C   . PHE A 1 52  ? -13.028 -8.139  -0.624  1.00 37.13 ? 52  PHE A C   1 
ATOM   412  O  O   . PHE A 1 52  ? -13.509 -7.565  -1.604  1.00 37.69 ? 52  PHE A O   1 
ATOM   413  C  CB  . PHE A 1 52  ? -10.735 -7.331  0.130   1.00 35.66 ? 52  PHE A CB  1 
ATOM   414  C  CG  . PHE A 1 52  ? -10.032 -6.095  0.670   1.00 32.67 ? 52  PHE A CG  1 
ATOM   415  C  CD1 . PHE A 1 52  ? -9.897  -5.896  2.033   1.00 34.27 ? 52  PHE A CD1 1 
ATOM   416  C  CD2 . PHE A 1 52  ? -9.534  -5.130  -0.193  1.00 35.28 ? 52  PHE A CD2 1 
ATOM   417  C  CE1 . PHE A 1 52  ? -9.264  -4.754  2.534   1.00 35.74 ? 52  PHE A CE1 1 
ATOM   418  C  CE2 . PHE A 1 52  ? -8.896  -3.992  0.293   1.00 31.80 ? 52  PHE A CE2 1 
ATOM   419  C  CZ  . PHE A 1 52  ? -8.757  -3.808  1.662   1.00 34.14 ? 52  PHE A CZ  1 
ATOM   420  N  N   . ALA A 1 53  ? -13.174 -9.440  -0.428  1.00 37.15 ? 53  ALA A N   1 
ATOM   421  C  CA  . ALA A 1 53  ? -14.006 -10.224 -1.334  1.00 40.61 ? 53  ALA A CA  1 
ATOM   422  C  C   . ALA A 1 53  ? -15.463 -9.723  -1.324  1.00 39.46 ? 53  ALA A C   1 
ATOM   423  O  O   . ALA A 1 53  ? -16.139 -9.679  -2.361  1.00 38.68 ? 53  ALA A O   1 
ATOM   424  C  CB  . ALA A 1 53  ? -13.936 -11.705 -0.963  1.00 38.94 ? 53  ALA A CB  1 
ATOM   425  N  N   . LYS A 1 54  ? -15.944 -9.336  -0.152  1.00 37.46 ? 54  LYS A N   1 
ATOM   426  C  CA  . LYS A 1 54  ? -17.316 -8.850  -0.037  1.00 41.05 ? 54  LYS A CA  1 
ATOM   427  C  C   . LYS A 1 54  ? -17.462 -7.450  -0.644  1.00 43.02 ? 54  LYS A C   1 
ATOM   428  O  O   . LYS A 1 54  ? -18.480 -7.134  -1.271  1.00 43.78 ? 54  LYS A O   1 
ATOM   429  C  CB  . LYS A 1 54  ? -17.778 -8.877  1.418   1.00 36.88 ? 54  LYS A CB  1 
ATOM   430  C  CG  . LYS A 1 54  ? -19.297 -8.969  1.583   1.00 48.15 ? 54  LYS A CG  1 
ATOM   431  C  CD  . LYS A 1 54  ? -19.847 -10.239 0.921   1.00 47.08 ? 54  LYS A CD  1 
ATOM   432  C  CE  . LYS A 1 54  ? -21.118 -10.739 1.594   1.00 54.24 ? 54  LYS A CE  1 
ATOM   433  N  NZ  . LYS A 1 54  ? -21.183 -12.241 1.602   1.00 51.10 ? 54  LYS A NZ  1 
ATOM   434  N  N   . VAL A 1 55  ? -16.434 -6.624  -0.477  1.00 36.74 ? 55  VAL A N   1 
ATOM   435  C  CA  . VAL A 1 55  ? -16.404 -5.319  -1.115  1.00 37.61 ? 55  VAL A CA  1 
ATOM   436  C  C   . VAL A 1 55  ? -16.446 -5.505  -2.625  1.00 40.88 ? 55  VAL A C   1 
ATOM   437  O  O   . VAL A 1 55  ? -17.146 -4.780  -3.346  1.00 41.13 ? 55  VAL A O   1 
ATOM   438  C  CB  . VAL A 1 55  ? -15.130 -4.523  -0.731  1.00 35.70 ? 55  VAL A CB  1 
ATOM   439  C  CG1 . VAL A 1 55  ? -15.031 -3.239  -1.560  1.00 33.32 ? 55  VAL A CG1 1 
ATOM   440  C  CG2 . VAL A 1 55  ? -15.112 -4.206  0.765   1.00 37.37 ? 55  VAL A CG2 1 
ATOM   441  N  N   . SER A 1 56  ? -15.680 -6.477  -3.104  1.00 36.89 ? 56  SER A N   1 
ATOM   442  C  CA  . SER A 1 56  ? -15.648 -6.792  -4.520  1.00 39.88 ? 56  SER A CA  1 
ATOM   443  C  C   . SER A 1 56  ? -17.048 -7.165  -5.015  1.00 43.31 ? 56  SER A C   1 
ATOM   444  O  O   . SER A 1 56  ? -17.503 -6.678  -6.045  1.00 42.54 ? 56  SER A O   1 
ATOM   445  C  CB  . SER A 1 56  ? -14.692 -7.951  -4.776  1.00 39.21 ? 56  SER A CB  1 
ATOM   446  O  OG  . SER A 1 56  ? -14.894 -8.467  -6.075  1.00 42.59 ? 56  SER A OG  1 
ATOM   447  N  N   . GLU A 1 57  ? -17.718 -8.024  -4.258  1.00 43.83 ? 57  GLU A N   1 
ATOM   448  C  CA  . GLU A 1 57  ? -19.048 -8.520  -4.616  1.00 44.80 ? 57  GLU A CA  1 
ATOM   449  C  C   . GLU A 1 57  ? -20.079 -7.396  -4.665  1.00 45.10 ? 57  GLU A C   1 
ATOM   450  O  O   . GLU A 1 57  ? -20.865 -7.304  -5.611  1.00 48.95 ? 57  GLU A O   1 
ATOM   451  C  CB  . GLU A 1 57  ? -19.486 -9.622  -3.643  1.00 45.79 ? 57  GLU A CB  1 
ATOM   452  C  CG  . GLU A 1 57  ? -20.902 -10.118 -3.868  1.00 55.48 ? 57  GLU A CG  1 
ATOM   453  C  CD  . GLU A 1 57  ? -21.229 -11.376 -3.078  1.00 59.09 ? 57  GLU A CD  1 
ATOM   454  O  OE1 . GLU A 1 57  ? -20.667 -11.565 -1.976  1.00 56.60 ? 57  GLU A OE1 1 
ATOM   455  O  OE2 . GLU A 1 57  ? -22.058 -12.179 -3.569  1.00 62.46 ? 57  GLU A OE2 1 
ATOM   456  N  N   . LYS A 1 58  ? -20.052 -6.522  -3.661  1.00 44.19 ? 58  LYS A N   1 
ATOM   457  C  CA  . LYS A 1 58  ? -21.023 -5.439  -3.562  1.00 45.17 ? 58  LYS A CA  1 
ATOM   458  C  C   . LYS A 1 58  ? -20.813 -4.307  -4.561  1.00 47.40 ? 58  LYS A C   1 
ATOM   459  O  O   . LYS A 1 58  ? -21.768 -3.621  -4.931  1.00 47.52 ? 58  LYS A O   1 
ATOM   460  C  CB  . LYS A 1 58  ? -21.062 -4.893  -2.135  1.00 46.17 ? 58  LYS A CB  1 
ATOM   461  C  CG  . LYS A 1 58  ? -21.639 -5.886  -1.143  1.00 50.60 ? 58  LYS A CG  1 
ATOM   462  C  CD  . LYS A 1 58  ? -21.626 -5.329  0.266   1.00 49.64 ? 58  LYS A CD  1 
ATOM   463  C  CE  . LYS A 1 58  ? -22.697 -6.001  1.111   1.00 57.84 ? 58  LYS A CE  1 
ATOM   464  N  NZ  . LYS A 1 58  ? -24.091 -5.682  0.660   1.00 57.99 ? 58  LYS A NZ  1 
ATOM   465  N  N   . THR A 1 59  ? -19.575 -4.109  -5.004  1.00 41.50 ? 59  THR A N   1 
ATOM   466  C  CA  . THR A 1 59  ? -19.274 -3.008  -5.922  1.00 40.86 ? 59  THR A CA  1 
ATOM   467  C  C   . THR A 1 59  ? -19.222 -3.475  -7.372  1.00 41.85 ? 59  THR A C   1 
ATOM   468  O  O   . THR A 1 59  ? -19.316 -2.673  -8.301  1.00 44.58 ? 59  THR A O   1 
ATOM   469  C  CB  . THR A 1 59  ? -17.916 -2.373  -5.597  1.00 44.58 ? 59  THR A CB  1 
ATOM   470  O  OG1 . THR A 1 59  ? -16.914 -3.398  -5.580  1.00 43.38 ? 59  THR A OG1 1 
ATOM   471  C  CG2 . THR A 1 59  ? -17.947 -1.680  -4.228  1.00 42.39 ? 59  THR A CG2 1 
ATOM   472  N  N   . GLY A 1 60  ? -19.039 -4.771  -7.571  1.00 44.02 ? 60  GLY A N   1 
ATOM   473  C  CA  . GLY A 1 60  ? -18.869 -5.292  -8.915  1.00 43.00 ? 60  GLY A CA  1 
ATOM   474  C  C   . GLY A 1 60  ? -17.488 -5.037  -9.501  1.00 45.89 ? 60  GLY A C   1 
ATOM   475  O  O   . GLY A 1 60  ? -17.296 -5.155  -10.710 1.00 48.25 ? 60  GLY A O   1 
ATOM   476  N  N   . LYS A 1 61  ? -16.525 -4.678  -8.652  1.00 42.85 ? 61  LYS A N   1 
ATOM   477  C  CA  . LYS A 1 61  ? -15.130 -4.550  -9.083  1.00 43.42 ? 61  LYS A CA  1 
ATOM   478  C  C   . LYS A 1 61  ? -14.389 -5.791  -8.622  1.00 41.74 ? 61  LYS A C   1 
ATOM   479  O  O   . LYS A 1 61  ? -14.694 -6.318  -7.558  1.00 44.07 ? 61  LYS A O   1 
ATOM   480  C  CB  . LYS A 1 61  ? -14.480 -3.317  -8.452  1.00 41.58 ? 61  LYS A CB  1 
ATOM   481  C  CG  . LYS A 1 61  ? -14.962 -1.983  -8.989  1.00 45.67 ? 61  LYS A CG  1 
ATOM   482  C  CD  . LYS A 1 61  ? -14.527 -0.857  -8.051  1.00 43.98 ? 61  LYS A CD  1 
ATOM   483  C  CE  . LYS A 1 61  ? -14.889 0.526   -8.588  1.00 51.28 ? 61  LYS A CE  1 
ATOM   484  N  NZ  . LYS A 1 61  ? -14.054 0.912   -9.755  1.00 51.08 ? 61  LYS A NZ  1 
ATOM   485  N  N   . ASN A 1 62  ? -13.424 -6.281  -9.398  1.00 35.11 ? 62  ASN A N   1 
ATOM   486  C  CA  . ASN A 1 62  ? -12.700 -7.450  -8.921  1.00 36.71 ? 62  ASN A CA  1 
ATOM   487  C  C   . ASN A 1 62  ? -11.754 -7.071  -7.795  1.00 36.43 ? 62  ASN A C   1 
ATOM   488  O  O   . ASN A 1 62  ? -11.402 -5.900  -7.649  1.00 37.65 ? 62  ASN A O   1 
ATOM   489  C  CB  . ASN A 1 62  ? -11.982 -8.201  -10.046 1.00 44.86 ? 62  ASN A CB  1 
ATOM   490  C  CG  . ASN A 1 62  ? -10.890 -7.392  -10.687 1.00 42.88 ? 62  ASN A CG  1 
ATOM   491  O  OD1 . ASN A 1 62  ? -11.001 -6.993  -11.845 1.00 50.47 ? 62  ASN A OD1 1 
ATOM   492  N  ND2 . ASN A 1 62  ? -9.805  -7.164  -9.949  1.00 44.45 ? 62  ASN A ND2 1 
ATOM   493  N  N   . VAL A 1 63  ? -11.359 -8.067  -7.010  1.00 34.34 ? 63  VAL A N   1 
ATOM   494  C  CA  . VAL A 1 63  ? -10.561 -7.870  -5.802  1.00 39.11 ? 63  VAL A CA  1 
ATOM   495  C  C   . VAL A 1 63  ? -9.231  -7.177  -6.070  1.00 40.08 ? 63  VAL A C   1 
ATOM   496  O  O   . VAL A 1 63  ? -8.765  -6.379  -5.255  1.00 37.31 ? 63  VAL A O   1 
ATOM   497  C  CB  . VAL A 1 63  ? -10.304 -9.218  -5.082  1.00 38.30 ? 63  VAL A CB  1 
ATOM   498  C  CG1 . VAL A 1 63  ? -9.293  -9.047  -3.961  1.00 41.69 ? 63  VAL A CG1 1 
ATOM   499  C  CG2 . VAL A 1 63  ? -11.600 -9.769  -4.531  1.00 41.01 ? 63  VAL A CG2 1 
ATOM   500  N  N   . ASN A 1 64  ? -8.608  -7.482  -7.205  1.00 32.29 ? 64  ASN A N   1 
ATOM   501  C  CA  . ASN A 1 64  ? -7.326  -6.870  -7.522  1.00 35.45 ? 64  ASN A CA  1 
ATOM   502  C  C   . ASN A 1 64  ? -7.507  -5.369  -7.769  1.00 37.42 ? 64  ASN A C   1 
ATOM   503  O  O   . ASN A 1 64  ? -6.665  -4.545  -7.406  1.00 33.80 ? 64  ASN A O   1 
ATOM   504  C  CB  . ASN A 1 64  ? -6.684  -7.563  -8.725  1.00 36.01 ? 64  ASN A CB  1 
ATOM   505  C  CG  . ASN A 1 64  ? -6.258  -8.993  -8.416  1.00 43.58 ? 64  ASN A CG  1 
ATOM   506  O  OD1 . ASN A 1 64  ? -6.043  -9.348  -7.260  1.00 48.65 ? 64  ASN A OD1 1 
ATOM   507  N  ND2 . ASN A 1 64  ? -6.130  -9.816  -9.449  1.00 44.27 ? 64  ASN A ND2 1 
ATOM   508  N  N   . GLU A 1 65  ? -8.628  -5.032  -8.389  1.00 35.31 ? 65  GLU A N   1 
ATOM   509  C  CA  . GLU A 1 65  ? -9.002  -3.654  -8.681  1.00 35.68 ? 65  GLU A CA  1 
ATOM   510  C  C   . GLU A 1 65  ? -9.253  -2.889  -7.378  1.00 36.81 ? 65  GLU A C   1 
ATOM   511  O  O   . GLU A 1 65  ? -8.836  -1.739  -7.231  1.00 36.38 ? 65  GLU A O   1 
ATOM   512  C  CB  . GLU A 1 65  ? -10.272 -3.679  -9.542  1.00 40.93 ? 65  GLU A CB  1 
ATOM   513  C  CG  . GLU A 1 65  ? -10.540 -2.446  -10.361 1.00 43.67 ? 65  GLU A CG  1 
ATOM   514  C  CD  . GLU A 1 65  ? -11.740 -2.631  -11.302 1.00 52.17 ? 65  GLU A CD  1 
ATOM   515  O  OE1 . GLU A 1 65  ? -12.139 -1.626  -11.933 1.00 56.52 ? 65  GLU A OE1 1 
ATOM   516  O  OE2 . GLU A 1 65  ? -12.283 -3.770  -11.406 1.00 48.21 ? 65  GLU A OE2 1 
ATOM   517  N  N   . ILE A 1 66  ? -9.939  -3.529  -6.434  1.00 35.00 ? 66  ILE A N   1 
ATOM   518  C  CA  . ILE A 1 66  ? -10.155 -2.928  -5.117  1.00 34.03 ? 66  ILE A CA  1 
ATOM   519  C  C   . ILE A 1 66  ? -8.812  -2.625  -4.447  1.00 36.25 ? 66  ILE A C   1 
ATOM   520  O  O   . ILE A 1 66  ? -8.598  -1.525  -3.921  1.00 31.88 ? 66  ILE A O   1 
ATOM   521  C  CB  . ILE A 1 66  ? -10.964 -3.851  -4.189  1.00 34.74 ? 66  ILE A CB  1 
ATOM   522  C  CG1 . ILE A 1 66  ? -12.356 -4.141  -4.777  1.00 40.82 ? 66  ILE A CG1 1 
ATOM   523  C  CG2 . ILE A 1 66  ? -11.085 -3.252  -2.803  1.00 30.01 ? 66  ILE A CG2 1 
ATOM   524  C  CD1 . ILE A 1 66  ? -13.037 -2.928  -5.312  1.00 39.00 ? 66  ILE A CD1 1 
ATOM   525  N  N   . TRP A 1 67  ? -7.906  -3.598  -4.450  1.00 29.65 ? 67  TRP A N   1 
ATOM   526  C  CA  . TRP A 1 67  ? -6.620  -3.385  -3.778  1.00 33.18 ? 67  TRP A CA  1 
ATOM   527  C  C   . TRP A 1 67  ? -5.837  -2.246  -4.413  1.00 32.95 ? 67  TRP A C   1 
ATOM   528  O  O   . TRP A 1 67  ? -5.172  -1.477  -3.722  1.00 28.81 ? 67  TRP A O   1 
ATOM   529  C  CB  . TRP A 1 67  ? -5.782  -4.661  -3.723  1.00 30.84 ? 67  TRP A CB  1 
ATOM   530  C  CG  . TRP A 1 67  ? -6.122  -5.535  -2.551  1.00 31.07 ? 67  TRP A CG  1 
ATOM   531  C  CD1 . TRP A 1 67  ? -6.705  -6.783  -2.590  1.00 30.28 ? 67  TRP A CD1 1 
ATOM   532  C  CD2 . TRP A 1 67  ? -5.918  -5.234  -1.163  1.00 30.61 ? 67  TRP A CD2 1 
ATOM   533  N  NE1 . TRP A 1 67  ? -6.879  -7.263  -1.309  1.00 31.72 ? 67  TRP A NE1 1 
ATOM   534  C  CE2 . TRP A 1 67  ? -6.395  -6.337  -0.417  1.00 34.03 ? 67  TRP A CE2 1 
ATOM   535  C  CE3 . TRP A 1 67  ? -5.384  -4.128  -0.472  1.00 28.54 ? 67  TRP A CE3 1 
ATOM   536  C  CZ2 . TRP A 1 67  ? -6.347  -6.375  0.981   1.00 35.03 ? 67  TRP A CZ2 1 
ATOM   537  C  CZ3 . TRP A 1 67  ? -5.332  -4.173  0.919   1.00 31.35 ? 67  TRP A CZ3 1 
ATOM   538  C  CH2 . TRP A 1 67  ? -5.813  -5.283  1.627   1.00 32.60 ? 67  TRP A CH2 1 
ATOM   539  N  N   . ARG A 1 68  ? -5.907  -2.153  -5.736  1.00 29.20 ? 68  ARG A N   1 
ATOM   540  C  CA  . ARG A 1 68  ? -5.240  -1.076  -6.451  1.00 32.07 ? 68  ARG A CA  1 
ATOM   541  C  C   . ARG A 1 68  ? -5.816  0.279   -6.055  1.00 32.96 ? 68  ARG A C   1 
ATOM   542  O  O   . ARG A 1 68  ? -5.081  1.216   -5.816  1.00 27.14 ? 68  ARG A O   1 
ATOM   543  C  CB  . ARG A 1 68  ? -5.394  -1.275  -7.968  1.00 33.75 ? 68  ARG A CB  1 
ATOM   544  C  CG  . ARG A 1 68  ? -4.591  -0.282  -8.782  1.00 36.69 ? 68  ARG A CG  1 
ATOM   545  C  CD  . ARG A 1 68  ? -3.119  -0.623  -8.717  1.00 33.46 ? 68  ARG A CD  1 
ATOM   546  N  NE  . ARG A 1 68  ? -2.400  -0.086  -9.867  1.00 42.06 ? 68  ARG A NE  1 
ATOM   547  C  CZ  . ARG A 1 68  ? -1.957  -0.820  -10.886 1.00 38.23 ? 68  ARG A CZ  1 
ATOM   548  N  NH1 . ARG A 1 68  ? -2.149  -2.137  -10.905 1.00 41.16 ? 68  ARG A NH1 1 
ATOM   549  N  NH2 . ARG A 1 68  ? -1.311  -0.232  -11.879 1.00 37.72 ? 68  ARG A NH2 1 
ATOM   550  N  N   . GLU A 1 69  ? -7.144  0.387   -6.010  1.00 32.07 ? 69  GLU A N   1 
ATOM   551  C  CA  . GLU A 1 69  ? -7.778  1.649   -5.623  1.00 33.01 ? 69  GLU A CA  1 
ATOM   552  C  C   . GLU A 1 69  ? -7.514  2.001   -4.162  1.00 31.77 ? 69  GLU A C   1 
ATOM   553  O  O   . GLU A 1 69  ? -7.298  3.168   -3.816  1.00 33.04 ? 69  GLU A O   1 
ATOM   554  C  CB  . GLU A 1 69  ? -9.286  1.606   -5.911  1.00 34.90 ? 69  GLU A CB  1 
ATOM   555  C  CG  . GLU A 1 69  ? -9.609  1.722   -7.384  1.00 38.64 ? 69  GLU A CG  1 
ATOM   556  C  CD  . GLU A 1 69  ? -11.082 1.473   -7.696  1.00 45.59 ? 69  GLU A CD  1 
ATOM   557  O  OE1 . GLU A 1 69  ? -11.399 1.347   -8.899  1.00 44.19 ? 69  GLU A OE1 1 
ATOM   558  O  OE2 . GLU A 1 69  ? -11.906 1.383   -6.749  1.00 39.71 ? 69  GLU A OE2 1 
ATOM   559  N  N   . VAL A 1 70  ? -7.522  0.992   -3.299  1.00 34.35 ? 70  VAL A N   1 
ATOM   560  C  CA  . VAL A 1 70  ? -7.198  1.194   -1.887  1.00 31.97 ? 70  VAL A CA  1 
ATOM   561  C  C   . VAL A 1 70  ? -5.739  1.634   -1.690  1.00 32.25 ? 70  VAL A C   1 
ATOM   562  O  O   . VAL A 1 70  ? -5.438  2.500   -0.857  1.00 32.05 ? 70  VAL A O   1 
ATOM   563  C  CB  . VAL A 1 70  ? -7.491  -0.085  -1.062  1.00 31.27 ? 70  VAL A CB  1 
ATOM   564  C  CG1 . VAL A 1 70  ? -6.905  0.037   0.362   1.00 32.99 ? 70  VAL A CG1 1 
ATOM   565  C  CG2 . VAL A 1 70  ? -8.989  -0.331  -1.008  1.00 30.60 ? 70  VAL A CG2 1 
ATOM   566  N  N   . GLY A 1 71  ? -4.822  1.049   -2.456  1.00 32.19 ? 71  GLY A N   1 
ATOM   567  C  CA  . GLY A 1 71  ? -3.424  1.476   -2.388  1.00 29.85 ? 71  GLY A CA  1 
ATOM   568  C  C   . GLY A 1 71  ? -3.277  2.942   -2.773  1.00 31.57 ? 71  GLY A C   1 
ATOM   569  O  O   . GLY A 1 71  ? -2.585  3.713   -2.082  1.00 31.32 ? 71  GLY A O   1 
ATOM   570  N  N   . ARG A 1 72  ? -3.927  3.339   -3.867  1.00 30.00 ? 72  ARG A N   1 
ATOM   571  C  CA  . ARG A 1 72  ? -3.896  4.734   -4.314  1.00 31.01 ? 72  ARG A CA  1 
ATOM   572  C  C   . ARG A 1 72  ? -4.452  5.667   -3.244  1.00 34.75 ? 72  ARG A C   1 
ATOM   573  O  O   . ARG A 1 72  ? -3.837  6.675   -2.902  1.00 34.12 ? 72  ARG A O   1 
ATOM   574  C  CB  . ARG A 1 72  ? -4.706  4.924   -5.601  1.00 34.13 ? 72  ARG A CB  1 
ATOM   575  C  CG  . ARG A 1 72  ? -4.062  4.337   -6.851  1.00 35.66 ? 72  ARG A CG  1 
ATOM   576  C  CD  . ARG A 1 72  ? -5.032  4.407   -8.028  1.00 41.08 ? 72  ARG A CD  1 
ATOM   577  N  NE  . ARG A 1 72  ? -4.486  3.781   -9.230  1.00 44.11 ? 72  ARG A NE  1 
ATOM   578  C  CZ  . ARG A 1 72  ? -5.225  3.242   -10.194 1.00 45.97 ? 72  ARG A CZ  1 
ATOM   579  N  NH1 . ARG A 1 72  ? -6.549  3.236   -10.098 1.00 47.82 ? 72  ARG A NH1 1 
ATOM   580  N  NH2 . ARG A 1 72  ? -4.638  2.700   -11.256 1.00 42.57 ? 72  ARG A NH2 1 
ATOM   581  N  N   . GLN A 1 73  ? -5.614  5.325   -2.705  1.00 30.49 ? 73  GLN A N   1 
ATOM   582  C  CA  . GLN A 1 73  ? -6.280  6.225   -1.767  1.00 32.44 ? 73  GLN A CA  1 
ATOM   583  C  C   . GLN A 1 73  ? -5.643  6.206   -0.375  1.00 34.19 ? 73  GLN A C   1 
ATOM   584  O  O   . GLN A 1 73  ? -5.714  7.195   0.371   1.00 34.69 ? 73  GLN A O   1 
ATOM   585  C  CB  . GLN A 1 73  ? -7.772  5.886   -1.695  1.00 32.53 ? 73  GLN A CB  1 
ATOM   586  C  CG  . GLN A 1 73  ? -8.592  6.760   -0.754  1.00 38.27 ? 73  GLN A CG  1 
ATOM   587  C  CD  . GLN A 1 73  ? -8.673  8.218   -1.198  1.00 45.34 ? 73  GLN A CD  1 
ATOM   588  O  OE1 . GLN A 1 73  ? -8.822  9.117   -0.366  1.00 45.66 ? 73  GLN A OE1 1 
ATOM   589  N  NE2 . GLN A 1 73  ? -8.572  8.456   -2.503  1.00 32.75 ? 73  GLN A NE2 1 
ATOM   590  N  N   . ASN A 1 74  ? -5.006  5.096   -0.020  1.00 30.47 ? 74  ASN A N   1 
ATOM   591  C  CA  . ASN A 1 74  ? -4.507  4.950   1.336   1.00 30.85 ? 74  ASN A CA  1 
ATOM   592  C  C   . ASN A 1 74  ? -3.368  5.908   1.613   1.00 32.85 ? 74  ASN A C   1 
ATOM   593  O  O   . ASN A 1 74  ? -3.083  6.177   2.761   1.00 29.55 ? 74  ASN A O   1 
ATOM   594  C  CB  . ASN A 1 74  ? -4.075  3.512   1.685   1.00 28.00 ? 74  ASN A CB  1 
ATOM   595  C  CG  . ASN A 1 74  ? -4.289  3.187   3.164   1.00 32.21 ? 74  ASN A CG  1 
ATOM   596  O  OD1 . ASN A 1 74  ? -5.313  3.541   3.746   1.00 36.92 ? 74  ASN A OD1 1 
ATOM   597  N  ND2 . ASN A 1 74  ? -3.340  2.508   3.766   1.00 31.89 ? 74  ASN A ND2 1 
ATOM   598  N  N   . ILE A 1 75  ? -2.723  6.411   0.561   1.00 33.99 ? 75  ILE A N   1 
ATOM   599  C  CA  . ILE A 1 75  ? -1.664  7.403   0.728   1.00 31.53 ? 75  ILE A CA  1 
ATOM   600  C  C   . ILE A 1 75  ? -2.214  8.683   1.367   1.00 32.07 ? 75  ILE A C   1 
ATOM   601  O  O   . ILE A 1 75  ? -1.557  9.294   2.199   1.00 33.85 ? 75  ILE A O   1 
ATOM   602  C  CB  . ILE A 1 75  ? -0.968  7.744   -0.617  1.00 31.34 ? 75  ILE A CB  1 
ATOM   603  C  CG1 . ILE A 1 75  ? -0.207  6.517   -1.155  1.00 29.45 ? 75  ILE A CG1 1 
ATOM   604  C  CG2 . ILE A 1 75  ? -0.003  8.932   -0.446  1.00 31.84 ? 75  ILE A CG2 1 
ATOM   605  C  CD1 . ILE A 1 75  ? 0.979   6.090   -0.297  1.00 31.12 ? 75  ILE A CD1 1 
ATOM   606  N  N   . LYS A 1 76  ? -3.406  9.092   0.957   1.00 30.62 ? 76  LYS A N   1 
ATOM   607  C  CA  . LYS A 1 76  ? -4.055  10.246  1.558   1.00 34.67 ? 76  LYS A CA  1 
ATOM   608  C  C   . LYS A 1 76  ? -4.293  10.008  3.044   1.00 33.92 ? 76  LYS A C   1 
ATOM   609  O  O   . LYS A 1 76  ? -3.974  10.853  3.871   1.00 32.86 ? 76  LYS A O   1 
ATOM   610  C  CB  . LYS A 1 76  ? -5.375  10.566  0.854   1.00 38.10 ? 76  LYS A CB  1 
ATOM   611  C  CG  . LYS A 1 76  ? -5.868  11.986  1.137   1.00 46.16 ? 76  LYS A CG  1 
ATOM   612  C  CD  . LYS A 1 76  ? -7.215  12.001  1.837   1.00 51.63 ? 76  LYS A CD  1 
ATOM   613  C  CE  . LYS A 1 76  ? -8.328  12.437  0.885   1.00 54.43 ? 76  LYS A CE  1 
ATOM   614  N  NZ  . LYS A 1 76  ? -8.036  13.777  0.276   1.00 58.77 ? 76  LYS A NZ  1 
ATOM   615  N  N   . THR A 1 77  ? -4.843  8.846   3.387   1.00 31.11 ? 77  THR A N   1 
ATOM   616  C  CA  . THR A 1 77  ? -5.072  8.501   4.782   1.00 31.00 ? 77  THR A CA  1 
ATOM   617  C  C   . THR A 1 77  ? -3.754  8.538   5.563   1.00 32.97 ? 77  THR A C   1 
ATOM   618  O  O   . THR A 1 77  ? -3.661  9.158   6.646   1.00 31.34 ? 77  THR A O   1 
ATOM   619  C  CB  . THR A 1 77  ? -5.731  7.098   4.899   1.00 32.44 ? 77  THR A CB  1 
ATOM   620  O  OG1 . THR A 1 77  ? -6.947  7.078   4.140   1.00 38.64 ? 77  THR A OG1 1 
ATOM   621  C  CG2 . THR A 1 77  ? -6.039  6.786   6.340   1.00 33.77 ? 77  THR A CG2 1 
ATOM   622  N  N   . PHE A 1 78  ? -2.714  7.903   5.022   1.00 29.55 ? 78  PHE A N   1 
ATOM   623  C  CA  . PHE A 1 78  ? -1.392  8.017   5.651   1.00 29.00 ? 78  PHE A CA  1 
ATOM   624  C  C   . PHE A 1 78  ? -0.949  9.468   5.838   1.00 33.30 ? 78  PHE A C   1 
ATOM   625  O  O   . PHE A 1 78  ? -0.382  9.825   6.878   1.00 32.81 ? 78  PHE A O   1 
ATOM   626  C  CB  . PHE A 1 78  ? -0.326  7.312   4.825   1.00 31.74 ? 78  PHE A CB  1 
ATOM   627  C  CG  . PHE A 1 78  ? -0.302  5.828   5.023   1.00 29.62 ? 78  PHE A CG  1 
ATOM   628  C  CD1 . PHE A 1 78  ? -1.104  5.238   5.979   1.00 33.48 ? 78  PHE A CD1 1 
ATOM   629  C  CD2 . PHE A 1 78  ? 0.504   5.041   4.253   1.00 34.08 ? 78  PHE A CD2 1 
ATOM   630  C  CE1 . PHE A 1 78  ? -1.114  3.890   6.173   1.00 37.49 ? 78  PHE A CE1 1 
ATOM   631  C  CE2 . PHE A 1 78  ? 0.511   3.706   4.449   1.00 41.38 ? 78  PHE A CE2 1 
ATOM   632  C  CZ  . PHE A 1 78  ? -0.302  3.119   5.428   1.00 38.28 ? 78  PHE A CZ  1 
ATOM   633  N  N   . SER A 1 79  ? -1.149  10.294  4.820   1.00 32.47 ? 79  SER A N   1 
ATOM   634  C  CA  . SER A 1 79  ? -0.651  11.672  4.910   1.00 34.33 ? 79  SER A CA  1 
ATOM   635  C  C   . SER A 1 79  ? -1.361  12.429  6.035   1.00 36.12 ? 79  SER A C   1 
ATOM   636  O  O   . SER A 1 79  ? -0.814  13.378  6.610   1.00 34.33 ? 79  SER A O   1 
ATOM   637  C  CB  . SER A 1 79  ? -0.826  12.407  3.581   1.00 32.70 ? 79  SER A CB  1 
ATOM   638  O  OG  . SER A 1 79  ? -2.179  12.707  3.319   1.00 31.44 ? 79  SER A OG  1 
ATOM   639  N  N   . GLU A 1 80  ? -2.581  11.998  6.339   1.00 32.58 ? 80  GLU A N   1 
ATOM   640  C  CA  . GLU A 1 80  ? -3.401  12.603  7.396   1.00 31.99 ? 80  GLU A CA  1 
ATOM   641  C  C   . GLU A 1 80  ? -3.097  12.024  8.774   1.00 36.34 ? 80  GLU A C   1 
ATOM   642  O  O   . GLU A 1 80  ? -2.983  12.769  9.743   1.00 35.09 ? 80  GLU A O   1 
ATOM   643  C  CB  . GLU A 1 80  ? -4.887  12.444  7.068   1.00 31.98 ? 80  GLU A CB  1 
ATOM   644  C  CG  . GLU A 1 80  ? -5.268  13.129  5.767   1.00 33.26 ? 80  GLU A CG  1 
ATOM   645  C  CD  . GLU A 1 80  ? -6.724  13.016  5.466   1.00 38.15 ? 80  GLU A CD  1 
ATOM   646  O  OE1 . GLU A 1 80  ? -7.339  12.036  5.929   1.00 41.02 ? 80  GLU A OE1 1 
ATOM   647  O  OE2 . GLU A 1 80  ? -7.256  13.898  4.762   1.00 40.41 ? 80  GLU A OE2 1 
ATOM   648  N  N   . TRP A 1 81  ? -2.951  10.704  8.871   1.00 33.34 ? 81  TRP A N   1 
ATOM   649  C  CA  . TRP A 1 81  ? -2.709  10.064  10.168  1.00 33.81 ? 81  TRP A CA  1 
ATOM   650  C  C   . TRP A 1 81  ? -1.240  10.038  10.573  1.00 36.94 ? 81  TRP A C   1 
ATOM   651  O  O   . TRP A 1 81  ? -0.915  10.045  11.768  1.00 42.01 ? 81  TRP A O   1 
ATOM   652  C  CB  . TRP A 1 81  ? -3.270  8.628   10.181  1.00 34.20 ? 81  TRP A CB  1 
ATOM   653  C  CG  . TRP A 1 81  ? -4.764  8.576   10.190  1.00 33.87 ? 81  TRP A CG  1 
ATOM   654  C  CD1 . TRP A 1 81  ? -5.620  9.607   9.930   1.00 34.89 ? 81  TRP A CD1 1 
ATOM   655  C  CD2 . TRP A 1 81  ? -5.583  7.431   10.462  1.00 31.98 ? 81  TRP A CD2 1 
ATOM   656  N  NE1 . TRP A 1 81  ? -6.924  9.171   10.032  1.00 37.79 ? 81  TRP A NE1 1 
ATOM   657  C  CE2 . TRP A 1 81  ? -6.923  7.842   10.365  1.00 35.83 ? 81  TRP A CE2 1 
ATOM   658  C  CE3 . TRP A 1 81  ? -5.307  6.103   10.799  1.00 34.46 ? 81  TRP A CE3 1 
ATOM   659  C  CZ2 . TRP A 1 81  ? -7.990  6.969   10.580  1.00 38.34 ? 81  TRP A CZ2 1 
ATOM   660  C  CZ3 . TRP A 1 81  ? -6.364  5.243   11.021  1.00 32.09 ? 81  TRP A CZ3 1 
ATOM   661  C  CH2 . TRP A 1 81  ? -7.691  5.680   10.906  1.00 31.57 ? 81  TRP A CH2 1 
ATOM   662  N  N   . PHE A 1 82  ? -0.350  9.991   9.588   1.00 32.56 ? 82  PHE A N   1 
ATOM   663  C  CA  . PHE A 1 82  ? 1.080   9.907   9.862   1.00 34.76 ? 82  PHE A CA  1 
ATOM   664  C  C   . PHE A 1 82  ? 1.854   10.916  9.017   1.00 36.56 ? 82  PHE A C   1 
ATOM   665  O  O   . PHE A 1 82  ? 2.707   10.533  8.214   1.00 36.19 ? 82  PHE A O   1 
ATOM   666  C  CB  . PHE A 1 82  ? 1.584   8.492   9.574   1.00 34.36 ? 82  PHE A CB  1 
ATOM   667  C  CG  . PHE A 1 82  ? 0.770   7.422   10.240  1.00 40.78 ? 82  PHE A CG  1 
ATOM   668  C  CD1 . PHE A 1 82  ? -0.091  6.629   9.510   1.00 36.36 ? 82  PHE A CD1 1 
ATOM   669  C  CD2 . PHE A 1 82  ? 0.838   7.238   11.611  1.00 41.31 ? 82  PHE A CD2 1 
ATOM   670  C  CE1 . PHE A 1 82  ? -0.856  5.637   10.142  1.00 38.50 ? 82  PHE A CE1 1 
ATOM   671  C  CE2 . PHE A 1 82  ? 0.084   6.266   12.240  1.00 43.90 ? 82  PHE A CE2 1 
ATOM   672  C  CZ  . PHE A 1 82  ? -0.764  5.467   11.505  1.00 40.90 ? 82  PHE A CZ  1 
ATOM   673  N  N   . PRO A 1 83  ? 1.566   12.214  9.202   1.00 35.54 ? 83  PRO A N   1 
ATOM   674  C  CA  . PRO A 1 83  ? 2.135   13.244  8.323   1.00 36.05 ? 83  PRO A CA  1 
ATOM   675  C  C   . PRO A 1 83  ? 3.663   13.351  8.403   1.00 35.44 ? 83  PRO A C   1 
ATOM   676  O  O   . PRO A 1 83  ? 4.271   13.911  7.495   1.00 39.28 ? 83  PRO A O   1 
ATOM   677  C  CB  . PRO A 1 83  ? 1.462   14.541  8.807   1.00 37.44 ? 83  PRO A CB  1 
ATOM   678  C  CG  . PRO A 1 83  ? 1.090   14.281  10.226  1.00 35.91 ? 83  PRO A CG  1 
ATOM   679  C  CD  . PRO A 1 83  ? 0.743   12.794  10.281  1.00 37.06 ? 83  PRO A CD  1 
ATOM   680  N  N   . SER A 1 84  ? 4.284   12.798  9.438   1.00 32.77 ? 84  SER A N   1 
ATOM   681  C  CA  . SER A 1 84  ? 5.732   12.949  9.578   1.00 39.16 ? 84  SER A CA  1 
ATOM   682  C  C   . SER A 1 84  ? 6.511   12.329  8.417   1.00 42.52 ? 84  SER A C   1 
ATOM   683  O  O   . SER A 1 84  ? 7.609   12.782  8.083   1.00 34.96 ? 84  SER A O   1 
ATOM   684  C  CB  . SER A 1 84  ? 6.231   12.418  10.927  1.00 40.77 ? 84  SER A CB  1 
ATOM   685  O  OG  . SER A 1 84  ? 6.032   11.027  11.057  1.00 43.30 ? 84  SER A OG  1 
ATOM   686  N  N   . TYR A 1 85  ? 5.938   11.305  7.786   1.00 34.75 ? 85  TYR A N   1 
ATOM   687  C  CA  . TYR A 1 85  ? 6.614   10.636  6.679   1.00 37.35 ? 85  TYR A CA  1 
ATOM   688  C  C   . TYR A 1 85  ? 6.524   11.427  5.379   1.00 37.45 ? 85  TYR A C   1 
ATOM   689  O  O   . TYR A 1 85  ? 7.194   11.096  4.400   1.00 37.40 ? 85  TYR A O   1 
ATOM   690  C  CB  . TYR A 1 85  ? 6.013   9.232   6.459   1.00 36.47 ? 85  TYR A CB  1 
ATOM   691  C  CG  . TYR A 1 85  ? 6.197   8.291   7.631   1.00 34.78 ? 85  TYR A CG  1 
ATOM   692  C  CD1 . TYR A 1 85  ? 5.142   7.989   8.479   1.00 37.19 ? 85  TYR A CD1 1 
ATOM   693  C  CD2 . TYR A 1 85  ? 7.425   7.701   7.881   1.00 35.07 ? 85  TYR A CD2 1 
ATOM   694  C  CE1 . TYR A 1 85  ? 5.308   7.122   9.546   1.00 36.96 ? 85  TYR A CE1 1 
ATOM   695  C  CE2 . TYR A 1 85  ? 7.598   6.837   8.950   1.00 36.26 ? 85  TYR A CE2 1 
ATOM   696  C  CZ  . TYR A 1 85  ? 6.536   6.547   9.771   1.00 36.97 ? 85  TYR A CZ  1 
ATOM   697  O  OH  . TYR A 1 85  ? 6.705   5.680   10.834  1.00 40.74 ? 85  TYR A OH  1 
ATOM   698  N  N   . PHE A 1 86  ? 5.681   12.459  5.369   1.00 33.70 ? 86  PHE A N   1 
ATOM   699  C  CA  . PHE A 1 86  ? 5.364   13.202  4.152   1.00 39.06 ? 86  PHE A CA  1 
ATOM   700  C  C   . PHE A 1 86  ? 5.815   14.674  4.175   1.00 42.30 ? 86  PHE A C   1 
ATOM   701  O  O   . PHE A 1 86  ? 5.314   15.499  3.402   1.00 48.75 ? 86  PHE A O   1 
ATOM   702  C  CB  . PHE A 1 86  ? 3.855   13.161  3.900   1.00 40.53 ? 86  PHE A CB  1 
ATOM   703  C  CG  . PHE A 1 86  ? 3.314   11.781  3.683   1.00 37.75 ? 86  PHE A CG  1 
ATOM   704  C  CD1 . PHE A 1 86  ? 3.167   11.283  2.401   1.00 38.97 ? 86  PHE A CD1 1 
ATOM   705  C  CD2 . PHE A 1 86  ? 2.956   10.981  4.760   1.00 35.46 ? 86  PHE A CD2 1 
ATOM   706  C  CE1 . PHE A 1 86  ? 2.663   10.016  2.178   1.00 33.67 ? 86  PHE A CE1 1 
ATOM   707  C  CE2 . PHE A 1 86  ? 2.450   9.693   4.548   1.00 34.85 ? 86  PHE A CE2 1 
ATOM   708  C  CZ  . PHE A 1 86  ? 2.317   9.217   3.249   1.00 32.76 ? 86  PHE A CZ  1 
ATOM   709  N  N   . ALA A 1 87  ? 6.739   15.001  5.064   1.00 41.92 ? 87  ALA A N   1 
ATOM   710  C  CA  . ALA A 1 87  ? 7.235   16.371  5.175   1.00 46.74 ? 87  ALA A CA  1 
ATOM   711  C  C   . ALA A 1 87  ? 8.315   16.665  4.127   1.00 51.81 ? 87  ALA A C   1 
ATOM   712  O  O   . ALA A 1 87  ? 8.701   17.814  3.928   1.00 50.42 ? 87  ALA A O   1 
ATOM   713  C  CB  . ALA A 1 87  ? 7.771   16.616  6.573   1.00 47.49 ? 87  ALA A CB  1 
ATOM   714  N  N   . GLY A 1 88  ? 8.786   15.620  3.452   1.00 51.83 ? 88  GLY A N   1 
ATOM   715  C  CA  . GLY A 1 88  ? 9.829   15.756  2.447   1.00 46.84 ? 88  GLY A CA  1 
ATOM   716  C  C   . GLY A 1 88  ? 9.344   16.501  1.223   1.00 49.52 ? 88  GLY A C   1 
ATOM   717  O  O   . GLY A 1 88  ? 8.155   16.763  1.078   1.00 52.64 ? 88  GLY A O   1 
ATOM   718  N  N   . ARG A 1 89  ? 10.262  16.840  0.330   1.00 50.70 ? 89  ARG A N   1 
ATOM   719  C  CA  . ARG A 1 89  ? 9.910   17.666  -0.821  1.00 52.90 ? 89  ARG A CA  1 
ATOM   720  C  C   . ARG A 1 89  ? 9.814   16.905  -2.142  1.00 51.69 ? 89  ARG A C   1 
ATOM   721  O  O   . ARG A 1 89  ? 9.212   17.407  -3.100  1.00 51.60 ? 89  ARG A O   1 
ATOM   722  C  CB  . ARG A 1 89  ? 10.874  18.849  -0.955  1.00 55.39 ? 89  ARG A CB  1 
ATOM   723  C  CG  . ARG A 1 89  ? 10.689  19.885  0.154   1.00 68.21 ? 89  ARG A CG  1 
ATOM   724  C  CD  . ARG A 1 89  ? 11.569  21.116  -0.039  1.00 76.41 ? 89  ARG A CD  1 
ATOM   725  N  NE  . ARG A 1 89  ? 11.408  22.055  1.069   1.00 80.68 ? 89  ARG A NE  1 
ATOM   726  C  CZ  . ARG A 1 89  ? 12.133  23.158  1.234   1.00 84.97 ? 89  ARG A CZ  1 
ATOM   727  N  NH1 . ARG A 1 89  ? 13.079  23.473  0.357   1.00 84.71 ? 89  ARG A NH1 1 
ATOM   728  N  NH2 . ARG A 1 89  ? 11.911  23.949  2.278   1.00 84.51 ? 89  ARG A NH2 1 
ATOM   729  N  N   . ARG A 1 90  ? 10.391  15.707  -2.212  1.00 40.21 ? 90  ARG A N   1 
ATOM   730  C  CA  . ARG A 1 90  ? 10.392  14.998  -3.489  1.00 42.61 ? 90  ARG A CA  1 
ATOM   731  C  C   . ARG A 1 90  ? 9.907   13.564  -3.380  1.00 34.78 ? 90  ARG A C   1 
ATOM   732  O  O   . ARG A 1 90  ? 10.302  12.821  -2.487  1.00 32.26 ? 90  ARG A O   1 
ATOM   733  C  CB  . ARG A 1 90  ? 11.778  14.973  -4.120  1.00 40.05 ? 90  ARG A CB  1 
ATOM   734  C  CG  . ARG A 1 90  ? 12.510  16.282  -4.141  1.00 46.86 ? 90  ARG A CG  1 
ATOM   735  C  CD  . ARG A 1 90  ? 13.991  15.994  -4.335  1.00 46.43 ? 90  ARG A CD  1 
ATOM   736  N  NE  . ARG A 1 90  ? 14.326  15.773  -5.736  1.00 44.30 ? 90  ARG A NE  1 
ATOM   737  C  CZ  . ARG A 1 90  ? 15.400  15.114  -6.161  1.00 41.80 ? 90  ARG A CZ  1 
ATOM   738  N  NH1 . ARG A 1 90  ? 16.253  14.566  -5.294  1.00 41.83 ? 90  ARG A NH1 1 
ATOM   739  N  NH2 . ARG A 1 90  ? 15.614  14.994  -7.461  1.00 38.94 ? 90  ARG A NH2 1 
ATOM   740  N  N   . LEU A 1 91  ? 9.070   13.182  -4.329  1.00 35.04 ? 91  LEU A N   1 
ATOM   741  C  CA  . LEU A 1 91  ? 8.631   11.809  -4.460  1.00 33.08 ? 91  LEU A CA  1 
ATOM   742  C  C   . LEU A 1 91  ? 9.810   10.840  -4.513  1.00 33.59 ? 91  LEU A C   1 
ATOM   743  O  O   . LEU A 1 91  ? 9.794   9.802   -3.854  1.00 33.18 ? 91  LEU A O   1 
ATOM   744  C  CB  . LEU A 1 91  ? 7.801   11.672  -5.731  1.00 32.36 ? 91  LEU A CB  1 
ATOM   745  C  CG  . LEU A 1 91  ? 7.373   10.245  -6.050  1.00 33.49 ? 91  LEU A CG  1 
ATOM   746  C  CD1 . LEU A 1 91  ? 6.530   9.710   -4.897  1.00 32.90 ? 91  LEU A CD1 1 
ATOM   747  C  CD2 . LEU A 1 91  ? 6.612   10.210  -7.374  1.00 33.96 ? 91  LEU A CD2 1 
ATOM   748  N  N   . VAL A 1 92  ? 10.834  11.159  -5.304  1.00 34.41 ? 92  VAL A N   1 
ATOM   749  C  CA  . VAL A 1 92  ? 11.964  10.235  -5.443  1.00 33.48 ? 92  VAL A CA  1 
ATOM   750  C  C   . VAL A 1 92  ? 12.588  9.870   -4.091  1.00 35.78 ? 92  VAL A C   1 
ATOM   751  O  O   . VAL A 1 92  ? 12.864  8.703   -3.828  1.00 32.14 ? 92  VAL A O   1 
ATOM   752  C  CB  . VAL A 1 92  ? 13.035  10.713  -6.458  1.00 35.49 ? 92  VAL A CB  1 
ATOM   753  C  CG1 . VAL A 1 92  ? 13.824  11.918  -5.918  1.00 38.93 ? 92  VAL A CG1 1 
ATOM   754  C  CG2 . VAL A 1 92  ? 13.987  9.533   -6.821  1.00 33.50 ? 92  VAL A CG2 1 
ATOM   755  N  N   . ASN A 1 93  ? 12.774  10.848  -3.210  1.00 33.56 ? 93  ASN A N   1 
ATOM   756  C  CA  . ASN A 1 93  ? 13.376  10.555  -1.907  1.00 31.64 ? 93  ASN A CA  1 
ATOM   757  C  C   . ASN A 1 93  ? 12.436  9.805   -0.979  1.00 33.45 ? 93  ASN A C   1 
ATOM   758  O  O   . ASN A 1 93  ? 12.866  8.936   -0.228  1.00 33.96 ? 93  ASN A O   1 
ATOM   759  C  CB  . ASN A 1 93  ? 13.866  11.838  -1.224  1.00 37.26 ? 93  ASN A CB  1 
ATOM   760  C  CG  . ASN A 1 93  ? 14.969  12.508  -2.008  1.00 39.83 ? 93  ASN A CG  1 
ATOM   761  O  OD1 . ASN A 1 93  ? 16.153  12.195  -1.847  1.00 43.34 ? 93  ASN A OD1 1 
ATOM   762  N  ND2 . ASN A 1 93  ? 14.584  13.401  -2.899  1.00 37.51 ? 93  ASN A ND2 1 
ATOM   763  N  N   . PHE A 1 94  ? 11.156  10.158  -1.027  1.00 31.84 ? 94  PHE A N   1 
ATOM   764  C  CA  . PHE A 1 94  ? 10.124  9.397   -0.332  1.00 31.29 ? 94  PHE A CA  1 
ATOM   765  C  C   . PHE A 1 94  ? 10.230  7.904   -0.708  1.00 29.77 ? 94  PHE A C   1 
ATOM   766  O  O   . PHE A 1 94  ? 10.317  7.035   0.162   1.00 32.94 ? 94  PHE A O   1 
ATOM   767  C  CB  . PHE A 1 94  ? 8.746   9.958   -0.691  1.00 34.16 ? 94  PHE A CB  1 
ATOM   768  C  CG  . PHE A 1 94  ? 7.592   9.215   -0.056  1.00 32.12 ? 94  PHE A CG  1 
ATOM   769  C  CD1 . PHE A 1 94  ? 7.197   9.502   1.249   1.00 30.67 ? 94  PHE A CD1 1 
ATOM   770  C  CD2 . PHE A 1 94  ? 6.905   8.240   -0.768  1.00 34.44 ? 94  PHE A CD2 1 
ATOM   771  C  CE1 . PHE A 1 94  ? 6.145   8.821   1.847   1.00 34.11 ? 94  PHE A CE1 1 
ATOM   772  C  CE2 . PHE A 1 94  ? 5.829   7.548   -0.185  1.00 30.29 ? 94  PHE A CE2 1 
ATOM   773  C  CZ  . PHE A 1 94  ? 5.455   7.837   1.129   1.00 33.14 ? 94  PHE A CZ  1 
ATOM   774  N  N   . LEU A 1 95  ? 10.230  7.602   -1.998  1.00 32.99 ? 95  LEU A N   1 
ATOM   775  C  CA  . LEU A 1 95  ? 10.296  6.201   -2.422  1.00 32.24 ? 95  LEU A CA  1 
ATOM   776  C  C   . LEU A 1 95  ? 11.586  5.499   -1.992  1.00 33.26 ? 95  LEU A C   1 
ATOM   777  O  O   . LEU A 1 95  ? 11.564  4.337   -1.570  1.00 32.20 ? 95  LEU A O   1 
ATOM   778  C  CB  . LEU A 1 95  ? 10.100  6.091   -3.935  1.00 30.42 ? 95  LEU A CB  1 
ATOM   779  C  CG  . LEU A 1 95  ? 8.714   6.525   -4.399  1.00 30.36 ? 95  LEU A CG  1 
ATOM   780  C  CD1 . LEU A 1 95  ? 8.653   6.604   -5.904  1.00 30.76 ? 95  LEU A CD1 1 
ATOM   781  C  CD2 . LEU A 1 95  ? 7.638   5.569   -3.851  1.00 32.69 ? 95  LEU A CD2 1 
ATOM   782  N  N   . MET A 1 96  ? 12.707  6.197   -2.116  1.00 33.64 ? 96  MET A N   1 
ATOM   783  C  CA  . MET A 1 96  ? 14.011  5.636   -1.764  1.00 33.41 ? 96  MET A CA  1 
ATOM   784  C  C   . MET A 1 96  ? 14.134  5.295   -0.288  1.00 33.45 ? 96  MET A C   1 
ATOM   785  O  O   . MET A 1 96  ? 14.946  4.456   0.092   1.00 32.94 ? 96  MET A O   1 
ATOM   786  C  CB  . MET A 1 96  ? 15.129  6.629   -2.099  1.00 34.89 ? 96  MET A CB  1 
ATOM   787  C  CG  . MET A 1 96  ? 15.049  7.225   -3.468  1.00 45.07 ? 96  MET A CG  1 
ATOM   788  S  SD  . MET A 1 96  ? 16.437  6.733   -4.473  1.00 59.79 ? 96  MET A SD  1 
ATOM   789  C  CE  . MET A 1 96  ? 16.159  5.013   -4.376  1.00 26.46 ? 96  MET A CE  1 
ATOM   790  N  N   . MET A 1 97  ? 13.370  5.974   0.559   1.00 31.12 ? 97  MET A N   1 
ATOM   791  C  CA  . MET A 1 97  ? 13.476  5.725   1.988   1.00 32.23 ? 97  MET A CA  1 
ATOM   792  C  C   . MET A 1 97  ? 12.430  4.752   2.504   1.00 31.51 ? 97  MET A C   1 
ATOM   793  O  O   . MET A 1 97  ? 12.380  4.464   3.704   1.00 32.74 ? 97  MET A O   1 
ATOM   794  C  CB  . MET A 1 97  ? 13.395  7.053   2.774   1.00 35.46 ? 97  MET A CB  1 
ATOM   795  C  CG  . MET A 1 97  ? 11.991  7.633   2.849   1.00 37.54 ? 97  MET A CG  1 
ATOM   796  S  SD  . MET A 1 97  ? 11.934  9.310   3.570   1.00 50.48 ? 97  MET A SD  1 
ATOM   797  C  CE  . MET A 1 97  ? 10.190  9.367   4.048   1.00 41.28 ? 97  MET A CE  1 
ATOM   798  N  N   . MET A 1 98  ? 11.594  4.219   1.613   1.00 30.14 ? 98  MET A N   1 
ATOM   799  C  CA  . MET A 1 98  ? 10.511  3.366   2.088   1.00 29.04 ? 98  MET A CA  1 
ATOM   800  C  C   . MET A 1 98  ? 11.005  2.065   2.724   1.00 27.92 ? 98  MET A C   1 
ATOM   801  O  O   . MET A 1 98  ? 10.480  1.633   3.748   1.00 31.50 ? 98  MET A O   1 
ATOM   802  C  CB  . MET A 1 98  ? 9.475   3.098   0.983   1.00 29.84 ? 98  MET A CB  1 
ATOM   803  C  CG  . MET A 1 98  ? 8.489   4.250   0.775   1.00 30.35 ? 98  MET A CG  1 
ATOM   804  S  SD  . MET A 1 98  ? 7.552   4.632   2.275   1.00 34.63 ? 98  MET A SD  1 
ATOM   805  C  CE  . MET A 1 98  ? 8.330   6.173   2.774   1.00 34.08 ? 98  MET A CE  1 
ATOM   806  N  N   . ASP A 1 99  ? 12.006  1.432   2.131   1.00 28.76 ? 99  ASP A N   1 
ATOM   807  C  CA  . ASP A 1 99  ? 12.510  0.200   2.720   1.00 30.61 ? 99  ASP A CA  1 
ATOM   808  C  C   . ASP A 1 99  ? 12.982  0.455   4.158   1.00 32.43 ? 99  ASP A C   1 
ATOM   809  O  O   . ASP A 1 99  ? 12.702  -0.322  5.067   1.00 32.55 ? 99  ASP A O   1 
ATOM   810  C  CB  . ASP A 1 99  ? 13.650  -0.387  1.890   1.00 31.97 ? 99  ASP A CB  1 
ATOM   811  C  CG  . ASP A 1 99  ? 14.094  -1.749  2.398   1.00 38.55 ? 99  ASP A CG  1 
ATOM   812  O  OD1 . ASP A 1 99  ? 15.279  -1.880  2.777   1.00 35.05 ? 99  ASP A OD1 1 
ATOM   813  O  OD2 . ASP A 1 99  ? 13.251  -2.686  2.442   1.00 32.99 ? 99  ASP A OD2 1 
ATOM   814  N  N   . GLU A 1 100 ? 13.702  1.548   4.362   1.00 33.13 ? 100 GLU A N   1 
ATOM   815  C  CA  . GLU A 1 100 ? 14.170  1.888   5.708   1.00 35.46 ? 100 GLU A CA  1 
ATOM   816  C  C   . GLU A 1 100 ? 13.005  2.142   6.655   1.00 36.24 ? 100 GLU A C   1 
ATOM   817  O  O   . GLU A 1 100 ? 13.002  1.646   7.787   1.00 36.66 ? 100 GLU A O   1 
ATOM   818  C  CB  . GLU A 1 100 ? 15.103  3.104   5.665   1.00 38.33 ? 100 GLU A CB  1 
ATOM   819  C  CG  . GLU A 1 100 ? 15.717  3.466   7.014   1.00 49.88 ? 100 GLU A CG  1 
ATOM   820  C  CD  . GLU A 1 100 ? 16.692  4.638   6.907   1.00 63.48 ? 100 GLU A CD  1 
ATOM   821  O  OE1 . GLU A 1 100 ? 16.838  5.192   5.791   1.00 69.70 ? 100 GLU A OE1 1 
ATOM   822  O  OE2 . GLU A 1 100 ? 17.314  5.006   7.935   1.00 70.53 ? 100 GLU A OE2 1 
ATOM   823  N  N   . VAL A 1 101 ? 12.025  2.925   6.199   1.00 33.56 ? 101 VAL A N   1 
ATOM   824  C  CA  . VAL A 1 101 ? 10.838  3.229   7.006   1.00 34.37 ? 101 VAL A CA  1 
ATOM   825  C  C   . VAL A 1 101 ? 10.150  1.937   7.466   1.00 37.28 ? 101 VAL A C   1 
ATOM   826  O  O   . VAL A 1 101 ? 9.765   1.792   8.634   1.00 31.41 ? 101 VAL A O   1 
ATOM   827  C  CB  . VAL A 1 101 ? 9.829   4.114   6.215   1.00 34.35 ? 101 VAL A CB  1 
ATOM   828  C  CG1 . VAL A 1 101 ? 8.453   4.129   6.894   1.00 37.39 ? 101 VAL A CG1 1 
ATOM   829  C  CG2 . VAL A 1 101 ? 10.369  5.537   6.029   1.00 33.51 ? 101 VAL A CG2 1 
ATOM   830  N  N   . HIS A 1 102 ? 10.000  0.983   6.551   1.00 33.75 ? 102 HIS A N   1 
ATOM   831  C  CA  . HIS A 1 102 ? 9.350   -0.276  6.908   1.00 34.75 ? 102 HIS A CA  1 
ATOM   832  C  C   . HIS A 1 102 ? 10.234  -1.143  7.827   1.00 33.41 ? 102 HIS A C   1 
ATOM   833  O  O   . HIS A 1 102 ? 9.728   -1.791  8.743   1.00 36.50 ? 102 HIS A O   1 
ATOM   834  C  CB  . HIS A 1 102 ? 8.885   -1.049  5.654   1.00 32.85 ? 102 HIS A CB  1 
ATOM   835  C  CG  . HIS A 1 102 ? 7.675   -0.455  4.994   1.00 30.26 ? 102 HIS A CG  1 
ATOM   836  N  ND1 . HIS A 1 102 ? 7.700   0.760   4.340   1.00 35.11 ? 102 HIS A ND1 1 
ATOM   837  C  CD2 . HIS A 1 102 ? 6.407   -0.913  4.889   1.00 36.09 ? 102 HIS A CD2 1 
ATOM   838  C  CE1 . HIS A 1 102 ? 6.496   1.026   3.864   1.00 36.76 ? 102 HIS A CE1 1 
ATOM   839  N  NE2 . HIS A 1 102 ? 5.693   0.021   4.174   1.00 35.22 ? 102 HIS A NE2 1 
ATOM   840  N  N   . LEU A 1 103 ? 11.544  -1.147  7.597   1.00 35.21 ? 103 LEU A N   1 
ATOM   841  C  CA  . LEU A 1 103 ? 12.459  -1.831  8.514   1.00 39.68 ? 103 LEU A CA  1 
ATOM   842  C  C   . LEU A 1 103 ? 12.344  -1.274  9.940   1.00 40.22 ? 103 LEU A C   1 
ATOM   843  O  O   . LEU A 1 103 ? 12.398  -2.025  10.919  1.00 41.08 ? 103 LEU A O   1 
ATOM   844  C  CB  . LEU A 1 103 ? 13.902  -1.731  8.028   1.00 38.50 ? 103 LEU A CB  1 
ATOM   845  C  CG  . LEU A 1 103 ? 14.324  -2.665  6.890   1.00 41.16 ? 103 LEU A CG  1 
ATOM   846  C  CD1 . LEU A 1 103 ? 15.700  -2.288  6.387   1.00 40.45 ? 103 LEU A CD1 1 
ATOM   847  C  CD2 . LEU A 1 103 ? 14.291  -4.126  7.324   1.00 41.49 ? 103 LEU A CD2 1 
ATOM   848  N  N   . GLN A 1 104 ? 12.182  0.042   10.047  1.00 40.29 ? 104 GLN A N   1 
ATOM   849  C  CA  . GLN A 1 104 ? 12.046  0.705   11.347  1.00 42.81 ? 104 GLN A CA  1 
ATOM   850  C  C   . GLN A 1 104 ? 10.718  0.380   12.009  1.00 45.48 ? 104 GLN A C   1 
ATOM   851  O  O   . GLN A 1 104 ? 10.639  0.279   13.228  1.00 43.92 ? 104 GLN A O   1 
ATOM   852  C  CB  . GLN A 1 104 ? 12.166  2.223   11.195  1.00 41.01 ? 104 GLN A CB  1 
ATOM   853  C  CG  . GLN A 1 104 ? 13.547  2.701   10.758  1.00 49.42 ? 104 GLN A CG  1 
ATOM   854  C  CD  . GLN A 1 104 ? 13.611  4.215   10.551  1.00 59.49 ? 104 GLN A CD  1 
ATOM   855  O  OE1 . GLN A 1 104 ? 12.576  4.882   10.392  1.00 59.69 ? 104 GLN A OE1 1 
ATOM   856  N  NE2 . GLN A 1 104 ? 14.832  4.766   10.546  1.00 61.21 ? 104 GLN A NE2 1 
ATOM   857  N  N   . LEU A 1 105 ? 9.664   0.244   11.208  1.00 42.48 ? 105 LEU A N   1 
ATOM   858  C  CA  . LEU A 1 105 ? 8.371   -0.150  11.748  1.00 43.59 ? 105 LEU A CA  1 
ATOM   859  C  C   . LEU A 1 105 ? 8.486   -1.519  12.374  1.00 44.96 ? 105 LEU A C   1 
ATOM   860  O  O   . LEU A 1 105 ? 7.912   -1.788  13.429  1.00 49.41 ? 105 LEU A O   1 
ATOM   861  C  CB  . LEU A 1 105 ? 7.292   -0.154  10.659  1.00 45.83 ? 105 LEU A CB  1 
ATOM   862  C  CG  . LEU A 1 105 ? 6.459   1.124   10.549  1.00 47.06 ? 105 LEU A CG  1 
ATOM   863  C  CD1 . LEU A 1 105 ? 7.004   2.211   11.450  1.00 52.23 ? 105 LEU A CD1 1 
ATOM   864  C  CD2 . LEU A 1 105 ? 6.404   1.603   9.112   1.00 46.24 ? 105 LEU A CD2 1 
ATOM   865  N  N   . THR A 1 106 ? 9.230   -2.393  11.712  1.00 44.74 ? 106 THR A N   1 
ATOM   866  C  CA  . THR A 1 106 ? 9.409   -3.745  12.203  1.00 46.38 ? 106 THR A CA  1 
ATOM   867  C  C   . THR A 1 106 ? 10.038  -3.707  13.599  1.00 52.02 ? 106 THR A C   1 
ATOM   868  O  O   . THR A 1 106 ? 9.542   -4.342  14.533  1.00 53.16 ? 106 THR A O   1 
ATOM   869  C  CB  . THR A 1 106 ? 10.284  -4.560  11.244  1.00 46.07 ? 106 THR A CB  1 
ATOM   870  O  OG1 . THR A 1 106 ? 9.689   -4.561  9.937   1.00 46.66 ? 106 THR A OG1 1 
ATOM   871  C  CG2 . THR A 1 106 ? 10.411  -5.990  11.721  1.00 52.02 ? 106 THR A CG2 1 
ATOM   872  N  N   . LYS A 1 107 ? 11.117  -2.940  13.743  1.00 50.26 ? 107 LYS A N   1 
ATOM   873  C  CA  . LYS A 1 107 ? 11.815  -2.824  15.023  1.00 53.01 ? 107 LYS A CA  1 
ATOM   874  C  C   . LYS A 1 107 ? 11.011  -2.087  16.107  1.00 55.54 ? 107 LYS A C   1 
ATOM   875  O  O   . LYS A 1 107 ? 11.182  -2.351  17.295  1.00 65.52 ? 107 LYS A O   1 
ATOM   876  C  CB  . LYS A 1 107 ? 13.176  -2.148  14.830  1.00 53.78 ? 107 LYS A CB  1 
ATOM   877  N  N   . MET A 1 108 ? 10.131  -1.174  15.705  1.00 54.71 ? 108 MET A N   1 
ATOM   878  C  CA  . MET A 1 108 ? 9.405   -0.342  16.662  1.00 53.12 ? 108 MET A CA  1 
ATOM   879  C  C   . MET A 1 108 ? 7.975   -0.813  16.926  1.00 58.69 ? 108 MET A C   1 
ATOM   880  O  O   . MET A 1 108 ? 7.308   -0.318  17.839  1.00 62.97 ? 108 MET A O   1 
ATOM   881  C  CB  . MET A 1 108 ? 9.388   1.114   16.191  1.00 54.78 ? 108 MET A CB  1 
ATOM   882  N  N   . ILE A 1 109 ? 7.496   -1.762  16.129  1.00 54.31 ? 109 ILE A N   1 
ATOM   883  C  CA  . ILE A 1 109 ? 6.138   -2.272  16.300  1.00 53.17 ? 109 ILE A CA  1 
ATOM   884  C  C   . ILE A 1 109 ? 6.123   -3.791  16.438  1.00 55.02 ? 109 ILE A C   1 
ATOM   885  O  O   . ILE A 1 109 ? 6.389   -4.524  15.475  1.00 52.09 ? 109 ILE A O   1 
ATOM   886  C  CB  . ILE A 1 109 ? 5.228   -1.850  15.141  1.00 53.81 ? 109 ILE A CB  1 
ATOM   887  C  CG1 . ILE A 1 109 ? 5.098   -0.324  15.098  1.00 54.00 ? 109 ILE A CG1 1 
ATOM   888  C  CG2 . ILE A 1 109 ? 3.859   -2.520  15.257  1.00 52.92 ? 109 ILE A CG2 1 
ATOM   889  C  CD1 . ILE A 1 109 ? 4.123   0.181   14.051  1.00 51.24 ? 109 ILE A CD1 1 
ATOM   890  N  N   . LYS A 1 110 ? 5.804   -4.262  17.639  1.00 52.35 ? 110 LYS A N   1 
ATOM   891  C  CA  . LYS A 1 110 ? 5.795   -5.698  17.915  1.00 55.21 ? 110 LYS A CA  1 
ATOM   892  C  C   . LYS A 1 110 ? 4.935   -6.489  16.923  1.00 49.13 ? 110 LYS A C   1 
ATOM   893  O  O   . LYS A 1 110 ? 3.723   -6.265  16.805  1.00 49.04 ? 110 LYS A O   1 
ATOM   894  C  CB  . LYS A 1 110 ? 5.333   -5.964  19.353  1.00 53.58 ? 110 LYS A CB  1 
ATOM   895  N  N   . GLY A 1 111 ? 5.572   -7.409  16.206  1.00 48.60 ? 111 GLY A N   1 
ATOM   896  C  CA  . GLY A 1 111 ? 4.862   -8.305  15.301  1.00 50.14 ? 111 GLY A CA  1 
ATOM   897  C  C   . GLY A 1 111 ? 4.635   -7.789  13.886  1.00 46.98 ? 111 GLY A C   1 
ATOM   898  O  O   . GLY A 1 111 ? 4.079   -8.501  13.045  1.00 46.39 ? 111 GLY A O   1 
ATOM   899  N  N   . ALA A 1 112 ? 5.061   -6.558  13.612  1.00 43.20 ? 112 ALA A N   1 
ATOM   900  C  CA  . ALA A 1 112 ? 4.926   -5.992  12.266  1.00 43.92 ? 112 ALA A CA  1 
ATOM   901  C  C   . ALA A 1 112 ? 5.798   -6.748  11.272  1.00 42.07 ? 112 ALA A C   1 
ATOM   902  O  O   . ALA A 1 112 ? 6.964   -7.003  11.545  1.00 39.13 ? 112 ALA A O   1 
ATOM   903  C  CB  . ALA A 1 112 ? 5.309   -4.513  12.270  1.00 42.75 ? 112 ALA A CB  1 
ATOM   904  N  N   . THR A 1 113 ? 5.239   -7.086  10.111  1.00 40.69 ? 113 THR A N   1 
ATOM   905  C  CA  . THR A 1 113 ? 6.007   -7.781  9.079   1.00 39.66 ? 113 THR A CA  1 
ATOM   906  C  C   . THR A 1 113 ? 5.812   -7.181  7.680   1.00 40.77 ? 113 THR A C   1 
ATOM   907  O  O   . THR A 1 113 ? 5.323   -7.848  6.786   1.00 39.89 ? 113 THR A O   1 
ATOM   908  C  CB  . THR A 1 113 ? 5.637   -9.281  9.029   1.00 45.72 ? 113 THR A CB  1 
ATOM   909  O  OG1 . THR A 1 113 ? 4.216   -9.421  8.877   1.00 46.80 ? 113 THR A OG1 1 
ATOM   910  C  CG2 . THR A 1 113 ? 6.083   -9.979  10.304  1.00 45.91 ? 113 THR A CG2 1 
ATOM   911  N  N   . PRO A 1 114 ? 6.213   -5.917  7.492   1.00 41.32 ? 114 PRO A N   1 
ATOM   912  C  CA  . PRO A 1 114 ? 6.076   -5.260  6.192   1.00 38.54 ? 114 PRO A CA  1 
ATOM   913  C  C   . PRO A 1 114 ? 7.053   -5.867  5.179   1.00 35.06 ? 114 PRO A C   1 
ATOM   914  O  O   . PRO A 1 114 ? 7.995   -6.553  5.562   1.00 37.77 ? 114 PRO A O   1 
ATOM   915  C  CB  . PRO A 1 114 ? 6.455   -3.808  6.500   1.00 35.52 ? 114 PRO A CB  1 
ATOM   916  C  CG  . PRO A 1 114 ? 7.456   -3.937  7.625   1.00 38.80 ? 114 PRO A CG  1 
ATOM   917  C  CD  . PRO A 1 114 ? 6.918   -5.071  8.472   1.00 42.79 ? 114 PRO A CD  1 
ATOM   918  N  N   . PRO A 1 115 ? 6.830   -5.621  3.883   1.00 31.79 ? 115 PRO A N   1 
ATOM   919  C  CA  . PRO A 1 115 ? 7.710   -6.199  2.859   1.00 32.59 ? 115 PRO A CA  1 
ATOM   920  C  C   . PRO A 1 115 ? 9.057   -5.472  2.787   1.00 33.66 ? 115 PRO A C   1 
ATOM   921  O  O   . PRO A 1 115 ? 9.192   -4.403  3.368   1.00 31.79 ? 115 PRO A O   1 
ATOM   922  C  CB  . PRO A 1 115 ? 6.926   -5.947  1.567   1.00 29.68 ? 115 PRO A CB  1 
ATOM   923  C  CG  . PRO A 1 115 ? 6.171   -4.673  1.852   1.00 30.15 ? 115 PRO A CG  1 
ATOM   924  C  CD  . PRO A 1 115 ? 5.791   -4.753  3.307   1.00 31.70 ? 115 PRO A CD  1 
ATOM   925  N  N   . ARG A 1 116 ? 10.030  -6.044  2.080   1.00 31.98 ? 116 ARG A N   1 
ATOM   926  C  CA  . ARG A 1 116 ? 11.209  -5.288  1.659   1.00 29.02 ? 116 ARG A CA  1 
ATOM   927  C  C   . ARG A 1 116 ? 10.829  -4.477  0.416   1.00 31.99 ? 116 ARG A C   1 
ATOM   928  O  O   . ARG A 1 116 ? 10.028  -4.929  -0.405  1.00 28.57 ? 116 ARG A O   1 
ATOM   929  C  CB  . ARG A 1 116 ? 12.364  -6.234  1.340   1.00 33.34 ? 116 ARG A CB  1 
ATOM   930  C  CG  . ARG A 1 116 ? 12.884  -7.015  2.560   1.00 37.91 ? 116 ARG A CG  1 
ATOM   931  C  CD  . ARG A 1 116 ? 13.240  -6.078  3.723   1.00 34.24 ? 116 ARG A CD  1 
ATOM   932  N  NE  . ARG A 1 116 ? 14.246  -5.071  3.353   1.00 34.44 ? 116 ARG A NE  1 
ATOM   933  C  CZ  . ARG A 1 116 ? 15.562  -5.267  3.418   1.00 39.14 ? 116 ARG A CZ  1 
ATOM   934  N  NH1 . ARG A 1 116 ? 16.031  -6.440  3.821   1.00 38.49 ? 116 ARG A NH1 1 
ATOM   935  N  NH2 . ARG A 1 116 ? 16.408  -4.299  3.071   1.00 37.18 ? 116 ARG A NH2 1 
ATOM   936  N  N   . LEU A 1 117 ? 11.413  -3.286  0.277   1.00 31.19 ? 117 LEU A N   1 
ATOM   937  C  CA  . LEU A 1 117 ? 11.029  -2.350  -0.766  1.00 30.74 ? 117 LEU A CA  1 
ATOM   938  C  C   . LEU A 1 117 ? 12.291  -1.698  -1.309  1.00 30.20 ? 117 LEU A C   1 
ATOM   939  O  O   . LEU A 1 117 ? 12.324  -0.489  -1.582  1.00 30.07 ? 117 LEU A O   1 
ATOM   940  C  CB  . LEU A 1 117 ? 10.085  -1.279  -0.186  1.00 29.71 ? 117 LEU A CB  1 
ATOM   941  C  CG  . LEU A 1 117 ? 8.750   -1.816  0.367   1.00 30.53 ? 117 LEU A CG  1 
ATOM   942  C  CD1 . LEU A 1 117 ? 8.016   -0.758  1.168   1.00 30.78 ? 117 LEU A CD1 1 
ATOM   943  C  CD2 . LEU A 1 117 ? 7.876   -2.323  -0.778  1.00 27.63 ? 117 LEU A CD2 1 
ATOM   944  N  N   . ILE A 1 118 ? 13.334  -2.510  -1.452  1.00 29.90 ? 118 ILE A N   1 
ATOM   945  C  CA  . ILE A 1 118 ? 14.649  -2.013  -1.854  1.00 31.73 ? 118 ILE A CA  1 
ATOM   946  C  C   . ILE A 1 118 ? 14.579  -1.226  -3.153  1.00 32.89 ? 118 ILE A C   1 
ATOM   947  O  O   . ILE A 1 118 ? 13.944  -1.649  -4.105  1.00 30.20 ? 118 ILE A O   1 
ATOM   948  C  CB  . ILE A 1 118 ? 15.681  -3.157  -1.947  1.00 33.70 ? 118 ILE A CB  1 
ATOM   949  C  CG1 . ILE A 1 118 ? 15.977  -3.684  -0.539  1.00 33.36 ? 118 ILE A CG1 1 
ATOM   950  C  CG2 . ILE A 1 118 ? 16.984  -2.673  -2.622  1.00 34.03 ? 118 ILE A CG2 1 
ATOM   951  C  CD1 . ILE A 1 118 ? 16.479  -5.109  -0.526  1.00 32.70 ? 118 ILE A CD1 1 
ATOM   952  N  N   . ALA A 1 119 ? 15.219  -0.061  -3.172  1.00 31.08 ? 119 ALA A N   1 
ATOM   953  C  CA  . ALA A 1 119 ? 15.098  0.847   -4.301  1.00 30.30 ? 119 ALA A CA  1 
ATOM   954  C  C   . ALA A 1 119 ? 16.447  1.479   -4.618  1.00 35.15 ? 119 ALA A C   1 
ATOM   955  O  O   . ALA A 1 119 ? 17.159  1.914   -3.718  1.00 31.53 ? 119 ALA A O   1 
ATOM   956  C  CB  . ALA A 1 119 ? 14.064  1.935   -3.991  1.00 29.39 ? 119 ALA A CB  1 
ATOM   957  N  N   . LYS A 1 120 ? 16.791  1.533   -5.898  1.00 30.42 ? 120 LYS A N   1 
ATOM   958  C  CA  . LYS A 1 120 ? 18.062  2.108   -6.314  1.00 34.68 ? 120 LYS A CA  1 
ATOM   959  C  C   . LYS A 1 120 ? 17.893  2.946   -7.575  1.00 31.27 ? 120 LYS A C   1 
ATOM   960  O  O   . LYS A 1 120 ? 17.014  2.674   -8.398  1.00 32.81 ? 120 LYS A O   1 
ATOM   961  C  CB  . LYS A 1 120 ? 19.079  1.000   -6.565  1.00 33.20 ? 120 LYS A CB  1 
ATOM   962  C  CG  . LYS A 1 120 ? 18.638  0.050   -7.681  1.00 30.63 ? 120 LYS A CG  1 
ATOM   963  C  CD  . LYS A 1 120 ? 19.689  -0.997  -7.985  1.00 32.72 ? 120 LYS A CD  1 
ATOM   964  C  CE  . LYS A 1 120 ? 19.066  -2.154  -8.768  1.00 39.93 ? 120 LYS A CE  1 
ATOM   965  N  NZ  . LYS A 1 120 ? 20.094  -3.139  -9.171  1.00 44.28 ? 120 LYS A NZ  1 
ATOM   966  N  N   . PRO A 1 121 ? 18.728  3.981   -7.727  1.00 31.69 ? 121 PRO A N   1 
ATOM   967  C  CA  . PRO A 1 121 ? 18.684  4.778   -8.959  1.00 32.11 ? 121 PRO A CA  1 
ATOM   968  C  C   . PRO A 1 121 ? 19.262  3.962   -10.112 1.00 34.73 ? 121 PRO A C   1 
ATOM   969  O  O   . PRO A 1 121 ? 20.247  3.258   -9.912  1.00 33.03 ? 121 PRO A O   1 
ATOM   970  C  CB  . PRO A 1 121 ? 19.570  5.985   -8.622  1.00 37.41 ? 121 PRO A CB  1 
ATOM   971  C  CG  . PRO A 1 121 ? 20.508  5.482   -7.553  1.00 34.25 ? 121 PRO A CG  1 
ATOM   972  C  CD  . PRO A 1 121 ? 19.704  4.504   -6.743  1.00 31.62 ? 121 PRO A CD  1 
ATOM   973  N  N   . VAL A 1 122 ? 18.642  4.017   -11.288 1.00 32.66 ? 122 VAL A N   1 
ATOM   974  C  CA  . VAL A 1 122 ? 19.154  3.268   -12.433 1.00 32.26 ? 122 VAL A CA  1 
ATOM   975  C  C   . VAL A 1 122 ? 19.398  4.128   -13.679 1.00 32.17 ? 122 VAL A C   1 
ATOM   976  O  O   . VAL A 1 122 ? 20.040  3.677   -14.628 1.00 36.94 ? 122 VAL A O   1 
ATOM   977  C  CB  . VAL A 1 122 ? 18.235  2.088   -12.806 1.00 35.56 ? 122 VAL A CB  1 
ATOM   978  C  CG1 . VAL A 1 122 ? 18.236  1.032   -11.690 1.00 34.20 ? 122 VAL A CG1 1 
ATOM   979  C  CG2 . VAL A 1 122 ? 16.824  2.583   -13.092 1.00 34.46 ? 122 VAL A CG2 1 
ATOM   980  N  N   . ALA A 1 123 ? 18.885  5.354   -13.680 1.00 35.43 ? 123 ALA A N   1 
ATOM   981  C  CA  . ALA A 1 123 ? 19.110  6.276   -14.797 1.00 35.38 ? 123 ALA A CA  1 
ATOM   982  C  C   . ALA A 1 123 ? 18.844  7.694   -14.338 1.00 37.16 ? 123 ALA A C   1 
ATOM   983  O  O   . ALA A 1 123 ? 18.398  7.909   -13.214 1.00 35.14 ? 123 ALA A O   1 
ATOM   984  C  CB  . ALA A 1 123 ? 18.204  5.922   -15.990 1.00 36.86 ? 123 ALA A CB  1 
ATOM   985  N  N   . LYS A 1 124 ? 19.109  8.667   -15.203 1.00 38.97 ? 124 LYS A N   1 
ATOM   986  C  CA  . LYS A 1 124 ? 18.930  10.069  -14.829 1.00 40.65 ? 124 LYS A CA  1 
ATOM   987  C  C   . LYS A 1 124 ? 17.492  10.389  -14.416 1.00 39.90 ? 124 LYS A C   1 
ATOM   988  O  O   . LYS A 1 124 ? 17.246  11.313  -13.634 1.00 41.82 ? 124 LYS A O   1 
ATOM   989  C  CB  . LYS A 1 124 ? 19.395  10.995  -15.958 1.00 45.25 ? 124 LYS A CB  1 
ATOM   990  C  CG  . LYS A 1 124 ? 20.906  11.253  -15.929 1.00 54.95 ? 124 LYS A CG  1 
ATOM   991  C  CD  . LYS A 1 124 ? 21.402  11.939  -17.199 1.00 63.85 ? 124 LYS A CD  1 
ATOM   992  C  CE  . LYS A 1 124 ? 22.915  12.186  -17.133 1.00 68.69 ? 124 LYS A CE  1 
ATOM   993  N  NZ  . LYS A 1 124 ? 23.435  12.836  -18.377 1.00 79.80 ? 124 LYS A NZ  1 
ATOM   994  N  N   . ASP A 1 125 ? 16.542  9.624   -14.935 1.00 39.94 ? 125 ASP A N   1 
ATOM   995  C  CA  . ASP A 1 125 ? 15.147  9.900   -14.638 1.00 42.06 ? 125 ASP A CA  1 
ATOM   996  C  C   . ASP A 1 125 ? 14.409  8.690   -14.078 1.00 39.86 ? 125 ASP A C   1 
ATOM   997  O  O   . ASP A 1 125 ? 13.193  8.618   -14.172 1.00 37.77 ? 125 ASP A O   1 
ATOM   998  C  CB  . ASP A 1 125 ? 14.430  10.409  -15.890 1.00 40.09 ? 125 ASP A CB  1 
ATOM   999  C  CG  . ASP A 1 125 ? 14.433  9.387   -17.034 1.00 48.18 ? 125 ASP A CG  1 
ATOM   1000 O  OD1 . ASP A 1 125 ? 15.227  8.412   -16.998 1.00 43.84 ? 125 ASP A OD1 1 
ATOM   1001 O  OD2 . ASP A 1 125 ? 13.630  9.569   -17.976 1.00 48.19 ? 125 ASP A OD2 1 
ATOM   1002 N  N   . ALA A 1 126 ? 15.134  7.741   -13.497 1.00 38.43 ? 126 ALA A N   1 
ATOM   1003 C  CA  . ALA A 1 126 ? 14.481  6.511   -13.062 1.00 35.56 ? 126 ALA A CA  1 
ATOM   1004 C  C   . ALA A 1 126 ? 15.139  5.810   -11.882 1.00 34.67 ? 126 ALA A C   1 
ATOM   1005 O  O   . ALA A 1 126 ? 16.361  5.871   -11.689 1.00 35.01 ? 126 ALA A O   1 
ATOM   1006 C  CB  . ALA A 1 126 ? 14.340  5.539   -14.237 1.00 35.46 ? 126 ALA A CB  1 
ATOM   1007 N  N   . ILE A 1 127 ? 14.303  5.144   -11.097 1.00 30.36 ? 127 ILE A N   1 
ATOM   1008 C  CA  . ILE A 1 127 ? 14.770  4.239   -10.065 1.00 31.27 ? 127 ILE A CA  1 
ATOM   1009 C  C   . ILE A 1 127 ? 14.091  2.883   -10.274 1.00 31.31 ? 127 ILE A C   1 
ATOM   1010 O  O   . ILE A 1 127 ? 13.115  2.766   -11.028 1.00 29.17 ? 127 ILE A O   1 
ATOM   1011 C  CB  . ILE A 1 127 ? 14.448  4.761   -8.644  1.00 29.87 ? 127 ILE A CB  1 
ATOM   1012 C  CG1 . ILE A 1 127 ? 12.949  4.633   -8.354  1.00 30.10 ? 127 ILE A CG1 1 
ATOM   1013 C  CG2 . ILE A 1 127 ? 14.908  6.206   -8.466  1.00 31.65 ? 127 ILE A CG2 1 
ATOM   1014 C  CD1 . ILE A 1 127 ? 12.557  5.239   -7.017  1.00 30.31 ? 127 ILE A CD1 1 
ATOM   1015 N  N   . GLU A 1 128 ? 14.634  1.856   -9.627  1.00 29.23 ? 128 GLU A N   1 
ATOM   1016 C  CA  . GLU A 1 128 ? 14.022  0.533   -9.591  1.00 30.59 ? 128 GLU A CA  1 
ATOM   1017 C  C   . GLU A 1 128 ? 13.628  0.234   -8.157  1.00 36.82 ? 128 GLU A C   1 
ATOM   1018 O  O   . GLU A 1 128 ? 14.388  0.535   -7.231  1.00 35.25 ? 128 GLU A O   1 
ATOM   1019 C  CB  . GLU A 1 128 ? 15.037  -0.521  -10.030 1.00 35.87 ? 128 GLU A CB  1 
ATOM   1020 C  CG  . GLU A 1 128 ? 14.913  -0.977  -11.446 1.00 41.19 ? 128 GLU A CG  1 
ATOM   1021 C  CD  . GLU A 1 128 ? 15.922  -2.073  -11.794 1.00 41.36 ? 128 GLU A CD  1 
ATOM   1022 O  OE1 . GLU A 1 128 ? 16.288  -2.870  -10.904 1.00 42.05 ? 128 GLU A OE1 1 
ATOM   1023 O  OE2 . GLU A 1 128 ? 16.333  -2.130  -12.965 1.00 48.97 ? 128 GLU A OE2 1 
ATOM   1024 N  N   . MET A 1 129 ? 12.459  -0.364  -7.959  1.00 29.11 ? 129 MET A N   1 
ATOM   1025 C  CA  . MET A 1 129 ? 12.067  -0.800  -6.628  1.00 28.70 ? 129 MET A CA  1 
ATOM   1026 C  C   . MET A 1 129 ? 11.584  -2.230  -6.757  1.00 30.69 ? 129 MET A C   1 
ATOM   1027 O  O   . MET A 1 129 ? 10.929  -2.566  -7.736  1.00 29.90 ? 129 MET A O   1 
ATOM   1028 C  CB  . MET A 1 129 ? 10.951  0.090   -6.069  1.00 30.69 ? 129 MET A CB  1 
ATOM   1029 C  CG  . MET A 1 129 ? 10.425  -0.349  -4.702  1.00 33.49 ? 129 MET A CG  1 
ATOM   1030 S  SD  . MET A 1 129 ? 9.167   0.771   -4.034  1.00 38.63 ? 129 MET A SD  1 
ATOM   1031 C  CE  . MET A 1 129 ? 10.166  1.899   -3.057  1.00 33.73 ? 129 MET A CE  1 
ATOM   1032 N  N   . GLU A 1 130 ? 11.927  -3.076  -5.794  1.00 28.96 ? 130 GLU A N   1 
ATOM   1033 C  CA  . GLU A 1 130 ? 11.433  -4.440  -5.814  1.00 28.31 ? 130 GLU A CA  1 
ATOM   1034 C  C   . GLU A 1 130 ? 10.653  -4.742  -4.558  1.00 30.61 ? 130 GLU A C   1 
ATOM   1035 O  O   . GLU A 1 130 ? 11.149  -4.589  -3.424  1.00 29.33 ? 130 GLU A O   1 
ATOM   1036 C  CB  . GLU A 1 130 ? 12.550  -5.481  -6.005  1.00 31.22 ? 130 GLU A CB  1 
ATOM   1037 C  CG  . GLU A 1 130 ? 11.979  -6.890  -6.317  1.00 31.20 ? 130 GLU A CG  1 
ATOM   1038 C  CD  . GLU A 1 130 ? 13.048  -7.986  -6.344  1.00 38.57 ? 130 GLU A CD  1 
ATOM   1039 O  OE1 . GLU A 1 130 ? 14.081  -7.860  -5.650  1.00 31.59 ? 130 GLU A OE1 1 
ATOM   1040 O  OE2 . GLU A 1 130 ? 12.839  -8.986  -7.043  1.00 35.04 ? 130 GLU A OE2 1 
ATOM   1041 N  N   . TYR A 1 131 ? 9.408   -5.137  -4.766  1.00 27.96 ? 131 TYR A N   1 
ATOM   1042 C  CA  . TYR A 1 131 ? 8.562   -5.595  -3.681  1.00 28.46 ? 131 TYR A CA  1 
ATOM   1043 C  C   . TYR A 1 131 ? 8.904   -7.047  -3.396  1.00 28.44 ? 131 TYR A C   1 
ATOM   1044 O  O   . TYR A 1 131 ? 8.884   -7.887  -4.292  1.00 31.63 ? 131 TYR A O   1 
ATOM   1045 C  CB  . TYR A 1 131 ? 7.093   -5.435  -4.078  1.00 26.90 ? 131 TYR A CB  1 
ATOM   1046 C  CG  . TYR A 1 131 ? 6.081   -6.210  -3.255  1.00 28.70 ? 131 TYR A CG  1 
ATOM   1047 C  CD1 . TYR A 1 131 ? 5.610   -5.713  -2.041  1.00 27.00 ? 131 TYR A CD1 1 
ATOM   1048 C  CD2 . TYR A 1 131 ? 5.556   -7.417  -3.713  1.00 30.53 ? 131 TYR A CD2 1 
ATOM   1049 C  CE1 . TYR A 1 131 ? 4.655   -6.409  -1.295  1.00 28.20 ? 131 TYR A CE1 1 
ATOM   1050 C  CE2 . TYR A 1 131 ? 4.597   -8.120  -2.968  1.00 28.28 ? 131 TYR A CE2 1 
ATOM   1051 C  CZ  . TYR A 1 131 ? 4.150   -7.602  -1.771  1.00 30.66 ? 131 TYR A CZ  1 
ATOM   1052 O  OH  . TYR A 1 131 ? 3.211   -8.289  -1.036  1.00 29.53 ? 131 TYR A OH  1 
ATOM   1053 N  N   . VAL A 1 132 ? 9.222   -7.345  -2.144  1.00 28.39 ? 132 VAL A N   1 
ATOM   1054 C  CA  . VAL A 1 132 ? 9.542   -8.712  -1.762  1.00 29.38 ? 132 VAL A CA  1 
ATOM   1055 C  C   . VAL A 1 132 ? 8.811   -9.039  -0.489  1.00 33.56 ? 132 VAL A C   1 
ATOM   1056 O  O   . VAL A 1 132 ? 9.011   -8.383  0.541   1.00 29.17 ? 132 VAL A O   1 
ATOM   1057 C  CB  . VAL A 1 132 ? 11.055  -8.924  -1.552  1.00 31.69 ? 132 VAL A CB  1 
ATOM   1058 C  CG1 . VAL A 1 132 ? 11.333  -10.375 -1.183  1.00 34.79 ? 132 VAL A CG1 1 
ATOM   1059 C  CG2 . VAL A 1 132 ? 11.816  -8.564  -2.825  1.00 31.26 ? 132 VAL A CG2 1 
ATOM   1060 N  N   . SER A 1 133 ? 7.947   -10.044 -0.550  1.00 30.50 ? 133 SER A N   1 
ATOM   1061 C  CA  . SER A 1 133 ? 7.095   -10.335 0.594   1.00 33.38 ? 133 SER A CA  1 
ATOM   1062 C  C   . SER A 1 133 ? 6.751   -11.807 0.706   1.00 36.77 ? 133 SER A C   1 
ATOM   1063 O  O   . SER A 1 133 ? 6.757   -12.541 -0.284  1.00 34.36 ? 133 SER A O   1 
ATOM   1064 C  CB  . SER A 1 133 ? 5.796   -9.527  0.516   1.00 32.80 ? 133 SER A CB  1 
ATOM   1065 O  OG  . SER A 1 133 ? 4.987   -9.764  1.666   1.00 31.42 ? 133 SER A OG  1 
ATOM   1066 N  N   . LYS A 1 134 ? 6.443   -12.219 1.929   1.00 35.70 ? 134 LYS A N   1 
ATOM   1067 C  CA  . LYS A 1 134 ? 5.885   -13.538 2.173   1.00 41.72 ? 134 LYS A CA  1 
ATOM   1068 C  C   . LYS A 1 134 ? 4.390   -13.490 1.863   1.00 39.28 ? 134 LYS A C   1 
ATOM   1069 O  O   . LYS A 1 134 ? 3.758   -14.520 1.695   1.00 38.69 ? 134 LYS A O   1 
ATOM   1070 C  CB  . LYS A 1 134 ? 6.125   -13.947 3.630   1.00 41.08 ? 134 LYS A CB  1 
ATOM   1071 C  CG  . LYS A 1 134 ? 7.547   -14.413 3.916   1.00 45.30 ? 134 LYS A CG  1 
ATOM   1072 C  CD  . LYS A 1 134 ? 7.801   -15.753 3.226   1.00 52.34 ? 134 LYS A CD  1 
ATOM   1073 C  CE  . LYS A 1 134 ? 9.075   -16.429 3.728   1.00 55.63 ? 134 LYS A CE  1 
ATOM   1074 N  NZ  . LYS A 1 134 ? 9.289   -17.753 3.055   1.00 58.41 ? 134 LYS A NZ  1 
ATOM   1075 N  N   . ARG A 1 135 ? 3.835   -12.278 1.798   1.00 33.94 ? 135 ARG A N   1 
ATOM   1076 C  CA  . ARG A 1 135 ? 2.444   -12.074 1.413   1.00 34.52 ? 135 ARG A CA  1 
ATOM   1077 C  C   . ARG A 1 135 ? 2.415   -11.831 -0.082  1.00 33.44 ? 135 ARG A C   1 
ATOM   1078 O  O   . ARG A 1 135 ? 3.449   -11.871 -0.738  1.00 35.39 ? 135 ARG A O   1 
ATOM   1079 C  CB  . ARG A 1 135 ? 1.842   -10.866 2.153   1.00 34.28 ? 135 ARG A CB  1 
ATOM   1080 C  CG  . ARG A 1 135 ? 1.636   -11.085 3.641   1.00 35.88 ? 135 ARG A CG  1 
ATOM   1081 C  CD  . ARG A 1 135 ? 0.818   -9.962  4.281   1.00 35.02 ? 135 ARG A CD  1 
ATOM   1082 N  NE  . ARG A 1 135 ? 0.527   -10.237 5.688   1.00 37.73 ? 135 ARG A NE  1 
ATOM   1083 C  CZ  . ARG A 1 135 ? 1.238   -9.782  6.722   1.00 41.88 ? 135 ARG A CZ  1 
ATOM   1084 N  NH1 . ARG A 1 135 ? 2.304   -9.014  6.525   1.00 41.83 ? 135 ARG A NH1 1 
ATOM   1085 N  NH2 . ARG A 1 135 ? 0.877   -10.097 7.968   1.00 42.73 ? 135 ARG A NH2 1 
ATOM   1086 N  N   . LYS A 1 136 ? 1.247   -11.562 -0.641  1.00 31.53 ? 136 LYS A N   1 
ATOM   1087 C  CA  . LYS A 1 136 ? 1.205   -11.307 -2.077  1.00 32.82 ? 136 LYS A CA  1 
ATOM   1088 C  C   . LYS A 1 136 ? 0.225   -10.190 -2.374  1.00 35.28 ? 136 LYS A C   1 
ATOM   1089 O  O   . LYS A 1 136 ? -0.946  -10.445 -2.644  1.00 37.74 ? 136 LYS A O   1 
ATOM   1090 C  CB  . LYS A 1 136 ? 0.822   -12.591 -2.845  1.00 33.59 ? 136 LYS A CB  1 
ATOM   1091 C  CG  . LYS A 1 136 ? 1.003   -12.485 -4.348  1.00 36.92 ? 136 LYS A CG  1 
ATOM   1092 C  CD  . LYS A 1 136 ? 0.979   -13.854 -5.043  1.00 43.69 ? 136 LYS A CD  1 
ATOM   1093 C  CE  . LYS A 1 136 ? -0.373  -14.504 -4.913  1.00 43.30 ? 136 LYS A CE  1 
ATOM   1094 N  NZ  . LYS A 1 136 ? -0.391  -15.861 -5.556  1.00 55.25 ? 136 LYS A NZ  1 
ATOM   1095 N  N   . MET A 1 137 ? 0.691   -8.944  -2.307  1.00 29.22 ? 137 MET A N   1 
ATOM   1096 C  CA  . MET A 1 137 ? -0.218  -7.820  -2.448  1.00 27.64 ? 137 MET A CA  1 
ATOM   1097 C  C   . MET A 1 137 ? 0.286   -6.918  -3.545  1.00 32.23 ? 137 MET A C   1 
ATOM   1098 O  O   . MET A 1 137 ? 0.594   -5.746  -3.323  1.00 27.18 ? 137 MET A O   1 
ATOM   1099 C  CB  . MET A 1 137 ? -0.338  -7.079  -1.116  1.00 28.81 ? 137 MET A CB  1 
ATOM   1100 C  CG  . MET A 1 137 ? -0.761  -8.003  0.010   1.00 33.11 ? 137 MET A CG  1 
ATOM   1101 S  SD  . MET A 1 137 ? -1.079  -7.205  1.604   1.00 32.81 ? 137 MET A SD  1 
ATOM   1102 C  CE  . MET A 1 137 ? -2.559  -6.297  1.188   1.00 31.45 ? 137 MET A CE  1 
ATOM   1103 N  N   . TYR A 1 138 ? 0.374   -7.491  -4.739  1.00 28.06 ? 138 TYR A N   1 
ATOM   1104 C  CA  . TYR A 1 138 ? 0.928   -6.807  -5.899  1.00 29.20 ? 138 TYR A CA  1 
ATOM   1105 C  C   . TYR A 1 138 ? 0.169   -5.523  -6.254  1.00 31.37 ? 138 TYR A C   1 
ATOM   1106 O  O   . TYR A 1 138 ? 0.770   -4.471  -6.459  1.00 28.09 ? 138 TYR A O   1 
ATOM   1107 C  CB  . TYR A 1 138 ? 0.889   -7.754  -7.103  1.00 30.70 ? 138 TYR A CB  1 
ATOM   1108 C  CG  . TYR A 1 138 ? 1.823   -8.955  -7.028  1.00 30.12 ? 138 TYR A CG  1 
ATOM   1109 C  CD1 . TYR A 1 138 ? 1.433   -10.192 -7.544  1.00 30.11 ? 138 TYR A CD1 1 
ATOM   1110 C  CD2 . TYR A 1 138 ? 3.100   -8.846  -6.482  1.00 31.89 ? 138 TYR A CD2 1 
ATOM   1111 C  CE1 . TYR A 1 138 ? 2.287   -11.296 -7.511  1.00 33.29 ? 138 TYR A CE1 1 
ATOM   1112 C  CE2 . TYR A 1 138 ? 3.961   -9.942  -6.443  1.00 31.52 ? 138 TYR A CE2 1 
ATOM   1113 C  CZ  . TYR A 1 138 ? 3.549   -11.163 -6.972  1.00 35.05 ? 138 TYR A CZ  1 
ATOM   1114 O  OH  . TYR A 1 138 ? 4.398   -12.257 -6.941  1.00 32.10 ? 138 TYR A OH  1 
ATOM   1115 N  N   . ASP A 1 139 ? -1.153  -5.611  -6.352  1.00 29.09 ? 139 ASP A N   1 
ATOM   1116 C  CA  . ASP A 1 139 ? -1.943  -4.435  -6.722  1.00 28.13 ? 139 ASP A CA  1 
ATOM   1117 C  C   . ASP A 1 139 ? -1.897  -3.324  -5.666  1.00 26.84 ? 139 ASP A C   1 
ATOM   1118 O  O   . ASP A 1 139 ? -1.864  -2.149  -5.997  1.00 27.66 ? 139 ASP A O   1 
ATOM   1119 C  CB  . ASP A 1 139 ? -3.377  -4.845  -6.997  1.00 30.63 ? 139 ASP A CB  1 
ATOM   1120 C  CG  . ASP A 1 139 ? -3.463  -5.797  -8.158  1.00 34.65 ? 139 ASP A CG  1 
ATOM   1121 O  OD1 . ASP A 1 139 ? -3.313  -5.320  -9.293  1.00 31.81 ? 139 ASP A OD1 1 
ATOM   1122 O  OD2 . ASP A 1 139 ? -3.601  -7.013  -7.927  1.00 33.80 ? 139 ASP A OD2 1 
ATOM   1123 N  N   . TYR A 1 140 ? -1.928  -3.717  -4.401  1.00 26.46 ? 140 TYR A N   1 
ATOM   1124 C  CA  . TYR A 1 140 ? -1.810  -2.756  -3.307  1.00 27.70 ? 140 TYR A CA  1 
ATOM   1125 C  C   . TYR A 1 140 ? -0.488  -1.992  -3.404  1.00 29.76 ? 140 TYR A C   1 
ATOM   1126 O  O   . TYR A 1 140 ? -0.449  -0.757  -3.332  1.00 27.91 ? 140 TYR A O   1 
ATOM   1127 C  CB  . TYR A 1 140 ? -1.913  -3.494  -1.979  1.00 26.54 ? 140 TYR A CB  1 
ATOM   1128 C  CG  . TYR A 1 140 ? -1.931  -2.570  -0.791  1.00 29.69 ? 140 TYR A CG  1 
ATOM   1129 C  CD1 . TYR A 1 140 ? -2.877  -1.557  -0.695  1.00 29.39 ? 140 TYR A CD1 1 
ATOM   1130 C  CD2 . TYR A 1 140 ? -1.016  -2.719  0.233   1.00 32.66 ? 140 TYR A CD2 1 
ATOM   1131 C  CE1 . TYR A 1 140 ? -2.904  -0.715  0.382   1.00 30.57 ? 140 TYR A CE1 1 
ATOM   1132 C  CE2 . TYR A 1 140 ? -1.033  -1.878  1.322   1.00 30.04 ? 140 TYR A CE2 1 
ATOM   1133 C  CZ  . TYR A 1 140 ? -1.980  -0.868  1.384   1.00 32.90 ? 140 TYR A CZ  1 
ATOM   1134 O  OH  . TYR A 1 140 ? -2.021  -0.011  2.469   1.00 32.57 ? 140 TYR A OH  1 
ATOM   1135 N  N   . PHE A 1 141 ? 0.594   -2.736  -3.591  1.00 27.10 ? 141 PHE A N   1 
ATOM   1136 C  CA  . PHE A 1 141 ? 1.927   -2.151  -3.784  1.00 31.16 ? 141 PHE A CA  1 
ATOM   1137 C  C   . PHE A 1 141 ? 1.940   -1.115  -4.910  1.00 32.85 ? 141 PHE A C   1 
ATOM   1138 O  O   . PHE A 1 141 ? 2.404   0.037   -4.728  1.00 28.83 ? 141 PHE A O   1 
ATOM   1139 C  CB  . PHE A 1 141 ? 2.943   -3.272  -4.052  1.00 27.62 ? 141 PHE A CB  1 
ATOM   1140 C  CG  . PHE A 1 141 ? 4.277   -2.796  -4.571  1.00 25.90 ? 141 PHE A CG  1 
ATOM   1141 C  CD1 . PHE A 1 141 ? 5.204   -2.204  -3.715  1.00 30.50 ? 141 PHE A CD1 1 
ATOM   1142 C  CD2 . PHE A 1 141 ? 4.625   -2.996  -5.903  1.00 27.53 ? 141 PHE A CD2 1 
ATOM   1143 C  CE1 . PHE A 1 141 ? 6.445   -1.775  -4.198  1.00 28.80 ? 141 PHE A CE1 1 
ATOM   1144 C  CE2 . PHE A 1 141 ? 5.863   -2.589  -6.388  1.00 31.10 ? 141 PHE A CE2 1 
ATOM   1145 C  CZ  . PHE A 1 141 ? 6.780   -1.974  -5.523  1.00 29.94 ? 141 PHE A CZ  1 
ATOM   1146 N  N   . LEU A 1 142 ? 1.418   -1.514  -6.066  1.00 27.41 ? 142 LEU A N   1 
ATOM   1147 C  CA  . LEU A 1 142 ? 1.404   -0.641  -7.230  1.00 26.69 ? 142 LEU A CA  1 
ATOM   1148 C  C   . LEU A 1 142 ? 0.555   0.595   -6.957  1.00 29.96 ? 142 LEU A C   1 
ATOM   1149 O  O   . LEU A 1 142 ? 0.920   1.712   -7.340  1.00 30.75 ? 142 LEU A O   1 
ATOM   1150 C  CB  . LEU A 1 142 ? 0.869   -1.388  -8.462  1.00 29.71 ? 142 LEU A CB  1 
ATOM   1151 C  CG  . LEU A 1 142 ? 1.793   -2.495  -8.982  1.00 31.07 ? 142 LEU A CG  1 
ATOM   1152 C  CD1 . LEU A 1 142 ? 1.078   -3.368  -10.064 1.00 31.07 ? 142 LEU A CD1 1 
ATOM   1153 C  CD2 . LEU A 1 142 ? 3.096   -1.884  -9.525  1.00 30.35 ? 142 LEU A CD2 1 
ATOM   1154 N  N   . GLY A 1 143 ? -0.588  0.392   -6.312  1.00 26.62 ? 143 GLY A N   1 
ATOM   1155 C  CA  . GLY A 1 143 ? -1.493  1.491   -6.029  1.00 29.78 ? 143 GLY A CA  1 
ATOM   1156 C  C   . GLY A 1 143 ? -0.887  2.520   -5.085  1.00 31.17 ? 143 GLY A C   1 
ATOM   1157 O  O   . GLY A 1 143 ? -1.107  3.728   -5.234  1.00 28.23 ? 143 GLY A O   1 
ATOM   1158 N  N   . LEU A 1 144 ? -0.133  2.049   -4.098  1.00 29.44 ? 144 LEU A N   1 
ATOM   1159 C  CA  . LEU A 1 144 ? 0.554   2.955   -3.173  1.00 29.68 ? 144 LEU A CA  1 
ATOM   1160 C  C   . LEU A 1 144 ? 1.543   3.851   -3.916  1.00 31.21 ? 144 LEU A C   1 
ATOM   1161 O  O   . LEU A 1 144 ? 1.653   5.047   -3.658  1.00 30.17 ? 144 LEU A O   1 
ATOM   1162 C  CB  . LEU A 1 144 ? 1.286   2.147   -2.109  1.00 30.37 ? 144 LEU A CB  1 
ATOM   1163 C  CG  . LEU A 1 144 ? 0.366   1.438   -1.122  1.00 31.09 ? 144 LEU A CG  1 
ATOM   1164 C  CD1 . LEU A 1 144 ? 1.161   0.396   -0.389  1.00 28.23 ? 144 LEU A CD1 1 
ATOM   1165 C  CD2 . LEU A 1 144 ? -0.226  2.464   -0.146  1.00 30.46 ? 144 LEU A CD2 1 
ATOM   1166 N  N   . ILE A 1 145 ? 2.290   3.266   -4.836  1.00 28.52 ? 145 ILE A N   1 
ATOM   1167 C  CA  . ILE A 1 145 ? 3.218   4.059   -5.616  1.00 29.84 ? 145 ILE A CA  1 
ATOM   1168 C  C   . ILE A 1 145 ? 2.455   5.118   -6.416  1.00 31.66 ? 145 ILE A C   1 
ATOM   1169 O  O   . ILE A 1 145 ? 2.839   6.292   -6.435  1.00 32.33 ? 145 ILE A O   1 
ATOM   1170 C  CB  . ILE A 1 145 ? 4.055   3.182   -6.558  1.00 28.40 ? 145 ILE A CB  1 
ATOM   1171 C  CG1 . ILE A 1 145 ? 4.950   2.251   -5.740  1.00 28.93 ? 145 ILE A CG1 1 
ATOM   1172 C  CG2 . ILE A 1 145 ? 4.905   4.057   -7.466  1.00 30.74 ? 145 ILE A CG2 1 
ATOM   1173 C  CD1 . ILE A 1 145 ? 5.601   1.194   -6.592  1.00 31.00 ? 145 ILE A CD1 1 
ATOM   1174 N  N   . GLU A 1 146 ? 1.375   4.706   -7.074  1.00 31.49 ? 146 GLU A N   1 
ATOM   1175 C  CA  . GLU A 1 146 ? 0.562   5.659   -7.829  1.00 32.93 ? 146 GLU A CA  1 
ATOM   1176 C  C   . GLU A 1 146 ? -0.017  6.739   -6.915  1.00 33.82 ? 146 GLU A C   1 
ATOM   1177 O  O   . GLU A 1 146 ? -0.006  7.918   -7.257  1.00 35.26 ? 146 GLU A O   1 
ATOM   1178 C  CB  . GLU A 1 146 ? -0.532  4.937   -8.617  1.00 32.36 ? 146 GLU A CB  1 
ATOM   1179 C  CG  . GLU A 1 146 ? 0.022   4.092   -9.785  1.00 36.07 ? 146 GLU A CG  1 
ATOM   1180 C  CD  . GLU A 1 146 ? -0.974  3.055   -10.308 1.00 43.33 ? 146 GLU A CD  1 
ATOM   1181 O  OE1 . GLU A 1 146 ? -1.951  2.757   -9.595  1.00 41.68 ? 146 GLU A OE1 1 
ATOM   1182 O  OE2 . GLU A 1 146 ? -0.778  2.535   -11.431 1.00 44.72 ? 146 GLU A OE2 1 
ATOM   1183 N  N   . GLY A 1 147 ? -0.491  6.341   -5.739  1.00 31.90 ? 147 GLY A N   1 
ATOM   1184 C  CA  . GLY A 1 147 ? -1.016  7.295   -4.776  1.00 31.72 ? 147 GLY A CA  1 
ATOM   1185 C  C   . GLY A 1 147 ? 0.034   8.299   -4.345  1.00 34.90 ? 147 GLY A C   1 
ATOM   1186 O  O   . GLY A 1 147 ? -0.270  9.475   -4.102  1.00 36.05 ? 147 GLY A O   1 
ATOM   1187 N  N   . SER A 1 148 ? 1.280   7.844   -4.259  1.00 31.25 ? 148 SER A N   1 
ATOM   1188 C  CA  . SER A 1 148 ? 2.383   8.704   -3.836  1.00 32.29 ? 148 SER A CA  1 
ATOM   1189 C  C   . SER A 1 148 ? 2.671   9.757   -4.899  1.00 34.05 ? 148 SER A C   1 
ATOM   1190 O  O   . SER A 1 148 ? 2.972   10.911  -4.586  1.00 35.93 ? 148 SER A O   1 
ATOM   1191 C  CB  . SER A 1 148 ? 3.645   7.870   -3.570  1.00 29.77 ? 148 SER A CB  1 
ATOM   1192 O  OG  . SER A 1 148 ? 3.453   7.021   -2.440  1.00 36.92 ? 148 SER A OG  1 
ATOM   1193 N  N   . SER A 1 149 ? 2.597   9.333   -6.154  1.00 34.28 ? 149 SER A N   1 
ATOM   1194 C  CA  . SER A 1 149 ? 2.765   10.232  -7.289  1.00 36.47 ? 149 SER A CA  1 
ATOM   1195 C  C   . SER A 1 149 ? 1.721   11.346  -7.199  1.00 38.43 ? 149 SER A C   1 
ATOM   1196 O  O   . SER A 1 149 ? 2.015   12.533  -7.407  1.00 38.90 ? 149 SER A O   1 
ATOM   1197 C  CB  . SER A 1 149 ? 2.601   9.446   -8.589  1.00 36.96 ? 149 SER A CB  1 
ATOM   1198 O  OG  . SER A 1 149 ? 2.403   10.319  -9.674  1.00 42.79 ? 149 SER A OG  1 
ATOM   1199 N  N   . LYS A 1 150 ? 0.501   10.963  -6.850  1.00 40.00 ? 150 LYS A N   1 
ATOM   1200 C  CA  . LYS A 1 150 ? -0.585  11.932  -6.754  1.00 40.74 ? 150 LYS A CA  1 
ATOM   1201 C  C   . LYS A 1 150 ? -0.381  12.897  -5.589  1.00 40.30 ? 150 LYS A C   1 
ATOM   1202 O  O   . LYS A 1 150 ? -0.545  14.104  -5.754  1.00 41.39 ? 150 LYS A O   1 
ATOM   1203 C  CB  . LYS A 1 150 ? -1.940  11.225  -6.670  1.00 39.99 ? 150 LYS A CB  1 
ATOM   1204 C  CG  . LYS A 1 150 ? -3.134  12.166  -6.528  1.00 50.55 ? 150 LYS A CG  1 
ATOM   1205 C  CD  . LYS A 1 150 ? -4.426  11.383  -6.295  1.00 55.44 ? 150 LYS A CD  1 
ATOM   1206 C  CE  . LYS A 1 150 ? -5.652  12.293  -6.333  1.00 62.89 ? 150 LYS A CE  1 
ATOM   1207 N  NZ  . LYS A 1 150 ? -6.931  11.531  -6.206  1.00 70.41 ? 150 LYS A NZ  1 
ATOM   1208 N  N   . PHE A 1 151 ? -0.001  12.381  -4.422  1.00 38.46 ? 151 PHE A N   1 
ATOM   1209 C  CA  . PHE A 1 151 ? 0.229   13.239  -3.272  1.00 39.96 ? 151 PHE A CA  1 
ATOM   1210 C  C   . PHE A 1 151 ? 1.351   14.247  -3.522  1.00 41.71 ? 151 PHE A C   1 
ATOM   1211 O  O   . PHE A 1 151 ? 1.231   15.415  -3.178  1.00 36.72 ? 151 PHE A O   1 
ATOM   1212 C  CB  . PHE A 1 151 ? 0.555   12.433  -2.013  1.00 37.58 ? 151 PHE A CB  1 
ATOM   1213 C  CG  . PHE A 1 151 ? 0.903   13.295  -0.829  1.00 39.61 ? 151 PHE A CG  1 
ATOM   1214 C  CD1 . PHE A 1 151 ? -0.097  13.852  -0.038  1.00 38.57 ? 151 PHE A CD1 1 
ATOM   1215 C  CD2 . PHE A 1 151 ? 2.229   13.573  -0.518  1.00 37.92 ? 151 PHE A CD2 1 
ATOM   1216 C  CE1 . PHE A 1 151 ? 0.224   14.670  1.052   1.00 37.22 ? 151 PHE A CE1 1 
ATOM   1217 C  CE2 . PHE A 1 151 ? 2.554   14.382  0.565   1.00 40.25 ? 151 PHE A CE2 1 
ATOM   1218 C  CZ  . PHE A 1 151 ? 1.548   14.931  1.354   1.00 38.83 ? 151 PHE A CZ  1 
ATOM   1219 N  N   . PHE A 1 152 ? 2.455   13.787  -4.096  1.00 36.05 ? 152 PHE A N   1 
ATOM   1220 C  CA  . PHE A 1 152 ? 3.571   14.680  -4.348  1.00 36.01 ? 152 PHE A CA  1 
ATOM   1221 C  C   . PHE A 1 152 ? 3.351   15.545  -5.593  1.00 37.67 ? 152 PHE A C   1 
ATOM   1222 O  O   . PHE A 1 152 ? 4.132   16.454  -5.875  1.00 39.23 ? 152 PHE A O   1 
ATOM   1223 C  CB  . PHE A 1 152 ? 4.875   13.887  -4.405  1.00 33.38 ? 152 PHE A CB  1 
ATOM   1224 C  CG  . PHE A 1 152 ? 5.384   13.482  -3.042  1.00 37.39 ? 152 PHE A CG  1 
ATOM   1225 C  CD1 . PHE A 1 152 ? 5.141   12.214  -2.542  1.00 35.37 ? 152 PHE A CD1 1 
ATOM   1226 C  CD2 . PHE A 1 152 ? 6.075   14.389  -2.252  1.00 33.84 ? 152 PHE A CD2 1 
ATOM   1227 C  CE1 . PHE A 1 152 ? 5.593   11.849  -1.279  1.00 33.62 ? 152 PHE A CE1 1 
ATOM   1228 C  CE2 . PHE A 1 152 ? 6.532   14.038  -0.989  1.00 35.25 ? 152 PHE A CE2 1 
ATOM   1229 C  CZ  . PHE A 1 152 ? 6.280   12.763  -0.498  1.00 37.50 ? 152 PHE A CZ  1 
ATOM   1230 N  N   . LYS A 1 153 ? 2.282   15.264  -6.330  1.00 36.33 ? 153 LYS A N   1 
ATOM   1231 C  CA  . LYS A 1 153 ? 1.998   15.983  -7.571  1.00 40.74 ? 153 LYS A CA  1 
ATOM   1232 C  C   . LYS A 1 153 ? 3.157   15.887  -8.565  1.00 43.53 ? 153 LYS A C   1 
ATOM   1233 O  O   . LYS A 1 153 ? 3.559   16.885  -9.176  1.00 40.88 ? 153 LYS A O   1 
ATOM   1234 C  CB  . LYS A 1 153 ? 1.693   17.455  -7.276  1.00 42.07 ? 153 LYS A CB  1 
ATOM   1235 C  CG  . LYS A 1 153 ? 0.369   17.690  -6.588  1.00 44.37 ? 153 LYS A CG  1 
ATOM   1236 C  CD  . LYS A 1 153 ? 0.301   19.109  -6.024  1.00 51.42 ? 153 LYS A CD  1 
ATOM   1237 C  CE  . LYS A 1 153 ? -1.132  19.616  -5.983  1.00 59.43 ? 153 LYS A CE  1 
ATOM   1238 N  NZ  . LYS A 1 153 ? -2.065  18.609  -5.405  1.00 59.89 ? 153 LYS A NZ  1 
ATOM   1239 N  N   . GLU A 1 154 ? 3.696   14.684  -8.721  1.00 40.13 ? 154 GLU A N   1 
ATOM   1240 C  CA  . GLU A 1 154 ? 4.822   14.461  -9.619  1.00 41.10 ? 154 GLU A CA  1 
ATOM   1241 C  C   . GLU A 1 154 ? 4.483   13.298  -10.530 1.00 43.21 ? 154 GLU A C   1 
ATOM   1242 O  O   . GLU A 1 154 ? 4.150   12.216  -10.049 1.00 44.30 ? 154 GLU A O   1 
ATOM   1243 C  CB  . GLU A 1 154 ? 6.091   14.133  -8.825  1.00 40.75 ? 154 GLU A CB  1 
ATOM   1244 C  CG  . GLU A 1 154 ? 6.572   15.243  -7.911  1.00 42.96 ? 154 GLU A CG  1 
ATOM   1245 C  CD  . GLU A 1 154 ? 7.903   14.904  -7.249  1.00 40.22 ? 154 GLU A CD  1 
ATOM   1246 O  OE1 . GLU A 1 154 ? 8.763   14.302  -7.931  1.00 45.41 ? 154 GLU A OE1 1 
ATOM   1247 O  OE2 . GLU A 1 154 ? 8.082   15.222  -6.052  1.00 38.56 ? 154 GLU A OE2 1 
ATOM   1248 N  N   . GLU A 1 155 ? 4.558   13.522  -11.839 1.00 39.91 ? 155 GLU A N   1 
ATOM   1249 C  CA  . GLU A 1 155 ? 4.199   12.497  -12.804 1.00 41.86 ? 155 GLU A CA  1 
ATOM   1250 C  C   . GLU A 1 155 ? 5.266   11.424  -12.943 1.00 41.55 ? 155 GLU A C   1 
ATOM   1251 O  O   . GLU A 1 155 ? 6.455   11.721  -13.094 1.00 36.05 ? 155 GLU A O   1 
ATOM   1252 C  CB  . GLU A 1 155 ? 3.939   13.115  -14.181 1.00 45.16 ? 155 GLU A CB  1 
ATOM   1253 C  CG  . GLU A 1 155 ? 2.574   13.763  -14.326 1.00 54.56 ? 155 GLU A CG  1 
ATOM   1254 C  CD  . GLU A 1 155 ? 2.308   14.237  -15.747 1.00 61.12 ? 155 GLU A CD  1 
ATOM   1255 O  OE1 . GLU A 1 155 ? 2.246   15.467  -15.952 1.00 64.17 ? 155 GLU A OE1 1 
ATOM   1256 O  OE2 . GLU A 1 155 ? 2.177   13.384  -16.655 1.00 59.24 ? 155 GLU A OE2 1 
ATOM   1257 N  N   . ILE A 1 156 ? 4.826   10.173  -12.933 1.00 36.21 ? 156 ILE A N   1 
ATOM   1258 C  CA  . ILE A 1 156 ? 5.729   9.049   -13.130 1.00 36.30 ? 156 ILE A CA  1 
ATOM   1259 C  C   . ILE A 1 156 ? 5.090   8.020   -14.042 1.00 40.02 ? 156 ILE A C   1 
ATOM   1260 O  O   . ILE A 1 156 ? 3.871   8.023   -14.241 1.00 37.99 ? 156 ILE A O   1 
ATOM   1261 C  CB  . ILE A 1 156 ? 6.057   8.352   -11.801 1.00 36.75 ? 156 ILE A CB  1 
ATOM   1262 C  CG1 . ILE A 1 156 ? 4.777   7.782   -11.177 1.00 35.29 ? 156 ILE A CG1 1 
ATOM   1263 C  CG2 . ILE A 1 156 ? 6.780   9.310   -10.851 1.00 34.21 ? 156 ILE A CG2 1 
ATOM   1264 C  CD1 . ILE A 1 156 ? 5.013   6.982   -9.895  1.00 37.43 ? 156 ILE A CD1 1 
ATOM   1265 N  N   . SER A 1 157 ? 5.928   7.146   -14.591 1.00 33.85 ? 157 SER A N   1 
ATOM   1266 C  CA  . SER A 1 157 ? 5.479   5.985   -15.333 1.00 38.70 ? 157 SER A CA  1 
ATOM   1267 C  C   . SER A 1 157 ? 6.004   4.779   -14.568 1.00 40.51 ? 157 SER A C   1 
ATOM   1268 O  O   . SER A 1 157 ? 7.204   4.688   -14.306 1.00 39.89 ? 157 SER A O   1 
ATOM   1269 C  CB  . SER A 1 157 ? 6.058   6.032   -16.753 1.00 41.56 ? 157 SER A CB  1 
ATOM   1270 O  OG  . SER A 1 157 ? 5.800   4.837   -17.467 1.00 48.37 ? 157 SER A OG  1 
ATOM   1271 N  N   . VAL A 1 158 ? 5.117   3.871   -14.168 1.00 34.59 ? 158 VAL A N   1 
ATOM   1272 C  CA  . VAL A 1 158 ? 5.555   2.703   -13.422 1.00 30.57 ? 158 VAL A CA  1 
ATOM   1273 C  C   . VAL A 1 158 ? 5.542   1.514   -14.362 1.00 36.35 ? 158 VAL A C   1 
ATOM   1274 O  O   . VAL A 1 158 ? 4.479   1.047   -14.767 1.00 37.46 ? 158 VAL A O   1 
ATOM   1275 C  CB  . VAL A 1 158 ? 4.639   2.403   -12.228 1.00 33.11 ? 158 VAL A CB  1 
ATOM   1276 C  CG1 . VAL A 1 158 ? 5.132   1.166   -11.476 1.00 33.23 ? 158 VAL A CG1 1 
ATOM   1277 C  CG2 . VAL A 1 158 ? 4.548   3.608   -11.294 1.00 29.31 ? 158 VAL A CG2 1 
ATOM   1278 N  N   . GLU A 1 159 ? 6.720   1.035   -14.720 1.00 30.58 ? 159 GLU A N   1 
ATOM   1279 C  CA  . GLU A 1 159 ? 6.838   -0.127  -15.595 1.00 32.66 ? 159 GLU A CA  1 
ATOM   1280 C  C   . GLU A 1 159 ? 7.141   -1.393  -14.801 1.00 34.16 ? 159 GLU A C   1 
ATOM   1281 O  O   . GLU A 1 159 ? 8.160   -1.486  -14.097 1.00 33.02 ? 159 GLU A O   1 
ATOM   1282 C  CB  . GLU A 1 159 ? 7.933   0.109   -16.617 1.00 33.35 ? 159 GLU A CB  1 
ATOM   1283 C  CG  . GLU A 1 159 ? 8.185   -1.064  -17.538 1.00 36.14 ? 159 GLU A CG  1 
ATOM   1284 C  CD  . GLU A 1 159 ? 9.104   -0.670  -18.677 1.00 49.78 ? 159 GLU A CD  1 
ATOM   1285 O  OE1 . GLU A 1 159 ? 8.636   -0.652  -19.841 1.00 51.84 ? 159 GLU A OE1 1 
ATOM   1286 O  OE2 . GLU A 1 159 ? 10.281  -0.349  -18.395 1.00 44.83 ? 159 GLU A OE2 1 
ATOM   1287 N  N   . GLU A 1 160 ? 6.240   -2.358  -14.883 1.00 29.41 ? 160 GLU A N   1 
ATOM   1288 C  CA  A GLU A 1 160 ? 6.448   -3.648  -14.241 0.47 30.33 ? 160 GLU A CA  1 
ATOM   1289 C  CA  B GLU A 1 160 ? 6.467   -3.637  -14.232 0.53 30.11 ? 160 GLU A CA  1 
ATOM   1290 C  C   . GLU A 1 160 ? 7.418   -4.484  -15.080 1.00 30.99 ? 160 GLU A C   1 
ATOM   1291 O  O   . GLU A 1 160 ? 7.198   -4.700  -16.274 1.00 29.60 ? 160 GLU A O   1 
ATOM   1292 C  CB  A GLU A 1 160 ? 5.106   -4.353  -14.045 0.47 31.12 ? 160 GLU A CB  1 
ATOM   1293 C  CB  B GLU A 1 160 ? 5.154   -4.364  -13.955 0.53 30.90 ? 160 GLU A CB  1 
ATOM   1294 C  CG  A GLU A 1 160 ? 4.151   -3.558  -13.178 0.47 31.26 ? 160 GLU A CG  1 
ATOM   1295 C  CG  B GLU A 1 160 ? 5.359   -5.638  -13.165 0.53 30.76 ? 160 GLU A CG  1 
ATOM   1296 C  CD  A GLU A 1 160 ? 2.697   -3.907  -13.414 0.47 34.05 ? 160 GLU A CD  1 
ATOM   1297 C  CD  B GLU A 1 160 ? 4.068   -6.339  -12.827 0.53 32.95 ? 160 GLU A CD  1 
ATOM   1298 O  OE1 A GLU A 1 160 ? 2.349   -5.099  -13.304 0.47 31.81 ? 160 GLU A OE1 1 
ATOM   1299 O  OE1 B GLU A 1 160 ? 4.007   -7.568  -13.031 0.53 25.41 ? 160 GLU A OE1 1 
ATOM   1300 O  OE2 A GLU A 1 160 ? 1.903   -2.987  -13.712 0.47 33.29 ? 160 GLU A OE2 1 
ATOM   1301 O  OE2 B GLU A 1 160 ? 3.122   -5.662  -12.358 0.53 33.92 ? 160 GLU A OE2 1 
ATOM   1302 N  N   . VAL A 1 161 ? 8.494   -4.934  -14.449 1.00 29.85 ? 161 VAL A N   1 
ATOM   1303 C  CA  . VAL A 1 161 ? 9.595   -5.591  -15.137 1.00 31.45 ? 161 VAL A CA  1 
ATOM   1304 C  C   . VAL A 1 161 ? 9.597   -7.089  -14.861 1.00 33.34 ? 161 VAL A C   1 
ATOM   1305 O  O   . VAL A 1 161 ? 9.828   -7.874  -15.763 1.00 36.99 ? 161 VAL A O   1 
ATOM   1306 C  CB  . VAL A 1 161 ? 10.953  -4.981  -14.674 1.00 38.22 ? 161 VAL A CB  1 
ATOM   1307 C  CG1 . VAL A 1 161 ? 12.129  -5.666  -15.363 1.00 42.03 ? 161 VAL A CG1 1 
ATOM   1308 C  CG2 . VAL A 1 161 ? 10.976  -3.489  -14.951 1.00 39.16 ? 161 VAL A CG2 1 
ATOM   1309 N  N   . GLU A 1 162 ? 9.348   -7.472  -13.609 1.00 29.02 ? 162 GLU A N   1 
ATOM   1310 C  CA  . GLU A 1 162 ? 9.288   -8.875  -13.206 1.00 32.52 ? 162 GLU A CA  1 
ATOM   1311 C  C   . GLU A 1 162 ? 8.206   -9.109  -12.163 1.00 33.33 ? 162 GLU A C   1 
ATOM   1312 O  O   . GLU A 1 162 ? 7.964   -8.274  -11.290 1.00 32.86 ? 162 GLU A O   1 
ATOM   1313 C  CB  . GLU A 1 162 ? 10.622  -9.323  -12.595 1.00 37.50 ? 162 GLU A CB  1 
ATOM   1314 C  CG  . GLU A 1 162 ? 11.785  -9.349  -13.558 1.00 42.40 ? 162 GLU A CG  1 
ATOM   1315 C  CD  . GLU A 1 162 ? 13.114  -9.546  -12.855 1.00 48.95 ? 162 GLU A CD  1 
ATOM   1316 O  OE1 . GLU A 1 162 ? 14.113  -9.782  -13.562 1.00 54.99 ? 162 GLU A OE1 1 
ATOM   1317 O  OE2 . GLU A 1 162 ? 13.157  -9.453  -11.602 1.00 41.97 ? 162 GLU A OE2 1 
ATOM   1318 N  N   . ARG A 1 163 ? 7.588   -10.276 -12.229 1.00 30.39 ? 163 ARG A N   1 
ATOM   1319 C  CA  . ARG A 1 163 ? 6.624   -10.693 -11.229 1.00 29.23 ? 163 ARG A CA  1 
ATOM   1320 C  C   . ARG A 1 163 ? 6.698   -12.214 -11.102 1.00 31.95 ? 163 ARG A C   1 
ATOM   1321 O  O   . ARG A 1 163 ? 6.788   -12.923 -12.103 1.00 31.22 ? 163 ARG A O   1 
ATOM   1322 C  CB  . ARG A 1 163 ? 5.208   -10.282 -11.644 1.00 28.51 ? 163 ARG A CB  1 
ATOM   1323 C  CG  . ARG A 1 163 ? 4.147   -10.654 -10.602 1.00 28.62 ? 163 ARG A CG  1 
ATOM   1324 C  CD  . ARG A 1 163 ? 2.719   -10.415 -11.132 1.00 30.95 ? 163 ARG A CD  1 
ATOM   1325 N  NE  . ARG A 1 163 ? 2.429   -8.998  -11.289 1.00 27.40 ? 163 ARG A NE  1 
ATOM   1326 C  CZ  . ARG A 1 163 ? 1.261   -8.425  -10.997 1.00 33.07 ? 163 ARG A CZ  1 
ATOM   1327 N  NH1 . ARG A 1 163 ? 0.238   -9.150  -10.548 1.00 30.67 ? 163 ARG A NH1 1 
ATOM   1328 N  NH2 . ARG A 1 163 ? 1.116   -7.119  -11.160 1.00 30.13 ? 163 ARG A NH2 1 
ATOM   1329 N  N   . GLY A 1 164 ? 6.662   -12.728 -9.885  1.00 30.01 ? 164 GLY A N   1 
ATOM   1330 C  CA  . GLY A 1 164 ? 6.660   -14.173 -9.735  1.00 40.21 ? 164 GLY A CA  1 
ATOM   1331 C  C   . GLY A 1 164 ? 6.976   -14.592 -8.325  1.00 40.92 ? 164 GLY A C   1 
ATOM   1332 O  O   . GLY A 1 164 ? 7.380   -13.756 -7.517  1.00 36.15 ? 164 GLY A O   1 
ATOM   1333 N  N   . GLU A 1 165 ? 6.776   -15.873 -8.020  1.00 34.95 ? 165 GLU A N   1 
ATOM   1334 C  CA  . GLU A 1 165 ? 7.121   -16.386 -6.697  1.00 41.28 ? 165 GLU A CA  1 
ATOM   1335 C  C   . GLU A 1 165 ? 8.366   -17.252 -6.750  1.00 51.27 ? 165 GLU A C   1 
ATOM   1336 O  O   . GLU A 1 165 ? 8.544   -18.048 -7.671  1.00 49.73 ? 165 GLU A O   1 
ATOM   1337 C  CB  . GLU A 1 165 ? 5.952   -17.149 -6.087  1.00 47.44 ? 165 GLU A CB  1 
ATOM   1338 C  CG  . GLU A 1 165 ? 4.689   -16.309 -5.971  1.00 47.56 ? 165 GLU A CG  1 
ATOM   1339 C  CD  . GLU A 1 165 ? 3.442   -17.156 -5.775  1.00 59.90 ? 165 GLU A CD  1 
ATOM   1340 O  OE1 . GLU A 1 165 ? 3.255   -17.698 -4.663  1.00 59.54 ? 165 GLU A OE1 1 
ATOM   1341 N  N   . LYS A 1 166 ? 9.234   -17.084 -5.759  1.00 51.01 ? 166 LYS A N   1 
ATOM   1342 C  CA  . LYS A 1 166 ? 10.470  -17.850 -5.694  1.00 55.92 ? 166 LYS A CA  1 
ATOM   1343 C  C   . LYS A 1 166 ? 10.854  -18.105 -4.253  1.00 57.01 ? 166 LYS A C   1 
ATOM   1344 O  O   . LYS A 1 166 ? 11.081  -17.162 -3.484  1.00 53.82 ? 166 LYS A O   1 
ATOM   1345 C  CB  . LYS A 1 166 ? 11.606  -17.112 -6.408  1.00 58.07 ? 166 LYS A CB  1 
ATOM   1346 N  N   . ASP A 1 167 ? 10.909  -19.385 -3.891  1.00 60.98 ? 167 ASP A N   1 
ATOM   1347 C  CA  . ASP A 1 167 ? 11.406  -19.800 -2.580  1.00 60.16 ? 167 ASP A CA  1 
ATOM   1348 C  C   . ASP A 1 167 ? 10.611  -19.198 -1.431  1.00 57.38 ? 167 ASP A C   1 
ATOM   1349 O  O   . ASP A 1 167 ? 11.186  -18.782 -0.423  1.00 57.33 ? 167 ASP A O   1 
ATOM   1350 C  CB  . ASP A 1 167 ? 12.880  -19.421 -2.417  1.00 59.92 ? 167 ASP A CB  1 
ATOM   1351 C  CG  . ASP A 1 167 ? 13.780  -20.150 -3.390  1.00 62.79 ? 167 ASP A CG  1 
ATOM   1352 O  OD1 . ASP A 1 167 ? 13.445  -21.293 -3.777  1.00 64.47 ? 167 ASP A OD1 1 
ATOM   1353 O  OD2 . ASP A 1 167 ? 14.828  -19.578 -3.761  1.00 64.02 ? 167 ASP A OD2 1 
ATOM   1354 N  N   . GLY A 1 168 ? 9.293   -19.154 -1.582  1.00 52.30 ? 168 GLY A N   1 
ATOM   1355 C  CA  . GLY A 1 168 ? 8.436   -18.660 -0.526  1.00 54.33 ? 168 GLY A CA  1 
ATOM   1356 C  C   . GLY A 1 168 ? 8.105   -17.181 -0.643  1.00 51.43 ? 168 GLY A C   1 
ATOM   1357 O  O   . GLY A 1 168 ? 7.190   -16.702 0.016   1.00 50.83 ? 168 GLY A O   1 
ATOM   1358 N  N   . PHE A 1 169 ? 8.827   -16.460 -1.493  1.00 47.99 ? 169 PHE A N   1 
ATOM   1359 C  CA  . PHE A 1 169 ? 8.617   -15.018 -1.606  1.00 42.32 ? 169 PHE A CA  1 
ATOM   1360 C  C   . PHE A 1 169 ? 7.944   -14.574 -2.904  1.00 41.35 ? 169 PHE A C   1 
ATOM   1361 O  O   . PHE A 1 169 ? 8.309   -15.012 -3.998  1.00 37.53 ? 169 PHE A O   1 
ATOM   1362 C  CB  . PHE A 1 169 ? 9.941   -14.276 -1.429  1.00 40.32 ? 169 PHE A CB  1 
ATOM   1363 C  CG  . PHE A 1 169 ? 10.541  -14.438 -0.061  1.00 44.41 ? 169 PHE A CG  1 
ATOM   1364 C  CD1 . PHE A 1 169 ? 10.247  -13.539 0.948   1.00 43.89 ? 169 PHE A CD1 1 
ATOM   1365 C  CD2 . PHE A 1 169 ? 11.402  -15.491 0.213   1.00 50.45 ? 169 PHE A CD2 1 
ATOM   1366 C  CE1 . PHE A 1 169 ? 10.804  -13.683 2.216   1.00 50.26 ? 169 PHE A CE1 1 
ATOM   1367 C  CE2 . PHE A 1 169 ? 11.961  -15.643 1.477   1.00 52.57 ? 169 PHE A CE2 1 
ATOM   1368 C  CZ  . PHE A 1 169 ? 11.662  -14.736 2.480   1.00 48.32 ? 169 PHE A CZ  1 
ATOM   1369 N  N   . SER A 1 170 ? 6.951   -13.705 -2.758  1.00 33.96 ? 170 SER A N   1 
ATOM   1370 C  CA  . SER A 1 170 ? 6.386   -12.973 -3.877  1.00 33.22 ? 170 SER A CA  1 
ATOM   1371 C  C   . SER A 1 170 ? 7.323   -11.804 -4.192  1.00 33.53 ? 170 SER A C   1 
ATOM   1372 O  O   . SER A 1 170 ? 7.825   -11.143 -3.286  1.00 34.06 ? 170 SER A O   1 
ATOM   1373 C  CB  . SER A 1 170 ? 5.005   -12.439 -3.507  1.00 36.57 ? 170 SER A CB  1 
ATOM   1374 O  OG  . SER A 1 170 ? 4.121   -13.489 -3.172  1.00 42.87 ? 170 SER A OG  1 
ATOM   1375 N  N   . ARG A 1 171 ? 7.568   -11.563 -5.471  1.00 32.91 ? 171 ARG A N   1 
ATOM   1376 C  CA  . ARG A 1 171 ? 8.519   -10.550 -5.875  1.00 31.61 ? 171 ARG A CA  1 
ATOM   1377 C  C   . ARG A 1 171 ? 7.965   -9.800  -7.066  1.00 34.24 ? 171 ARG A C   1 
ATOM   1378 O  O   . ARG A 1 171 ? 7.480   -10.406 -8.030  1.00 31.87 ? 171 ARG A O   1 
ATOM   1379 C  CB  . ARG A 1 171 ? 9.848   -11.193 -6.277  1.00 33.01 ? 171 ARG A CB  1 
ATOM   1380 C  CG  . ARG A 1 171 ? 10.593  -11.921 -5.161  1.00 34.64 ? 171 ARG A CG  1 
ATOM   1381 C  CD  . ARG A 1 171 ? 12.075  -11.989 -5.534  1.00 40.74 ? 171 ARG A CD  1 
ATOM   1382 N  NE  . ARG A 1 171 ? 12.914  -12.475 -4.448  1.00 46.66 ? 171 ARG A NE  1 
ATOM   1383 C  CZ  . ARG A 1 171 ? 14.028  -11.878 -4.026  1.00 48.82 ? 171 ARG A CZ  1 
ATOM   1384 N  NH1 . ARG A 1 171 ? 14.457  -10.744 -4.584  1.00 46.75 ? 171 ARG A NH1 1 
ATOM   1385 N  NH2 . ARG A 1 171 ? 14.714  -12.417 -3.027  1.00 57.73 ? 171 ARG A NH2 1 
ATOM   1386 N  N   . LEU A 1 172 ? 8.043   -8.480  -7.012  1.00 30.83 ? 172 LEU A N   1 
ATOM   1387 C  CA  . LEU A 1 172 ? 7.579   -7.664  -8.116  1.00 29.36 ? 172 LEU A CA  1 
ATOM   1388 C  C   . LEU A 1 172 ? 8.547   -6.498  -8.279  1.00 30.32 ? 172 LEU A C   1 
ATOM   1389 O  O   . LEU A 1 172 ? 8.666   -5.665  -7.386  1.00 28.26 ? 172 LEU A O   1 
ATOM   1390 C  CB  . LEU A 1 172 ? 6.157   -7.163  -7.834  1.00 27.52 ? 172 LEU A CB  1 
ATOM   1391 C  CG  . LEU A 1 172 ? 5.387   -6.520  -8.997  1.00 30.59 ? 172 LEU A CG  1 
ATOM   1392 C  CD1 . LEU A 1 172 ? 3.917   -6.340  -8.650  1.00 34.32 ? 172 LEU A CD1 1 
ATOM   1393 C  CD2 . LEU A 1 172 ? 5.974   -5.195  -9.384  1.00 32.63 ? 172 LEU A CD2 1 
ATOM   1394 N  N   . LYS A 1 173 ? 9.232   -6.442  -9.417  1.00 28.78 ? 173 LYS A N   1 
ATOM   1395 C  CA  . LYS A 1 173 ? 10.205  -5.393  -9.680  1.00 30.31 ? 173 LYS A CA  1 
ATOM   1396 C  C   . LYS A 1 173 ? 9.612   -4.366  -10.640 1.00 32.31 ? 173 LYS A C   1 
ATOM   1397 O  O   . LYS A 1 173 ? 9.095   -4.742  -11.704 1.00 28.43 ? 173 LYS A O   1 
ATOM   1398 C  CB  . LYS A 1 173 ? 11.492  -5.987  -10.272 1.00 30.92 ? 173 LYS A CB  1 
ATOM   1399 C  CG  . LYS A 1 173 ? 12.565  -4.940  -10.591 1.00 34.04 ? 173 LYS A CG  1 
ATOM   1400 C  CD  . LYS A 1 173 ? 13.802  -5.576  -11.237 1.00 39.68 ? 173 LYS A CD  1 
ATOM   1401 C  CE  . LYS A 1 173 ? 14.545  -6.490  -10.263 1.00 40.54 ? 173 LYS A CE  1 
ATOM   1402 N  NZ  . LYS A 1 173 ? 15.716  -7.114  -10.930 1.00 45.18 ? 173 LYS A NZ  1 
ATOM   1403 N  N   . VAL A 1 174 ? 9.661   -3.084  -10.257 1.00 29.06 ? 174 VAL A N   1 
ATOM   1404 C  CA  . VAL A 1 174 ? 9.200   -2.008  -11.131 1.00 27.19 ? 174 VAL A CA  1 
ATOM   1405 C  C   . VAL A 1 174 ? 10.330  -1.044  -11.455 1.00 31.48 ? 174 VAL A C   1 
ATOM   1406 O  O   . VAL A 1 174 ? 11.258  -0.864  -10.659 1.00 29.15 ? 174 VAL A O   1 
ATOM   1407 C  CB  . VAL A 1 174 ? 8.043   -1.177  -10.509 1.00 26.10 ? 174 VAL A CB  1 
ATOM   1408 C  CG1 . VAL A 1 174 ? 6.770   -2.007  -10.399 1.00 27.15 ? 174 VAL A CG1 1 
ATOM   1409 C  CG2 . VAL A 1 174 ? 8.427   -0.603  -9.129  1.00 31.01 ? 174 VAL A CG2 1 
ATOM   1410 N  N   . ARG A 1 175 ? 10.254  -0.449  -12.639 1.00 27.05 ? 175 ARG A N   1 
ATOM   1411 C  CA  . ARG A 1 175 ? 11.136  0.629   -13.023 1.00 30.80 ? 175 ARG A CA  1 
ATOM   1412 C  C   . ARG A 1 175 ? 10.281  1.879   -13.078 1.00 31.98 ? 175 ARG A C   1 
ATOM   1413 O  O   . ARG A 1 175 ? 9.315   1.951   -13.851 1.00 33.84 ? 175 ARG A O   1 
ATOM   1414 C  CB  . ARG A 1 175 ? 11.788  0.350   -14.377 1.00 30.76 ? 175 ARG A CB  1 
ATOM   1415 C  CG  . ARG A 1 175 ? 12.821  1.397   -14.802 1.00 36.11 ? 175 ARG A CG  1 
ATOM   1416 C  CD  . ARG A 1 175 ? 13.480  0.997   -16.139 1.00 41.20 ? 175 ARG A CD  1 
ATOM   1417 N  NE  . ARG A 1 175 ? 14.689  1.767   -16.420 1.00 42.94 ? 175 ARG A NE  1 
ATOM   1418 C  CZ  . ARG A 1 175 ? 14.692  2.985   -16.953 1.00 44.71 ? 175 ARG A CZ  1 
ATOM   1419 N  NH1 . ARG A 1 175 ? 13.542  3.576   -17.264 1.00 43.41 ? 175 ARG A NH1 1 
ATOM   1420 N  NH2 . ARG A 1 175 ? 15.846  3.614   -17.171 1.00 44.96 ? 175 ARG A NH2 1 
ATOM   1421 N  N   . ILE A 1 176 ? 10.617  2.853   -12.238 1.00 33.57 ? 176 ILE A N   1 
ATOM   1422 C  CA  . ILE A 1 176 ? 9.808   4.057   -12.102 1.00 32.27 ? 176 ILE A CA  1 
ATOM   1423 C  C   . ILE A 1 176 ? 10.510  5.244   -12.736 1.00 38.34 ? 176 ILE A C   1 
ATOM   1424 O  O   . ILE A 1 176 ? 11.562  5.688   -12.263 1.00 31.40 ? 176 ILE A O   1 
ATOM   1425 C  CB  . ILE A 1 176 ? 9.527   4.398   -10.636 1.00 31.90 ? 176 ILE A CB  1 
ATOM   1426 C  CG1 . ILE A 1 176 ? 8.920   3.191   -9.898  1.00 29.89 ? 176 ILE A CG1 1 
ATOM   1427 C  CG2 . ILE A 1 176 ? 8.625   5.634   -10.571 1.00 32.69 ? 176 ILE A CG2 1 
ATOM   1428 C  CD1 . ILE A 1 176 ? 8.905   3.334   -8.349  1.00 31.03 ? 176 ILE A CD1 1 
ATOM   1429 N  N   . LYS A 1 177 ? 9.909   5.737   -13.812 1.00 38.17 ? 177 LYS A N   1 
ATOM   1430 C  CA  . LYS A 1 177 ? 10.457  6.809   -14.621 1.00 36.79 ? 177 LYS A CA  1 
ATOM   1431 C  C   . LYS A 1 177 ? 9.753   8.110   -14.270 1.00 40.12 ? 177 LYS A C   1 
ATOM   1432 O  O   . LYS A 1 177 ? 8.520   8.198   -14.299 1.00 39.71 ? 177 LYS A O   1 
ATOM   1433 C  CB  . LYS A 1 177 ? 10.246  6.469   -16.098 1.00 37.81 ? 177 LYS A CB  1 
ATOM   1434 C  CG  . LYS A 1 177 ? 10.906  7.423   -17.087 1.00 46.96 ? 177 LYS A CG  1 
ATOM   1435 C  CD  . LYS A 1 177 ? 10.594  6.996   -18.527 1.00 52.55 ? 177 LYS A CD  1 
ATOM   1436 C  CE  . LYS A 1 177 ? 11.262  7.915   -19.532 1.00 54.58 ? 177 LYS A CE  1 
ATOM   1437 N  NZ  . LYS A 1 177 ? 10.998  7.475   -20.931 1.00 63.89 ? 177 LYS A NZ  1 
ATOM   1438 N  N   . PHE A 1 178 ? 10.536  9.120   -13.918 1.00 38.52 ? 178 PHE A N   1 
ATOM   1439 C  CA  . PHE A 1 178 ? 9.978   10.408  -13.533 1.00 39.89 ? 178 PHE A CA  1 
ATOM   1440 C  C   . PHE A 1 178 ? 9.911   11.340  -14.735 1.00 40.67 ? 178 PHE A C   1 
ATOM   1441 O  O   . PHE A 1 178 ? 10.859  11.427  -15.519 1.00 41.10 ? 178 PHE A O   1 
ATOM   1442 C  CB  . PHE A 1 178 ? 10.808  11.036  -12.415 1.00 37.49 ? 178 PHE A CB  1 
ATOM   1443 C  CG  . PHE A 1 178 ? 10.786  10.247  -11.128 1.00 39.61 ? 178 PHE A CG  1 
ATOM   1444 C  CD1 . PHE A 1 178 ? 11.440  9.029   -11.035 1.00 37.61 ? 178 PHE A CD1 1 
ATOM   1445 C  CD2 . PHE A 1 178 ? 10.117  10.731  -10.016 1.00 35.29 ? 178 PHE A CD2 1 
ATOM   1446 C  CE1 . PHE A 1 178 ? 11.426  8.301   -9.856  1.00 38.02 ? 178 PHE A CE1 1 
ATOM   1447 C  CE2 . PHE A 1 178 ? 10.098  10.010  -8.833  1.00 36.62 ? 178 PHE A CE2 1 
ATOM   1448 C  CZ  . PHE A 1 178 ? 10.750  8.791   -8.755  1.00 36.60 ? 178 PHE A CZ  1 
ATOM   1449 N  N   . LYS A 1 179 ? 8.780   12.019  -14.893 1.00 40.92 ? 179 LYS A N   1 
ATOM   1450 C  CA  . LYS A 1 179 ? 8.623   12.977  -15.981 1.00 46.42 ? 179 LYS A CA  1 
ATOM   1451 C  C   . LYS A 1 179 ? 9.745   14.009  -15.903 1.00 48.83 ? 179 LYS A C   1 
ATOM   1452 O  O   . LYS A 1 179 ? 10.392  14.318  -16.902 1.00 51.80 ? 179 LYS A O   1 
ATOM   1453 C  CB  . LYS A 1 179 ? 7.243   13.646  -15.914 1.00 51.08 ? 179 LYS A CB  1 
ATOM   1454 C  CG  . LYS A 1 179 ? 6.926   14.563  -17.087 1.00 54.53 ? 179 LYS A CG  1 
ATOM   1455 C  CD  . LYS A 1 179 ? 7.065   13.833  -18.424 1.00 61.50 ? 179 LYS A CD  1 
ATOM   1456 C  CE  . LYS A 1 179 ? 6.085   12.666  -18.546 1.00 64.22 ? 179 LYS A CE  1 
ATOM   1457 N  NZ  . LYS A 1 179 ? 6.211   11.972  -19.865 1.00 66.11 ? 179 LYS A NZ  1 
ATOM   1458 N  N   . ASN A 1 180 ? 9.988   14.531  -14.707 1.00 47.96 ? 180 ASN A N   1 
ATOM   1459 C  CA  . ASN A 1 180 ? 11.152  15.380  -14.483 1.00 50.44 ? 180 ASN A CA  1 
ATOM   1460 C  C   . ASN A 1 180 ? 12.306  14.577  -13.873 1.00 50.57 ? 180 ASN A C   1 
ATOM   1461 O  O   . ASN A 1 180 ? 12.148  13.962  -12.814 1.00 45.28 ? 180 ASN A O   1 
ATOM   1462 C  CB  . ASN A 1 180 ? 10.788  16.556  -13.579 1.00 51.29 ? 180 ASN A CB  1 
ATOM   1463 C  CG  . ASN A 1 180 ? 9.748   17.471  -14.203 1.00 55.43 ? 180 ASN A CG  1 
ATOM   1464 O  OD1 . ASN A 1 180 ? 9.658   17.594  -15.430 1.00 53.71 ? 180 ASN A OD1 1 
ATOM   1465 N  ND2 . ASN A 1 180 ? 8.959   18.125  -13.357 1.00 58.03 ? 180 ASN A ND2 1 
ATOM   1466 N  N   . PRO A 1 181 ? 13.473  14.581  -14.542 1.00 48.61 ? 181 PRO A N   1 
ATOM   1467 C  CA  . PRO A 1 181 ? 14.680  13.857  -14.109 1.00 47.75 ? 181 PRO A CA  1 
ATOM   1468 C  C   . PRO A 1 181 ? 14.967  14.016  -12.613 1.00 47.78 ? 181 PRO A C   1 
ATOM   1469 O  O   . PRO A 1 181 ? 14.671  15.068  -12.043 1.00 44.50 ? 181 PRO A O   1 
ATOM   1470 C  CB  . PRO A 1 181 ? 15.800  14.516  -14.930 1.00 50.60 ? 181 PRO A CB  1 
ATOM   1471 C  CG  . PRO A 1 181 ? 15.177  15.776  -15.523 1.00 55.68 ? 181 PRO A CG  1 
ATOM   1472 C  CD  . PRO A 1 181 ? 13.742  15.423  -15.719 1.00 50.48 ? 181 PRO A CD  1 
ATOM   1473 N  N   . VAL A 1 182 ? 15.531  12.986  -11.986 1.00 40.61 ? 182 VAL A N   1 
ATOM   1474 C  CA  . VAL A 1 182 ? 15.799  13.038  -10.550 1.00 43.58 ? 182 VAL A CA  1 
ATOM   1475 C  C   . VAL A 1 182 ? 17.200  13.577  -10.267 1.00 44.99 ? 182 VAL A C   1 
ATOM   1476 O  O   . VAL A 1 182 ? 17.452  14.145  -9.206  1.00 43.19 ? 182 VAL A O   1 
ATOM   1477 C  CB  . VAL A 1 182 ? 15.645  11.655  -9.877  1.00 45.55 ? 182 VAL A CB  1 
ATOM   1478 C  CG1 . VAL A 1 182 ? 14.214  11.146  -10.035 1.00 43.38 ? 182 VAL A CG1 1 
ATOM   1479 C  CG2 . VAL A 1 182 ? 16.634  10.660  -10.457 1.00 44.71 ? 182 VAL A CG2 1 
ATOM   1480 N  N   . PHE A 1 183 ? 18.103  13.402  -11.225 1.00 41.29 ? 183 PHE A N   1 
ATOM   1481 C  CA  . PHE A 1 183 ? 19.493  13.776  -11.026 1.00 44.98 ? 183 PHE A CA  1 
ATOM   1482 C  C   . PHE A 1 183 ? 19.641  15.293  -10.861 1.00 49.43 ? 183 PHE A C   1 
ATOM   1483 O  O   . PHE A 1 183 ? 18.770  16.069  -11.275 1.00 45.28 ? 183 PHE A O   1 
ATOM   1484 C  CB  . PHE A 1 183 ? 20.351  13.251  -12.180 1.00 45.49 ? 183 PHE A CB  1 
ATOM   1485 C  CG  . PHE A 1 183 ? 20.371  14.151  -13.372 1.00 48.42 ? 183 PHE A CG  1 
ATOM   1486 C  CD1 . PHE A 1 183 ? 19.218  14.390  -14.095 1.00 48.92 ? 183 PHE A CD1 1 
ATOM   1487 C  CD2 . PHE A 1 183 ? 21.552  14.767  -13.770 1.00 53.27 ? 183 PHE A CD2 1 
ATOM   1488 C  CE1 . PHE A 1 183 ? 19.234  15.228  -15.198 1.00 54.83 ? 183 PHE A CE1 1 
ATOM   1489 C  CE2 . PHE A 1 183 ? 21.578  15.608  -14.873 1.00 55.27 ? 183 PHE A CE2 1 
ATOM   1490 C  CZ  . PHE A 1 183 ? 20.416  15.839  -15.589 1.00 55.29 ? 183 PHE A CZ  1 
ATOM   1491 N  N   . GLU A 1 184 ? 20.742  15.716  -10.247 1.00 44.48 ? 184 GLU A N   1 
ATOM   1492 C  CA  . GLU A 1 184 ? 20.944  17.134  -9.964  1.00 45.27 ? 184 GLU A CA  1 
ATOM   1493 C  C   . GLU A 1 184 ? 21.542  17.898  -11.152 1.00 54.36 ? 184 GLU A C   1 
ATOM   1494 O  O   . GLU A 1 184 ? 22.723  17.735  -11.469 1.00 56.04 ? 184 GLU A O   1 
ATOM   1495 C  CB  . GLU A 1 184 ? 21.805  17.323  -8.718  1.00 47.71 ? 184 GLU A CB  1 
ATOM   1496 C  CG  . GLU A 1 184 ? 21.951  18.792  -8.313  1.00 49.75 ? 184 GLU A CG  1 
ATOM   1497 C  CD  . GLU A 1 184 ? 22.552  18.956  -6.935  1.00 46.92 ? 184 GLU A CD  1 
ATOM   1498 O  OE1 . GLU A 1 184 ? 23.566  19.679  -6.813  1.00 52.86 ? 184 GLU A OE1 1 
ATOM   1499 O  OE2 . GLU A 1 184 ? 22.013  18.363  -5.973  1.00 44.93 ? 184 GLU A OE2 1 
ATOM   1500 N  N   . TYR A 1 185 ? 20.718  18.731  -11.791 1.00 54.84 ? 185 TYR A N   1 
ATOM   1501 C  CA  . TYR A 1 185 ? 21.138  19.512  -12.956 1.00 59.48 ? 185 TYR A CA  1 
ATOM   1502 C  C   . TYR A 1 185 ? 21.713  20.867  -12.551 1.00 65.46 ? 185 TYR A C   1 
ATOM   1503 O  O   . TYR A 1 185 ? 22.775  21.270  -13.031 1.00 68.48 ? 185 TYR A O   1 
ATOM   1504 C  CB  . TYR A 1 185 ? 19.964  19.709  -13.918 1.00 62.82 ? 185 TYR A CB  1 
HETATM 1505 C  CHA . RUR B 2 .   ? 2.761   -2.845  4.818   1.00 28.95 ? 200 RUR A CHA 1 
HETATM 1506 C  CHB . RUR B 2 .   ? 4.291   -1.019  0.664   1.00 28.52 ? 200 RUR A CHB 1 
HETATM 1507 C  CHC . RUR B 2 .   ? 4.284   3.395   2.622   1.00 29.43 ? 200 RUR A CHC 1 
HETATM 1508 C  CHD . RUR B 2 .   ? 3.424   1.502   6.986   1.00 32.70 ? 200 RUR A CHD 1 
HETATM 1509 C  C1A . RUR B 2 .   ? 2.926   -2.730  3.450   1.00 30.25 ? 200 RUR A C1A 1 
HETATM 1510 C  C2A . RUR B 2 .   ? 2.443   -3.597  2.406   1.00 29.82 ? 200 RUR A C2A 1 
HETATM 1511 C  C3A . RUR B 2 .   ? 2.861   -3.074  1.253   1.00 30.56 ? 200 RUR A C3A 1 
HETATM 1512 C  C4A . RUR B 2 .   ? 3.645   -1.891  1.519   1.00 26.66 ? 200 RUR A C4A 1 
HETATM 1513 C  CMA . RUR B 2 .   ? 2.586   -3.612  -0.136  1.00 28.19 ? 200 RUR A CMA 1 
HETATM 1514 C  CAA . RUR B 2 .   ? 1.552   -4.832  2.617   1.00 28.89 ? 200 RUR A CAA 1 
HETATM 1515 C  CBA . RUR B 2 .   ? 2.227   -6.033  3.252   1.00 30.21 ? 200 RUR A CBA 1 
HETATM 1516 C  CGA . RUR B 2 .   ? 2.879   -6.874  2.213   1.00 30.78 ? 200 RUR A CGA 1 
HETATM 1517 O  O1A . RUR B 2 .   ? 2.486   -6.856  1.085   1.00 29.70 ? 200 RUR A O1A 1 
HETATM 1518 O  O2A . RUR B 2 .   ? 3.809   -7.570  2.491   1.00 29.60 ? 200 RUR A O2A 1 
HETATM 1519 C  C1B . RUR B 2 .   ? 4.424   0.358   0.730   1.00 32.78 ? 200 RUR A C1B 1 
HETATM 1520 C  C2B . RUR B 2 .   ? 4.732   1.325   -0.281  1.00 33.11 ? 200 RUR A C2B 1 
HETATM 1521 C  C3B . RUR B 2 .   ? 4.725   2.532   0.285   1.00 30.90 ? 200 RUR A C3B 1 
HETATM 1522 C  C4B . RUR B 2 .   ? 4.406   2.409   1.663   1.00 33.26 ? 200 RUR A C4B 1 
HETATM 1523 C  CMB . RUR B 2 .   ? 5.050   0.972   -1.724  1.00 30.17 ? 200 RUR A CMB 1 
HETATM 1524 C  CAB . RUR B 2 .   ? 5.001   3.878   -0.351  1.00 33.88 ? 200 RUR A CAB 1 
HETATM 1525 C  CBB . RUR B 2 .   ? 4.573   4.129   -1.562  1.00 38.65 ? 200 RUR A CBB 1 
HETATM 1526 C  C1C . RUR B 2 .   ? 4.085   3.387   3.984   1.00 34.21 ? 200 RUR A C1C 1 
HETATM 1527 C  C2C . RUR B 2 .   ? 4.061   4.441   4.954   1.00 34.18 ? 200 RUR A C2C 1 
HETATM 1528 C  C3C . RUR B 2 .   ? 3.821   3.905   6.152   1.00 31.02 ? 200 RUR A C3C 1 
HETATM 1529 C  C4C . RUR B 2 .   ? 3.681   2.487   6.037   1.00 35.86 ? 200 RUR A C4C 1 
HETATM 1530 C  CMC . RUR B 2 .   ? 4.285   5.914   4.646   1.00 30.82 ? 200 RUR A CMC 1 
HETATM 1531 C  CAC . RUR B 2 .   ? 3.712   4.624   7.481   1.00 38.37 ? 200 RUR A CAC 1 
HETATM 1532 C  CBC . RUR B 2 .   ? 2.619   5.269   7.800   1.00 39.07 ? 200 RUR A CBC 1 
HETATM 1533 C  C1D . RUR B 2 .   ? 3.082   0.153   6.906   1.00 37.08 ? 200 RUR A C1D 1 
HETATM 1534 C  C2D . RUR B 2 .   ? 2.605   -0.750  7.920   1.00 33.63 ? 200 RUR A C2D 1 
HETATM 1535 C  C3D . RUR B 2 .   ? 2.396   -2.117  7.258   1.00 34.98 ? 200 RUR A C3D 1 
HETATM 1536 C  C4D . RUR B 2 .   ? 2.763   -1.939  5.873   1.00 37.31 ? 200 RUR A C4D 1 
HETATM 1537 C  CMD . RUR B 2 .   ? 2.352   -0.385  9.369   1.00 35.91 ? 200 RUR A CMD 1 
HETATM 1538 C  CAD . RUR B 2 .   ? 1.867   -3.401  7.903   1.00 36.49 ? 200 RUR A CAD 1 
HETATM 1539 C  CBD . RUR B 2 .   ? 2.871   -4.135  8.733   1.00 41.40 ? 200 RUR A CBD 1 
HETATM 1540 C  CGD . RUR B 2 .   ? 2.171   -5.244  9.452   1.00 45.15 ? 200 RUR A CGD 1 
HETATM 1541 O  O1D . RUR B 2 .   ? 1.025   -5.079  9.850   1.00 42.72 ? 200 RUR A O1D 1 
HETATM 1542 O  O2D . RUR B 2 .   ? 2.765   -6.291  9.614   1.00 43.63 ? 200 RUR A O2D 1 
HETATM 1543 RU RU  . RUR B 2 .   ? 3.604   0.280   3.819   1.00 31.24 ? 200 RUR A RU  1 
HETATM 1544 N  NA  . RUR B 2 .   ? 3.649   -1.783  2.847   1.00 28.41 ? 200 RUR A NA  1 
HETATM 1545 N  NB  . RUR B 2 .   ? 4.246   1.102   1.815   1.00 30.65 ? 200 RUR A NB  1 
HETATM 1546 N  NC  . RUR B 2 .   ? 3.859   2.324   4.744   1.00 28.86 ? 200 RUR A NC  1 
HETATM 1547 N  ND  . RUR B 2 .   ? 3.144   -0.645  5.823   1.00 31.90 ? 200 RUR A ND  1 
HETATM 1548 C  C   . CMO C 3 .   ? 2.025   0.352   3.599   1.00 33.14 ? 500 CMO A C   1 
HETATM 1549 O  O   . CMO C 3 .   ? 0.875   0.373   3.232   1.00 30.60 ? 500 CMO A O   1 
HETATM 1550 O  O   . HOH D 4 .   ? 18.414  1.952   -17.022 1.00 48.90 ? 201 HOH A O   1 
HETATM 1551 O  O   . HOH D 4 .   ? 15.240  2.922   2.197   1.00 32.26 ? 202 HOH A O   1 
HETATM 1552 O  O   . HOH D 4 .   ? 14.480  6.165   -18.346 1.00 47.56 ? 203 HOH A O   1 
HETATM 1553 O  O   . HOH D 4 .   ? -18.037 8.108   2.648   1.00 58.00 ? 204 HOH A O   1 
HETATM 1554 O  O   . HOH D 4 .   ? -4.248  3.095   12.538  1.00 38.35 ? 205 HOH A O   1 
HETATM 1555 O  O   . HOH D 4 .   ? -9.078  -10.865 13.314  1.00 43.78 ? 206 HOH A O   1 
HETATM 1556 O  O   . HOH D 4 .   ? 11.455  -3.281  4.768   1.00 34.83 ? 207 HOH A O   1 
HETATM 1557 O  O   . HOH D 4 .   ? 9.111   14.479  9.428   1.00 44.86 ? 208 HOH A O   1 
HETATM 1558 O  O   . HOH D 4 .   ? 8.176   13.909  -12.703 1.00 44.15 ? 209 HOH A O   1 
HETATM 1559 O  O   . HOH D 4 .   ? 8.336   13.063  2.608   1.00 43.03 ? 210 HOH A O   1 
HETATM 1560 O  O   . HOH D 4 .   ? -10.525 3.001   10.924  1.00 40.01 ? 211 HOH A O   1 
HETATM 1561 O  O   . HOH D 4 .   ? 13.231  -5.479  -1.682  1.00 31.77 ? 212 HOH A O   1 
HETATM 1562 O  O   . HOH D 4 .   ? -7.522  -9.914  -0.811  1.00 37.26 ? 213 HOH A O   1 
HETATM 1563 O  O   . HOH D 4 .   ? 14.836  -9.093  4.324   1.00 43.41 ? 214 HOH A O   1 
HETATM 1564 O  O   . HOH D 4 .   ? 2.379   4.310   -14.217 1.00 43.84 ? 215 HOH A O   1 
HETATM 1565 O  O   . HOH D 4 .   ? 13.223  15.360  -0.514  1.00 41.58 ? 216 HOH A O   1 
HETATM 1566 O  O   . HOH D 4 .   ? -2.564  15.472  9.832   1.00 37.94 ? 217 HOH A O   1 
HETATM 1567 O  O   . HOH D 4 .   ? -1.007  -3.689  -12.972 1.00 39.66 ? 218 HOH A O   1 
HETATM 1568 O  O   . HOH D 4 .   ? 18.913  14.837  -7.156  1.00 37.95 ? 219 HOH A O   1 
HETATM 1569 O  O   . HOH D 4 .   ? 16.635  0.241   -15.788 1.00 44.44 ? 220 HOH A O   1 
HETATM 1570 O  O   . HOH D 4 .   ? 17.251  0.395   -0.945  1.00 39.24 ? 221 HOH A O   1 
HETATM 1571 O  O   . HOH D 4 .   ? -11.332 0.672   12.156  1.00 42.53 ? 222 HOH A O   1 
HETATM 1572 O  O   . HOH D 4 .   ? 4.477   -15.847 -1.681  1.00 50.17 ? 223 HOH A O   1 
HETATM 1573 O  O   . HOH D 4 .   ? -1.637  -9.854  -5.128  1.00 41.33 ? 224 HOH A O   1 
HETATM 1574 O  O   . HOH D 4 .   ? -8.696  8.648   2.498   1.00 48.90 ? 225 HOH A O   1 
HETATM 1575 O  O   . HOH D 4 .   ? 11.689  -9.684  -9.331  1.00 38.98 ? 226 HOH A O   1 
HETATM 1576 O  O   . HOH D 4 .   ? -6.019  15.662  3.690   1.00 45.96 ? 227 HOH A O   1 
HETATM 1577 O  O   . HOH D 4 .   ? 2.150   -0.395  -13.312 1.00 40.47 ? 228 HOH A O   1 
HETATM 1578 O  O   . HOH D 4 .   ? 12.868  2.031   -0.675  1.00 31.48 ? 229 HOH A O   1 
HETATM 1579 O  O   . HOH D 4 .   ? 15.037  -10.902 -0.728  1.00 57.94 ? 230 HOH A O   1 
HETATM 1580 O  O   . HOH D 4 .   ? -12.439 -10.604 -7.821  1.00 43.92 ? 231 HOH A O   1 
HETATM 1581 O  O   . HOH D 4 .   ? 9.613   -11.427 -9.604  1.00 35.06 ? 232 HOH A O   1 
HETATM 1582 O  O   . HOH D 4 .   ? -9.922  12.259  7.836   1.00 46.46 ? 233 HOH A O   1 
HETATM 1583 O  O   . HOH D 4 .   ? -5.533  1.248   13.862  1.00 39.51 ? 234 HOH A O   1 
HETATM 1584 O  O   . HOH D 4 .   ? 22.275  1.744   -8.852  1.00 39.02 ? 235 HOH A O   1 
HETATM 1585 O  O   . HOH D 4 .   ? 5.798   16.015  -12.829 1.00 45.40 ? 236 HOH A O   1 
HETATM 1586 O  O   . HOH D 4 .   ? -10.091 -10.833 -1.221  1.00 40.80 ? 237 HOH A O   1 
HETATM 1587 O  O   . HOH D 4 .   ? -12.411 4.574   10.002  1.00 44.90 ? 238 HOH A O   1 
HETATM 1588 O  O   . HOH D 4 .   ? -5.784  -8.513  18.759  1.00 47.51 ? 239 HOH A O   1 
HETATM 1589 O  O   . HOH D 4 .   ? -9.063  -9.474  15.879  1.00 51.21 ? 240 HOH A O   1 
HETATM 1590 O  O   . HOH D 4 .   ? -14.544 3.417   10.683  1.00 46.62 ? 241 HOH A O   1 
HETATM 1591 O  O   . HOH D 4 .   ? 15.152  -6.375  -3.684  1.00 33.56 ? 242 HOH A O   1 
HETATM 1592 O  O   . HOH D 4 .   ? -3.096  -13.410 9.746   1.00 46.54 ? 243 HOH A O   1 
HETATM 1593 O  O   . HOH D 4 .   ? -16.681 -14.701 5.495   1.00 51.80 ? 244 HOH A O   1 
HETATM 1594 O  O   . HOH D 4 .   ? 1.918   -8.505  10.802  1.00 43.55 ? 245 HOH A O   1 
HETATM 1595 O  O   . HOH D 4 .   ? 19.061  -2.061  -13.327 1.00 50.46 ? 246 HOH A O   1 
HETATM 1596 O  O   . HOH D 4 .   ? -0.041  11.884  -10.806 1.00 55.09 ? 247 HOH A O   1 
HETATM 1597 O  O   . HOH D 4 .   ? -3.245  -8.044  -5.697  1.00 40.07 ? 248 HOH A O   1 
HETATM 1598 O  O   . HOH D 4 .   ? -20.916 1.843   10.690  1.00 51.24 ? 249 HOH A O   1 
HETATM 1599 O  O   . HOH D 4 .   ? 15.689  -2.403  -6.307  1.00 41.96 ? 250 HOH A O   1 
HETATM 1600 O  O   . HOH D 4 .   ? -4.490  -1.509  20.248  1.00 46.86 ? 251 HOH A O   1 
HETATM 1601 O  O   . HOH D 4 .   ? -1.667  -6.512  -11.082 1.00 34.15 ? 252 HOH A O   1 
HETATM 1602 O  O   . HOH D 4 .   ? -2.300  -11.410 -7.690  1.00 35.41 ? 253 HOH A O   1 
HETATM 1603 O  O   . HOH D 4 .   ? -10.325 -13.271 -2.541  1.00 49.83 ? 254 HOH A O   1 
HETATM 1604 O  O   . HOH D 4 .   ? 22.716  0.366   -11.419 1.00 46.85 ? 255 HOH A O   1 
HETATM 1605 O  O   . HOH D 4 .   ? -0.611  -12.789 -9.168  1.00 33.91 ? 256 HOH A O   1 
HETATM 1606 O  O   . HOH D 4 .   ? -3.111  -8.765  -11.951 1.00 34.57 ? 257 HOH A O   1 
HETATM 1607 O  O   . HOH D 4 .   ? -11.210 -3.414  17.359  1.00 38.94 ? 258 HOH A O   1 
HETATM 1608 O  O   . HOH D 4 .   ? 19.382  17.421  -6.675  1.00 42.75 ? 259 HOH A O   1 
HETATM 1609 O  O   . HOH D 4 .   ? -4.249  -8.780  4.909   1.00 50.45 ? 260 HOH A O   1 
HETATM 1610 O  O   . HOH D 4 .   ? 4.299   -8.767  4.664   1.00 43.91 ? 261 HOH A O   1 
HETATM 1611 O  O   . HOH D 4 .   ? 6.030   -10.711 4.371   1.00 44.32 ? 262 HOH A O   1 
HETATM 1612 O  O   . HOH D 4 .   ? -14.686 -14.779 10.761  1.00 53.09 ? 263 HOH A O   1 
HETATM 1613 O  O   . HOH D 4 .   ? -10.244 -16.830 9.513   1.00 53.50 ? 264 HOH A O   1 
HETATM 1614 O  O   . HOH D 4 .   ? -19.978 4.126   11.112  1.00 56.98 ? 265 HOH A O   1 
HETATM 1615 O  O   . HOH D 4 .   ? -12.247 7.342   9.943   1.00 38.81 ? 266 HOH A O   1 
HETATM 1616 O  O   . HOH D 4 .   ? -8.265  4.901   -8.574  1.00 47.75 ? 267 HOH A O   1 
HETATM 1617 O  O   . HOH D 4 .   ? -7.776  7.718   -4.895  1.00 48.59 ? 268 HOH A O   1 
HETATM 1618 O  O   . HOH D 4 .   ? -8.276  4.997   -5.700  1.00 41.82 ? 269 HOH A O   1 
HETATM 1619 O  O   . HOH D 4 .   ? -0.073  -9.980  11.678  1.00 53.74 ? 270 HOH A O   1 
HETATM 1620 O  O   . HOH D 4 .   ? -19.714 1.983   -3.578  1.00 47.53 ? 271 HOH A O   1 
HETATM 1621 O  O   . HOH D 4 .   ? -18.903 -1.683  17.655  1.00 45.89 ? 272 HOH A O   1 
HETATM 1622 O  O   . HOH D 4 .   ? -2.373  -8.854  -9.299  1.00 38.28 ? 273 HOH A O   1 
HETATM 1623 O  O   . HOH D 4 .   ? 8.850   9.994   10.638  1.00 48.60 ? 274 HOH A O   1 
HETATM 1624 O  O   . HOH D 4 .   ? 21.538  1.362   -13.908 1.00 46.79 ? 275 HOH A O   1 
HETATM 1625 O  O   . HOH D 4 .   ? 10.277  -9.906  2.614   1.00 38.66 ? 276 HOH A O   1 
HETATM 1626 O  O   . HOH D 4 .   ? -1.256  -11.810 0.626   1.00 40.44 ? 277 HOH A O   1 
HETATM 1627 O  O   . HOH D 4 .   ? 6.843   17.255  -5.052  1.00 45.65 ? 278 HOH A O   1 
HETATM 1628 O  O   . HOH D 4 .   ? 7.683   -19.959 -4.102  1.00 56.44 ? 279 HOH A O   1 
HETATM 1629 O  O   . HOH D 4 .   ? -15.137 -12.300 13.481  1.00 49.94 ? 280 HOH A O   1 
HETATM 1630 O  O   . HOH D 4 .   ? -12.655 -12.614 14.502  1.00 50.25 ? 281 HOH A O   1 
HETATM 1631 O  O   . HOH D 4 .   ? -5.693  -10.643 0.783   1.00 53.06 ? 282 HOH A O   1 
HETATM 1632 O  O   . HOH D 4 .   ? -4.837  -10.457 3.194   1.00 47.93 ? 283 HOH A O   1 
HETATM 1633 O  O   . HOH D 4 .   ? -13.062 -7.767  -13.086 1.00 49.66 ? 284 HOH A O   1 
HETATM 1634 O  O   . HOH D 4 .   ? 17.205  3.146   -1.424  1.00 38.71 ? 285 HOH A O   1 
HETATM 1635 O  O   . HOH D 4 .   ? 15.479  -4.047  -8.393  1.00 45.96 ? 286 HOH A O   1 
HETATM 1636 O  O   . HOH D 4 .   ? -21.795 2.161   0.389   1.00 44.44 ? 287 HOH A O   1 
HETATM 1637 O  O   . HOH D 4 .   ? -15.744 0.868   11.219  1.00 46.86 ? 288 HOH A O   1 
HETATM 1638 O  O   . HOH D 4 .   ? 0.625   14.386  -18.610 1.00 59.79 ? 289 HOH A O   1 
HETATM 1639 O  O   . HOH D 4 .   ? 8.596   3.554   -16.170 1.00 45.68 ? 290 HOH A O   1 
HETATM 1640 O  O   . HOH D 4 .   ? 0.303   -5.293  -14.144 0.36 36.52 ? 291 HOH A O   1 
HETATM 1641 O  O   . HOH D 4 .   ? -2.952  -6.388  -3.450  1.00 29.22 ? 292 HOH A O   1 
HETATM 1642 O  O   . HOH D 4 .   ? 10.546  2.344   -17.361 1.00 44.90 ? 293 HOH A O   1 
HETATM 1643 O  O   . HOH D 4 .   ? 3.438   11.390  11.974  1.00 44.24 ? 294 HOH A O   1 
HETATM 1644 O  O   . HOH D 4 .   ? 10.985  13.335  -7.182  1.00 35.65 ? 295 HOH A O   1 
HETATM 1645 O  O   . HOH D 4 .   ? 1.995   9.968   -12.534 1.00 41.37 ? 296 HOH A O   1 
HETATM 1646 O  O   . HOH D 4 .   ? 11.777  11.333  -18.003 1.00 48.77 ? 297 HOH A O   1 
# 
loop_
_pdbx_poly_seq_scheme.asym_id 
_pdbx_poly_seq_scheme.entity_id 
_pdbx_poly_seq_scheme.seq_id 
_pdbx_poly_seq_scheme.mon_id 
_pdbx_poly_seq_scheme.ndb_seq_num 
_pdbx_poly_seq_scheme.pdb_seq_num 
_pdbx_poly_seq_scheme.auth_seq_num 
_pdbx_poly_seq_scheme.pdb_mon_id 
_pdbx_poly_seq_scheme.auth_mon_id 
_pdbx_poly_seq_scheme.pdb_strand_id 
_pdbx_poly_seq_scheme.pdb_ins_code 
_pdbx_poly_seq_scheme.hetero 
A 1 1   MET 1   1   1   MET MET A . n 
A 1 2   LYS 2   2   2   LYS LYS A . n 
A 1 3   GLY 3   3   3   GLY GLY A . n 
A 1 4   THR 4   4   4   THR THR A . n 
A 1 5   ILE 5   5   5   ILE ILE A . n 
A 1 6   VAL 6   6   6   VAL VAL A . n 
A 1 7   GLY 7   7   7   GLY GLY A . n 
A 1 8   THR 8   8   8   THR THR A . n 
A 1 9   TRP 9   9   9   TRP TRP A . n 
A 1 10  ILE 10  10  10  ILE ILE A . n 
A 1 11  LYS 11  11  11  LYS LYS A . n 
A 1 12  THR 12  12  12  THR THR A . n 
A 1 13  LEU 13  13  13  LEU LEU A . n 
A 1 14  ARG 14  14  14  ARG ARG A . n 
A 1 15  ASP 15  15  15  ASP ASP A . n 
A 1 16  LEU 16  16  16  LEU LEU A . n 
A 1 17  TYR 17  17  17  TYR TYR A . n 
A 1 18  GLY 18  18  18  GLY GLY A . n 
A 1 19  ASN 19  19  19  ASN ASN A . n 
A 1 20  ASP 20  20  20  ASP ASP A . n 
A 1 21  VAL 21  21  21  VAL VAL A . n 
A 1 22  VAL 22  22  22  VAL VAL A . n 
A 1 23  ASP 23  23  23  ASP ASP A . n 
A 1 24  GLU 24  24  24  GLU GLU A . n 
A 1 25  SER 25  25  25  SER SER A . n 
A 1 26  LEU 26  26  26  LEU LEU A . n 
A 1 27  LYS 27  27  27  LYS LYS A . n 
A 1 28  SER 28  28  28  SER SER A . n 
A 1 29  VAL 29  29  29  VAL VAL A . n 
A 1 30  GLY 30  30  30  GLY GLY A . n 
A 1 31  TRP 31  31  31  TRP TRP A . n 
A 1 32  GLU 32  32  32  GLU GLU A . n 
A 1 33  PRO 33  33  33  PRO PRO A . n 
A 1 34  ASP 34  34  34  ASP ASP A . n 
A 1 35  ARG 35  35  35  ARG ARG A . n 
A 1 36  VAL 36  36  36  VAL VAL A . n 
A 1 37  ILE 37  37  37  ILE ILE A . n 
A 1 38  THR 38  38  38  THR THR A . n 
A 1 39  PRO 39  39  39  PRO PRO A . n 
A 1 40  LEU 40  40  40  LEU LEU A . n 
A 1 41  GLU 41  41  41  GLU GLU A . n 
A 1 42  ASP 42  42  42  ASP ASP A . n 
A 1 43  ILE 43  43  43  ILE ILE A . n 
A 1 44  ASP 44  44  44  ASP ASP A . n 
A 1 45  ASP 45  45  45  ASP ASP A . n 
A 1 46  ASP 46  46  46  ASP ASP A . n 
A 1 47  GLU 47  47  47  GLU GLU A . n 
A 1 48  VAL 48  48  48  VAL VAL A . n 
A 1 49  ARG 49  49  49  ARG ARG A . n 
A 1 50  ARG 50  50  50  ARG ARG A . n 
A 1 51  ILE 51  51  51  ILE ILE A . n 
A 1 52  PHE 52  52  52  PHE PHE A . n 
A 1 53  ALA 53  53  53  ALA ALA A . n 
A 1 54  LYS 54  54  54  LYS LYS A . n 
A 1 55  VAL 55  55  55  VAL VAL A . n 
A 1 56  SER 56  56  56  SER SER A . n 
A 1 57  GLU 57  57  57  GLU GLU A . n 
A 1 58  LYS 58  58  58  LYS LYS A . n 
A 1 59  THR 59  59  59  THR THR A . n 
A 1 60  GLY 60  60  60  GLY GLY A . n 
A 1 61  LYS 61  61  61  LYS LYS A . n 
A 1 62  ASN 62  62  62  ASN ASN A . n 
A 1 63  VAL 63  63  63  VAL VAL A . n 
A 1 64  ASN 64  64  64  ASN ASN A . n 
A 1 65  GLU 65  65  65  GLU GLU A . n 
A 1 66  ILE 66  66  66  ILE ILE A . n 
A 1 67  TRP 67  67  67  TRP TRP A . n 
A 1 68  ARG 68  68  68  ARG ARG A . n 
A 1 69  GLU 69  69  69  GLU GLU A . n 
A 1 70  VAL 70  70  70  VAL VAL A . n 
A 1 71  GLY 71  71  71  GLY GLY A . n 
A 1 72  ARG 72  72  72  ARG ARG A . n 
A 1 73  GLN 73  73  73  GLN GLN A . n 
A 1 74  ASN 74  74  74  ASN ASN A . n 
A 1 75  ILE 75  75  75  ILE ILE A . n 
A 1 76  LYS 76  76  76  LYS LYS A . n 
A 1 77  THR 77  77  77  THR THR A . n 
A 1 78  PHE 78  78  78  PHE PHE A . n 
A 1 79  SER 79  79  79  SER SER A . n 
A 1 80  GLU 80  80  80  GLU GLU A . n 
A 1 81  TRP 81  81  81  TRP TRP A . n 
A 1 82  PHE 82  82  82  PHE PHE A . n 
A 1 83  PRO 83  83  83  PRO PRO A . n 
A 1 84  SER 84  84  84  SER SER A . n 
A 1 85  TYR 85  85  85  TYR TYR A . n 
A 1 86  PHE 86  86  86  PHE PHE A . n 
A 1 87  ALA 87  87  87  ALA ALA A . n 
A 1 88  GLY 88  88  88  GLY GLY A . n 
A 1 89  ARG 89  89  89  ARG ARG A . n 
A 1 90  ARG 90  90  90  ARG ARG A . n 
A 1 91  LEU 91  91  91  LEU LEU A . n 
A 1 92  VAL 92  92  92  VAL VAL A . n 
A 1 93  ASN 93  93  93  ASN ASN A . n 
A 1 94  PHE 94  94  94  PHE PHE A . n 
A 1 95  LEU 95  95  95  LEU LEU A . n 
A 1 96  MET 96  96  96  MET MET A . n 
A 1 97  MET 97  97  97  MET MET A . n 
A 1 98  MET 98  98  98  MET MET A . n 
A 1 99  ASP 99  99  99  ASP ASP A . n 
A 1 100 GLU 100 100 100 GLU GLU A . n 
A 1 101 VAL 101 101 101 VAL VAL A . n 
A 1 102 HIS 102 102 102 HIS HIS A . n 
A 1 103 LEU 103 103 103 LEU LEU A . n 
A 1 104 GLN 104 104 104 GLN GLN A . n 
A 1 105 LEU 105 105 105 LEU LEU A . n 
A 1 106 THR 106 106 106 THR THR A . n 
A 1 107 LYS 107 107 107 LYS LYS A . n 
A 1 108 MET 108 108 108 MET MET A . n 
A 1 109 ILE 109 109 109 ILE ILE A . n 
A 1 110 LYS 110 110 110 LYS LYS A . n 
A 1 111 GLY 111 111 111 GLY GLY A . n 
A 1 112 ALA 112 112 112 ALA ALA A . n 
A 1 113 THR 113 113 113 THR THR A . n 
A 1 114 PRO 114 114 114 PRO PRO A . n 
A 1 115 PRO 115 115 115 PRO PRO A . n 
A 1 116 ARG 116 116 116 ARG ARG A . n 
A 1 117 LEU 117 117 117 LEU LEU A . n 
A 1 118 ILE 118 118 118 ILE ILE A . n 
A 1 119 ALA 119 119 119 ALA ALA A . n 
A 1 120 LYS 120 120 120 LYS LYS A . n 
A 1 121 PRO 121 121 121 PRO PRO A . n 
A 1 122 VAL 122 122 122 VAL VAL A . n 
A 1 123 ALA 123 123 123 ALA ALA A . n 
A 1 124 LYS 124 124 124 LYS LYS A . n 
A 1 125 ASP 125 125 125 ASP ASP A . n 
A 1 126 ALA 126 126 126 ALA ALA A . n 
A 1 127 ILE 127 127 127 ILE ILE A . n 
A 1 128 GLU 128 128 128 GLU GLU A . n 
A 1 129 MET 129 129 129 MET MET A . n 
A 1 130 GLU 130 130 130 GLU GLU A . n 
A 1 131 TYR 131 131 131 TYR TYR A . n 
A 1 132 VAL 132 132 132 VAL VAL A . n 
A 1 133 SER 133 133 133 SER SER A . n 
A 1 134 LYS 134 134 134 LYS LYS A . n 
A 1 135 ARG 135 135 135 ARG ARG A . n 
A 1 136 LYS 136 136 136 LYS LYS A . n 
A 1 137 MET 137 137 137 MET MET A . n 
A 1 138 TYR 138 138 138 TYR TYR A . n 
A 1 139 ASP 139 139 139 ASP ASP A . n 
A 1 140 TYR 140 140 140 TYR TYR A . n 
A 1 141 PHE 141 141 141 PHE PHE A . n 
A 1 142 LEU 142 142 142 LEU LEU A . n 
A 1 143 GLY 143 143 143 GLY GLY A . n 
A 1 144 LEU 144 144 144 LEU LEU A . n 
A 1 145 ILE 145 145 145 ILE ILE A . n 
A 1 146 GLU 146 146 146 GLU GLU A . n 
A 1 147 GLY 147 147 147 GLY GLY A . n 
A 1 148 SER 148 148 148 SER SER A . n 
A 1 149 SER 149 149 149 SER SER A . n 
A 1 150 LYS 150 150 150 LYS LYS A . n 
A 1 151 PHE 151 151 151 PHE PHE A . n 
A 1 152 PHE 152 152 152 PHE PHE A . n 
A 1 153 LYS 153 153 153 LYS LYS A . n 
A 1 154 GLU 154 154 154 GLU GLU A . n 
A 1 155 GLU 155 155 155 GLU GLU A . n 
A 1 156 ILE 156 156 156 ILE ILE A . n 
A 1 157 SER 157 157 157 SER SER A . n 
A 1 158 VAL 158 158 158 VAL VAL A . n 
A 1 159 GLU 159 159 159 GLU GLU A . n 
A 1 160 GLU 160 160 160 GLU GLU A . n 
A 1 161 VAL 161 161 161 VAL VAL A . n 
A 1 162 GLU 162 162 162 GLU GLU A . n 
A 1 163 ARG 163 163 163 ARG ARG A . n 
A 1 164 GLY 164 164 164 GLY GLY A . n 
A 1 165 GLU 165 165 165 GLU GLU A . n 
A 1 166 LYS 166 166 166 LYS LYS A . n 
A 1 167 ASP 167 167 167 ASP ASP A . n 
A 1 168 GLY 168 168 168 GLY GLY A . n 
A 1 169 PHE 169 169 169 PHE PHE A . n 
A 1 170 SER 170 170 170 SER SER A . n 
A 1 171 ARG 171 171 171 ARG ARG A . n 
A 1 172 LEU 172 172 172 LEU LEU A . n 
A 1 173 LYS 173 173 173 LYS LYS A . n 
A 1 174 VAL 174 174 174 VAL VAL A . n 
A 1 175 ARG 175 175 175 ARG ARG A . n 
A 1 176 ILE 176 176 176 ILE ILE A . n 
A 1 177 LYS 177 177 177 LYS LYS A . n 
A 1 178 PHE 178 178 178 PHE PHE A . n 
A 1 179 LYS 179 179 179 LYS LYS A . n 
A 1 180 ASN 180 180 180 ASN ASN A . n 
A 1 181 PRO 181 181 181 PRO PRO A . n 
A 1 182 VAL 182 182 182 VAL VAL A . n 
A 1 183 PHE 183 183 183 PHE PHE A . n 
A 1 184 GLU 184 184 184 GLU GLU A . n 
A 1 185 TYR 185 185 185 TYR TYR A . n 
A 1 186 LYS 186 186 ?   ?   ?   A . n 
A 1 187 LYS 187 187 ?   ?   ?   A . n 
A 1 188 ASN 188 188 ?   ?   ?   A . n 
# 
loop_
_pdbx_nonpoly_scheme.asym_id 
_pdbx_nonpoly_scheme.entity_id 
_pdbx_nonpoly_scheme.mon_id 
_pdbx_nonpoly_scheme.ndb_seq_num 
_pdbx_nonpoly_scheme.pdb_seq_num 
_pdbx_nonpoly_scheme.auth_seq_num 
_pdbx_nonpoly_scheme.pdb_mon_id 
_pdbx_nonpoly_scheme.auth_mon_id 
_pdbx_nonpoly_scheme.pdb_strand_id 
_pdbx_nonpoly_scheme.pdb_ins_code 
B 2 RUR 1  200 200 RUR RUR A . 
C 3 CMO 1  500 500 CMO CMO A . 
D 4 HOH 1  201 201 HOH HOH A . 
D 4 HOH 2  202 202 HOH HOH A . 
D 4 HOH 3  203 203 HOH HOH A . 
D 4 HOH 4  204 204 HOH HOH A . 
D 4 HOH 5  205 205 HOH HOH A . 
D 4 HOH 6  206 206 HOH HOH A . 
D 4 HOH 7  207 207 HOH HOH A . 
D 4 HOH 8  208 208 HOH HOH A . 
D 4 HOH 9  209 209 HOH HOH A . 
D 4 HOH 10 210 210 HOH HOH A . 
D 4 HOH 11 211 211 HOH HOH A . 
D 4 HOH 12 212 212 HOH HOH A . 
D 4 HOH 13 213 213 HOH HOH A . 
D 4 HOH 14 214 214 HOH HOH A . 
D 4 HOH 15 215 215 HOH HOH A . 
D 4 HOH 16 216 216 HOH HOH A . 
D 4 HOH 17 217 217 HOH HOH A . 
D 4 HOH 18 218 218 HOH HOH A . 
D 4 HOH 19 219 219 HOH HOH A . 
D 4 HOH 20 220 220 HOH HOH A . 
D 4 HOH 21 221 221 HOH HOH A . 
D 4 HOH 22 222 222 HOH HOH A . 
D 4 HOH 23 223 223 HOH HOH A . 
D 4 HOH 24 224 224 HOH HOH A . 
D 4 HOH 25 225 225 HOH HOH A . 
D 4 HOH 26 226 226 HOH HOH A . 
D 4 HOH 27 227 227 HOH HOH A . 
D 4 HOH 28 228 228 HOH HOH A . 
D 4 HOH 29 229 229 HOH HOH A . 
D 4 HOH 30 230 230 HOH HOH A . 
D 4 HOH 31 231 231 HOH HOH A . 
D 4 HOH 32 232 232 HOH HOH A . 
D 4 HOH 33 233 233 HOH HOH A . 
D 4 HOH 34 234 234 HOH HOH A . 
D 4 HOH 35 235 235 HOH HOH A . 
D 4 HOH 36 236 236 HOH HOH A . 
D 4 HOH 37 237 237 HOH HOH A . 
D 4 HOH 38 238 238 HOH HOH A . 
D 4 HOH 39 239 239 HOH HOH A . 
D 4 HOH 40 240 240 HOH HOH A . 
D 4 HOH 41 241 241 HOH HOH A . 
D 4 HOH 42 242 242 HOH HOH A . 
D 4 HOH 43 243 243 HOH HOH A . 
D 4 HOH 44 244 244 HOH HOH A . 
D 4 HOH 45 245 245 HOH HOH A . 
D 4 HOH 46 246 246 HOH HOH A . 
D 4 HOH 47 247 247 HOH HOH A . 
D 4 HOH 48 248 248 HOH HOH A . 
D 4 HOH 49 249 249 HOH HOH A . 
D 4 HOH 50 250 250 HOH HOH A . 
D 4 HOH 51 251 251 HOH HOH A . 
D 4 HOH 52 252 252 HOH HOH A . 
D 4 HOH 53 253 253 HOH HOH A . 
D 4 HOH 54 254 254 HOH HOH A . 
D 4 HOH 55 255 255 HOH HOH A . 
D 4 HOH 56 256 256 HOH HOH A . 
D 4 HOH 57 257 257 HOH HOH A . 
D 4 HOH 58 258 258 HOH HOH A . 
D 4 HOH 59 259 259 HOH HOH A . 
D 4 HOH 60 260 260 HOH HOH A . 
D 4 HOH 61 261 261 HOH HOH A . 
D 4 HOH 62 262 262 HOH HOH A . 
D 4 HOH 63 263 263 HOH HOH A . 
D 4 HOH 64 264 264 HOH HOH A . 
D 4 HOH 65 265 265 HOH HOH A . 
D 4 HOH 66 266 266 HOH HOH A . 
D 4 HOH 67 267 267 HOH HOH A . 
D 4 HOH 68 268 268 HOH HOH A . 
D 4 HOH 69 269 269 HOH HOH A . 
D 4 HOH 70 270 270 HOH HOH A . 
D 4 HOH 71 271 271 HOH HOH A . 
D 4 HOH 72 272 272 HOH HOH A . 
D 4 HOH 73 273 273 HOH HOH A . 
D 4 HOH 74 274 274 HOH HOH A . 
D 4 HOH 75 275 275 HOH HOH A . 
D 4 HOH 76 276 276 HOH HOH A . 
D 4 HOH 77 277 277 HOH HOH A . 
D 4 HOH 78 278 278 HOH HOH A . 
D 4 HOH 79 279 279 HOH HOH A . 
D 4 HOH 80 280 280 HOH HOH A . 
D 4 HOH 81 281 281 HOH HOH A . 
D 4 HOH 82 282 282 HOH HOH A . 
D 4 HOH 83 283 283 HOH HOH A . 
D 4 HOH 84 284 284 HOH HOH A . 
D 4 HOH 85 285 285 HOH HOH A . 
D 4 HOH 86 286 286 HOH HOH A . 
D 4 HOH 87 287 287 HOH HOH A . 
D 4 HOH 88 288 288 HOH HOH A . 
D 4 HOH 89 289 289 HOH HOH A . 
D 4 HOH 90 290 290 HOH HOH A . 
D 4 HOH 91 291 291 HOH HOH A . 
D 4 HOH 92 292 292 HOH HOH A . 
D 4 HOH 93 293 293 HOH HOH A . 
D 4 HOH 94 294 294 HOH HOH A . 
D 4 HOH 95 295 295 HOH HOH A . 
D 4 HOH 96 296 296 HOH HOH A . 
D 4 HOH 97 297 297 HOH HOH A . 
# 
_pdbx_struct_assembly.id                   1 
_pdbx_struct_assembly.details              software_defined_assembly 
_pdbx_struct_assembly.method_details       PISA 
_pdbx_struct_assembly.oligomeric_details   monomeric 
_pdbx_struct_assembly.oligomeric_count     1 
# 
_pdbx_struct_assembly_gen.assembly_id       1 
_pdbx_struct_assembly_gen.oper_expression   1 
_pdbx_struct_assembly_gen.asym_id_list      A,B,C,D 
# 
_pdbx_struct_oper_list.id                   1 
_pdbx_struct_oper_list.type                 'identity operation' 
_pdbx_struct_oper_list.name                 1_555 
_pdbx_struct_oper_list.symmetry_operation   x,y,z 
_pdbx_struct_oper_list.matrix[1][1]         1.0000000000 
_pdbx_struct_oper_list.matrix[1][2]         0.0000000000 
_pdbx_struct_oper_list.matrix[1][3]         0.0000000000 
_pdbx_struct_oper_list.vector[1]            0.0000000000 
_pdbx_struct_oper_list.matrix[2][1]         0.0000000000 
_pdbx_struct_oper_list.matrix[2][2]         1.0000000000 
_pdbx_struct_oper_list.matrix[2][3]         0.0000000000 
_pdbx_struct_oper_list.vector[2]            0.0000000000 
_pdbx_struct_oper_list.matrix[3][1]         0.0000000000 
_pdbx_struct_oper_list.matrix[3][2]         0.0000000000 
_pdbx_struct_oper_list.matrix[3][3]         1.0000000000 
_pdbx_struct_oper_list.vector[3]            0.0000000000 
# 
_pdbx_struct_special_symmetry.id              1 
_pdbx_struct_special_symmetry.PDB_model_num   1 
_pdbx_struct_special_symmetry.auth_asym_id    A 
_pdbx_struct_special_symmetry.auth_comp_id    HOH 
_pdbx_struct_special_symmetry.auth_seq_id     291 
_pdbx_struct_special_symmetry.PDB_ins_code    ? 
_pdbx_struct_special_symmetry.label_asym_id   D 
_pdbx_struct_special_symmetry.label_comp_id   HOH 
_pdbx_struct_special_symmetry.label_seq_id    . 
# 
loop_
_pdbx_struct_conn_angle.id 
_pdbx_struct_conn_angle.ptnr1_label_atom_id 
_pdbx_struct_conn_angle.ptnr1_label_alt_id 
_pdbx_struct_conn_angle.ptnr1_label_asym_id 
_pdbx_struct_conn_angle.ptnr1_label_comp_id 
_pdbx_struct_conn_angle.ptnr1_label_seq_id 
_pdbx_struct_conn_angle.ptnr1_auth_atom_id 
_pdbx_struct_conn_angle.ptnr1_auth_asym_id 
_pdbx_struct_conn_angle.ptnr1_auth_comp_id 
_pdbx_struct_conn_angle.ptnr1_auth_seq_id 
_pdbx_struct_conn_angle.ptnr1_PDB_ins_code 
_pdbx_struct_conn_angle.ptnr1_symmetry 
_pdbx_struct_conn_angle.ptnr2_label_atom_id 
_pdbx_struct_conn_angle.ptnr2_label_alt_id 
_pdbx_struct_conn_angle.ptnr2_label_asym_id 
_pdbx_struct_conn_angle.ptnr2_label_comp_id 
_pdbx_struct_conn_angle.ptnr2_label_seq_id 
_pdbx_struct_conn_angle.ptnr2_auth_atom_id 
_pdbx_struct_conn_angle.ptnr2_auth_asym_id 
_pdbx_struct_conn_angle.ptnr2_auth_comp_id 
_pdbx_struct_conn_angle.ptnr2_auth_seq_id 
_pdbx_struct_conn_angle.ptnr2_PDB_ins_code 
_pdbx_struct_conn_angle.ptnr2_symmetry 
_pdbx_struct_conn_angle.ptnr3_label_atom_id 
_pdbx_struct_conn_angle.ptnr3_label_alt_id 
_pdbx_struct_conn_angle.ptnr3_label_asym_id 
_pdbx_struct_conn_angle.ptnr3_label_comp_id 
_pdbx_struct_conn_angle.ptnr3_label_seq_id 
_pdbx_struct_conn_angle.ptnr3_auth_atom_id 
_pdbx_struct_conn_angle.ptnr3_auth_asym_id 
_pdbx_struct_conn_angle.ptnr3_auth_comp_id 
_pdbx_struct_conn_angle.ptnr3_auth_seq_id 
_pdbx_struct_conn_angle.ptnr3_PDB_ins_code 
_pdbx_struct_conn_angle.ptnr3_symmetry 
_pdbx_struct_conn_angle.value 
_pdbx_struct_conn_angle.value_esd 
1  NE2 ? A HIS 102 ? A HIS 102 ? 1_555 RU ? B RUR . ? A RUR 200 ? 1_555 ND ? B RUR . ? A RUR 200 ? 1_555 90.1  ? 
2  NE2 ? A HIS 102 ? A HIS 102 ? 1_555 RU ? B RUR . ? A RUR 200 ? 1_555 NC ? B RUR . ? A RUR 200 ? 1_555 86.0  ? 
3  ND  ? B RUR .   ? A RUR 200 ? 1_555 RU ? B RUR . ? A RUR 200 ? 1_555 NC ? B RUR . ? A RUR 200 ? 1_555 91.7  ? 
4  NE2 ? A HIS 102 ? A HIS 102 ? 1_555 RU ? B RUR . ? A RUR 200 ? 1_555 NA ? B RUR . ? A RUR 200 ? 1_555 86.7  ? 
5  ND  ? B RUR .   ? A RUR 200 ? 1_555 RU ? B RUR . ? A RUR 200 ? 1_555 NA ? B RUR . ? A RUR 200 ? 1_555 90.7  ? 
6  NC  ? B RUR .   ? A RUR 200 ? 1_555 RU ? B RUR . ? A RUR 200 ? 1_555 NA ? B RUR . ? A RUR 200 ? 1_555 172.3 ? 
7  NE2 ? A HIS 102 ? A HIS 102 ? 1_555 RU ? B RUR . ? A RUR 200 ? 1_555 NB ? B RUR . ? A RUR 200 ? 1_555 85.0  ? 
8  ND  ? B RUR .   ? A RUR 200 ? 1_555 RU ? B RUR . ? A RUR 200 ? 1_555 NB ? B RUR . ? A RUR 200 ? 1_555 174.7 ? 
9  NC  ? B RUR .   ? A RUR 200 ? 1_555 RU ? B RUR . ? A RUR 200 ? 1_555 NB ? B RUR . ? A RUR 200 ? 1_555 90.1  ? 
10 NA  ? B RUR .   ? A RUR 200 ? 1_555 RU ? B RUR . ? A RUR 200 ? 1_555 NB ? B RUR . ? A RUR 200 ? 1_555 86.9  ? 
11 NE2 ? A HIS 102 ? A HIS 102 ? 1_555 RU ? B RUR . ? A RUR 200 ? 1_555 C  ? C CMO . ? A CMO 500 ? 1_555 175.3 ? 
12 ND  ? B RUR .   ? A RUR 200 ? 1_555 RU ? B RUR . ? A RUR 200 ? 1_555 C  ? C CMO . ? A CMO 500 ? 1_555 86.5  ? 
13 NC  ? B RUR .   ? A RUR 200 ? 1_555 RU ? B RUR . ? A RUR 200 ? 1_555 C  ? C CMO . ? A CMO 500 ? 1_555 97.3  ? 
14 NA  ? B RUR .   ? A RUR 200 ? 1_555 RU ? B RUR . ? A RUR 200 ? 1_555 C  ? C CMO . ? A CMO 500 ? 1_555 90.1  ? 
15 NB  ? B RUR .   ? A RUR 200 ? 1_555 RU ? B RUR . ? A RUR 200 ? 1_555 C  ? C CMO . ? A CMO 500 ? 1_555 98.2  ? 
# 
loop_
_pdbx_audit_revision_history.ordinal 
_pdbx_audit_revision_history.data_content_type 
_pdbx_audit_revision_history.major_revision 
_pdbx_audit_revision_history.minor_revision 
_pdbx_audit_revision_history.revision_date 
1 'Structure model' 1 0 2010-04-14 
2 'Structure model' 1 1 2011-07-13 
3 'Structure model' 1 2 2023-09-06 
# 
_pdbx_audit_revision_details.ordinal             1 
_pdbx_audit_revision_details.revision_ordinal    1 
_pdbx_audit_revision_details.data_content_type   'Structure model' 
_pdbx_audit_revision_details.provider            repository 
_pdbx_audit_revision_details.type                'Initial release' 
_pdbx_audit_revision_details.description         ? 
_pdbx_audit_revision_details.details             ? 
# 
loop_
_pdbx_audit_revision_group.ordinal 
_pdbx_audit_revision_group.revision_ordinal 
_pdbx_audit_revision_group.data_content_type 
_pdbx_audit_revision_group.group 
1 2 'Structure model' 'Version format compliance' 
2 3 'Structure model' 'Data collection'           
3 3 'Structure model' 'Database references'       
4 3 'Structure model' 'Derived calculations'      
5 3 'Structure model' 'Refinement description'    
# 
loop_
_pdbx_audit_revision_category.ordinal 
_pdbx_audit_revision_category.revision_ordinal 
_pdbx_audit_revision_category.data_content_type 
_pdbx_audit_revision_category.category 
1 3 'Structure model' chem_comp_atom                
2 3 'Structure model' chem_comp_bond                
3 3 'Structure model' database_2                    
4 3 'Structure model' pdbx_initial_refinement_model 
5 3 'Structure model' pdbx_struct_special_symmetry  
6 3 'Structure model' struct_site                   
# 
loop_
_pdbx_audit_revision_item.ordinal 
_pdbx_audit_revision_item.revision_ordinal 
_pdbx_audit_revision_item.data_content_type 
_pdbx_audit_revision_item.item 
1 3 'Structure model' '_database_2.pdbx_DOI'                
2 3 'Structure model' '_database_2.pdbx_database_accession' 
3 3 'Structure model' '_struct_site.pdbx_auth_asym_id'      
4 3 'Structure model' '_struct_site.pdbx_auth_comp_id'      
5 3 'Structure model' '_struct_site.pdbx_auth_seq_id'       
# 
loop_
_software.name 
_software.classification 
_software.version 
_software.citation_id 
_software.pdbx_ordinal 
ADSC     'data collection' Quantum                    ? 1 
PHASER   phasing           .                          ? 2 
PHENIX   refinement        '(phenix.refine: 1.6_289)' ? 3 
HKL-2000 'data reduction'  .                          ? 4 
HKL-2000 'data scaling'    .                          ? 5 
# 
_pdbx_validate_torsion.id              1 
_pdbx_validate_torsion.PDB_model_num   1 
_pdbx_validate_torsion.auth_comp_id    LEU 
_pdbx_validate_torsion.auth_asym_id    A 
_pdbx_validate_torsion.auth_seq_id     117 
_pdbx_validate_torsion.PDB_ins_code    ? 
_pdbx_validate_torsion.label_alt_id    ? 
_pdbx_validate_torsion.phi             -140.13 
_pdbx_validate_torsion.psi             40.02 
# 
loop_
_pdbx_unobs_or_zero_occ_atoms.id 
_pdbx_unobs_or_zero_occ_atoms.PDB_model_num 
_pdbx_unobs_or_zero_occ_atoms.polymer_flag 
_pdbx_unobs_or_zero_occ_atoms.occupancy_flag 
_pdbx_unobs_or_zero_occ_atoms.auth_asym_id 
_pdbx_unobs_or_zero_occ_atoms.auth_comp_id 
_pdbx_unobs_or_zero_occ_atoms.auth_seq_id 
_pdbx_unobs_or_zero_occ_atoms.PDB_ins_code 
_pdbx_unobs_or_zero_occ_atoms.auth_atom_id 
_pdbx_unobs_or_zero_occ_atoms.label_alt_id 
_pdbx_unobs_or_zero_occ_atoms.label_asym_id 
_pdbx_unobs_or_zero_occ_atoms.label_comp_id 
_pdbx_unobs_or_zero_occ_atoms.label_seq_id 
_pdbx_unobs_or_zero_occ_atoms.label_atom_id 
1  1 Y 1 A ASP 20  ? CG  ? A ASP 20  CG  
2  1 Y 1 A ASP 20  ? OD1 ? A ASP 20  OD1 
3  1 Y 1 A ASP 20  ? OD2 ? A ASP 20  OD2 
4  1 Y 1 A LYS 107 ? CG  ? A LYS 107 CG  
5  1 Y 1 A LYS 107 ? CD  ? A LYS 107 CD  
6  1 Y 1 A LYS 107 ? CE  ? A LYS 107 CE  
7  1 Y 1 A LYS 107 ? NZ  ? A LYS 107 NZ  
8  1 Y 1 A MET 108 ? CG  ? A MET 108 CG  
9  1 Y 1 A MET 108 ? SD  ? A MET 108 SD  
10 1 Y 1 A MET 108 ? CE  ? A MET 108 CE  
11 1 Y 1 A LYS 110 ? CG  ? A LYS 110 CG  
12 1 Y 1 A LYS 110 ? CD  ? A LYS 110 CD  
13 1 Y 1 A LYS 110 ? CE  ? A LYS 110 CE  
14 1 Y 1 A LYS 110 ? NZ  ? A LYS 110 NZ  
15 1 Y 1 A GLU 165 ? OE2 ? A GLU 165 OE2 
16 1 Y 1 A LYS 166 ? CG  ? A LYS 166 CG  
17 1 Y 1 A LYS 166 ? CD  ? A LYS 166 CD  
18 1 Y 1 A LYS 166 ? CE  ? A LYS 166 CE  
19 1 Y 1 A LYS 166 ? NZ  ? A LYS 166 NZ  
20 1 Y 1 A TYR 185 ? CG  ? A TYR 185 CG  
21 1 Y 1 A TYR 185 ? CD1 ? A TYR 185 CD1 
22 1 Y 1 A TYR 185 ? CD2 ? A TYR 185 CD2 
23 1 Y 1 A TYR 185 ? CE1 ? A TYR 185 CE1 
24 1 Y 1 A TYR 185 ? CE2 ? A TYR 185 CE2 
25 1 Y 1 A TYR 185 ? CZ  ? A TYR 185 CZ  
26 1 Y 1 A TYR 185 ? OH  ? A TYR 185 OH  
# 
loop_
_pdbx_unobs_or_zero_occ_residues.id 
_pdbx_unobs_or_zero_occ_residues.PDB_model_num 
_pdbx_unobs_or_zero_occ_residues.polymer_flag 
_pdbx_unobs_or_zero_occ_residues.occupancy_flag 
_pdbx_unobs_or_zero_occ_residues.auth_asym_id 
_pdbx_unobs_or_zero_occ_residues.auth_comp_id 
_pdbx_unobs_or_zero_occ_residues.auth_seq_id 
_pdbx_unobs_or_zero_occ_residues.PDB_ins_code 
_pdbx_unobs_or_zero_occ_residues.label_asym_id 
_pdbx_unobs_or_zero_occ_residues.label_comp_id 
_pdbx_unobs_or_zero_occ_residues.label_seq_id 
1 1 Y 1 A LYS 186 ? A LYS 186 
2 1 Y 1 A LYS 187 ? A LYS 187 
3 1 Y 1 A ASN 188 ? A ASN 188 
# 
loop_
_chem_comp_atom.comp_id 
_chem_comp_atom.atom_id 
_chem_comp_atom.type_symbol 
_chem_comp_atom.pdbx_aromatic_flag 
_chem_comp_atom.pdbx_stereo_config 
_chem_comp_atom.pdbx_ordinal 
ALA N    N  N N 1   
ALA CA   C  N S 2   
ALA C    C  N N 3   
ALA O    O  N N 4   
ALA CB   C  N N 5   
ALA OXT  O  N N 6   
ALA H    H  N N 7   
ALA H2   H  N N 8   
ALA HA   H  N N 9   
ALA HB1  H  N N 10  
ALA HB2  H  N N 11  
ALA HB3  H  N N 12  
ALA HXT  H  N N 13  
ARG N    N  N N 14  
ARG CA   C  N S 15  
ARG C    C  N N 16  
ARG O    O  N N 17  
ARG CB   C  N N 18  
ARG CG   C  N N 19  
ARG CD   C  N N 20  
ARG NE   N  N N 21  
ARG CZ   C  N N 22  
ARG NH1  N  N N 23  
ARG NH2  N  N N 24  
ARG OXT  O  N N 25  
ARG H    H  N N 26  
ARG H2   H  N N 27  
ARG HA   H  N N 28  
ARG HB2  H  N N 29  
ARG HB3  H  N N 30  
ARG HG2  H  N N 31  
ARG HG3  H  N N 32  
ARG HD2  H  N N 33  
ARG HD3  H  N N 34  
ARG HE   H  N N 35  
ARG HH11 H  N N 36  
ARG HH12 H  N N 37  
ARG HH21 H  N N 38  
ARG HH22 H  N N 39  
ARG HXT  H  N N 40  
ASN N    N  N N 41  
ASN CA   C  N S 42  
ASN C    C  N N 43  
ASN O    O  N N 44  
ASN CB   C  N N 45  
ASN CG   C  N N 46  
ASN OD1  O  N N 47  
ASN ND2  N  N N 48  
ASN OXT  O  N N 49  
ASN H    H  N N 50  
ASN H2   H  N N 51  
ASN HA   H  N N 52  
ASN HB2  H  N N 53  
ASN HB3  H  N N 54  
ASN HD21 H  N N 55  
ASN HD22 H  N N 56  
ASN HXT  H  N N 57  
ASP N    N  N N 58  
ASP CA   C  N S 59  
ASP C    C  N N 60  
ASP O    O  N N 61  
ASP CB   C  N N 62  
ASP CG   C  N N 63  
ASP OD1  O  N N 64  
ASP OD2  O  N N 65  
ASP OXT  O  N N 66  
ASP H    H  N N 67  
ASP H2   H  N N 68  
ASP HA   H  N N 69  
ASP HB2  H  N N 70  
ASP HB3  H  N N 71  
ASP HD2  H  N N 72  
ASP HXT  H  N N 73  
CMO C    C  N N 74  
CMO O    O  N N 75  
GLN N    N  N N 76  
GLN CA   C  N S 77  
GLN C    C  N N 78  
GLN O    O  N N 79  
GLN CB   C  N N 80  
GLN CG   C  N N 81  
GLN CD   C  N N 82  
GLN OE1  O  N N 83  
GLN NE2  N  N N 84  
GLN OXT  O  N N 85  
GLN H    H  N N 86  
GLN H2   H  N N 87  
GLN HA   H  N N 88  
GLN HB2  H  N N 89  
GLN HB3  H  N N 90  
GLN HG2  H  N N 91  
GLN HG3  H  N N 92  
GLN HE21 H  N N 93  
GLN HE22 H  N N 94  
GLN HXT  H  N N 95  
GLU N    N  N N 96  
GLU CA   C  N S 97  
GLU C    C  N N 98  
GLU O    O  N N 99  
GLU CB   C  N N 100 
GLU CG   C  N N 101 
GLU CD   C  N N 102 
GLU OE1  O  N N 103 
GLU OE2  O  N N 104 
GLU OXT  O  N N 105 
GLU H    H  N N 106 
GLU H2   H  N N 107 
GLU HA   H  N N 108 
GLU HB2  H  N N 109 
GLU HB3  H  N N 110 
GLU HG2  H  N N 111 
GLU HG3  H  N N 112 
GLU HE2  H  N N 113 
GLU HXT  H  N N 114 
GLY N    N  N N 115 
GLY CA   C  N N 116 
GLY C    C  N N 117 
GLY O    O  N N 118 
GLY OXT  O  N N 119 
GLY H    H  N N 120 
GLY H2   H  N N 121 
GLY HA2  H  N N 122 
GLY HA3  H  N N 123 
GLY HXT  H  N N 124 
HIS N    N  N N 125 
HIS CA   C  N S 126 
HIS C    C  N N 127 
HIS O    O  N N 128 
HIS CB   C  N N 129 
HIS CG   C  Y N 130 
HIS ND1  N  Y N 131 
HIS CD2  C  Y N 132 
HIS CE1  C  Y N 133 
HIS NE2  N  Y N 134 
HIS OXT  O  N N 135 
HIS H    H  N N 136 
HIS H2   H  N N 137 
HIS HA   H  N N 138 
HIS HB2  H  N N 139 
HIS HB3  H  N N 140 
HIS HD1  H  N N 141 
HIS HD2  H  N N 142 
HIS HE1  H  N N 143 
HIS HE2  H  N N 144 
HIS HXT  H  N N 145 
HOH O    O  N N 146 
HOH H1   H  N N 147 
HOH H2   H  N N 148 
ILE N    N  N N 149 
ILE CA   C  N S 150 
ILE C    C  N N 151 
ILE O    O  N N 152 
ILE CB   C  N S 153 
ILE CG1  C  N N 154 
ILE CG2  C  N N 155 
ILE CD1  C  N N 156 
ILE OXT  O  N N 157 
ILE H    H  N N 158 
ILE H2   H  N N 159 
ILE HA   H  N N 160 
ILE HB   H  N N 161 
ILE HG12 H  N N 162 
ILE HG13 H  N N 163 
ILE HG21 H  N N 164 
ILE HG22 H  N N 165 
ILE HG23 H  N N 166 
ILE HD11 H  N N 167 
ILE HD12 H  N N 168 
ILE HD13 H  N N 169 
ILE HXT  H  N N 170 
LEU N    N  N N 171 
LEU CA   C  N S 172 
LEU C    C  N N 173 
LEU O    O  N N 174 
LEU CB   C  N N 175 
LEU CG   C  N N 176 
LEU CD1  C  N N 177 
LEU CD2  C  N N 178 
LEU OXT  O  N N 179 
LEU H    H  N N 180 
LEU H2   H  N N 181 
LEU HA   H  N N 182 
LEU HB2  H  N N 183 
LEU HB3  H  N N 184 
LEU HG   H  N N 185 
LEU HD11 H  N N 186 
LEU HD12 H  N N 187 
LEU HD13 H  N N 188 
LEU HD21 H  N N 189 
LEU HD22 H  N N 190 
LEU HD23 H  N N 191 
LEU HXT  H  N N 192 
LYS N    N  N N 193 
LYS CA   C  N S 194 
LYS C    C  N N 195 
LYS O    O  N N 196 
LYS CB   C  N N 197 
LYS CG   C  N N 198 
LYS CD   C  N N 199 
LYS CE   C  N N 200 
LYS NZ   N  N N 201 
LYS OXT  O  N N 202 
LYS H    H  N N 203 
LYS H2   H  N N 204 
LYS HA   H  N N 205 
LYS HB2  H  N N 206 
LYS HB3  H  N N 207 
LYS HG2  H  N N 208 
LYS HG3  H  N N 209 
LYS HD2  H  N N 210 
LYS HD3  H  N N 211 
LYS HE2  H  N N 212 
LYS HE3  H  N N 213 
LYS HZ1  H  N N 214 
LYS HZ2  H  N N 215 
LYS HZ3  H  N N 216 
LYS HXT  H  N N 217 
MET N    N  N N 218 
MET CA   C  N S 219 
MET C    C  N N 220 
MET O    O  N N 221 
MET CB   C  N N 222 
MET CG   C  N N 223 
MET SD   S  N N 224 
MET CE   C  N N 225 
MET OXT  O  N N 226 
MET H    H  N N 227 
MET H2   H  N N 228 
MET HA   H  N N 229 
MET HB2  H  N N 230 
MET HB3  H  N N 231 
MET HG2  H  N N 232 
MET HG3  H  N N 233 
MET HE1  H  N N 234 
MET HE2  H  N N 235 
MET HE3  H  N N 236 
MET HXT  H  N N 237 
PHE N    N  N N 238 
PHE CA   C  N S 239 
PHE C    C  N N 240 
PHE O    O  N N 241 
PHE CB   C  N N 242 
PHE CG   C  Y N 243 
PHE CD1  C  Y N 244 
PHE CD2  C  Y N 245 
PHE CE1  C  Y N 246 
PHE CE2  C  Y N 247 
PHE CZ   C  Y N 248 
PHE OXT  O  N N 249 
PHE H    H  N N 250 
PHE H2   H  N N 251 
PHE HA   H  N N 252 
PHE HB2  H  N N 253 
PHE HB3  H  N N 254 
PHE HD1  H  N N 255 
PHE HD2  H  N N 256 
PHE HE1  H  N N 257 
PHE HE2  H  N N 258 
PHE HZ   H  N N 259 
PHE HXT  H  N N 260 
PRO N    N  N N 261 
PRO CA   C  N S 262 
PRO C    C  N N 263 
PRO O    O  N N 264 
PRO CB   C  N N 265 
PRO CG   C  N N 266 
PRO CD   C  N N 267 
PRO OXT  O  N N 268 
PRO H    H  N N 269 
PRO HA   H  N N 270 
PRO HB2  H  N N 271 
PRO HB3  H  N N 272 
PRO HG2  H  N N 273 
PRO HG3  H  N N 274 
PRO HD2  H  N N 275 
PRO HD3  H  N N 276 
PRO HXT  H  N N 277 
RUR CHA  C  N N 278 
RUR CHB  C  N N 279 
RUR CHC  C  N N 280 
RUR CHD  C  N N 281 
RUR C1A  C  Y N 282 
RUR C2A  C  Y N 283 
RUR C3A  C  Y N 284 
RUR C4A  C  Y N 285 
RUR CMA  C  N N 286 
RUR CAA  C  N N 287 
RUR CBA  C  N N 288 
RUR CGA  C  N N 289 
RUR O1A  O  N N 290 
RUR O2A  O  N N 291 
RUR C1B  C  N N 292 
RUR C2B  C  N N 293 
RUR C3B  C  N N 294 
RUR C4B  C  N N 295 
RUR CMB  C  N N 296 
RUR CAB  C  N N 297 
RUR CBB  C  N N 298 
RUR C1C  C  Y N 299 
RUR C2C  C  Y N 300 
RUR C3C  C  Y N 301 
RUR C4C  C  Y N 302 
RUR CMC  C  N N 303 
RUR CAC  C  N N 304 
RUR CBC  C  N N 305 
RUR C1D  C  N N 306 
RUR C2D  C  N N 307 
RUR C3D  C  N N 308 
RUR C4D  C  N N 309 
RUR CMD  C  N N 310 
RUR CAD  C  N N 311 
RUR CBD  C  N N 312 
RUR CGD  C  N N 313 
RUR O1D  O  N N 314 
RUR O2D  O  N N 315 
RUR RU   RU N N 316 
RUR NA   N  Y N 317 
RUR NB   N  N N 318 
RUR NC   N  Y N 319 
RUR ND   N  N N 320 
RUR HHA  H  N N 321 
RUR HHB  H  N N 322 
RUR HHC  H  N N 323 
RUR HHD  H  N N 324 
RUR HMA  H  N N 325 
RUR HMAA H  N N 326 
RUR HMAB H  N N 327 
RUR HAA  H  N N 328 
RUR HAAA H  N N 329 
RUR HBA  H  N N 330 
RUR HBAA H  N N 331 
RUR HMB  H  N N 332 
RUR HMBA H  N N 333 
RUR HMBB H  N N 334 
RUR HAB  H  N N 335 
RUR HBB  H  N N 336 
RUR HBBA H  N N 337 
RUR HMC  H  N N 338 
RUR HMCA H  N N 339 
RUR HMCB H  N N 340 
RUR HAC  H  N N 341 
RUR HBC  H  N N 342 
RUR HBCA H  N N 343 
RUR HMD  H  N N 344 
RUR HMDA H  N N 345 
RUR HMDB H  N N 346 
RUR HAD  H  N N 347 
RUR HADA H  N N 348 
RUR HBD  H  N N 349 
RUR HBDA H  N N 350 
RUR H31  H  N N 351 
RUR H32  H  N N 352 
RUR H33  H  N N 353 
RUR H34  H  N N 354 
RUR H35  H  N N 355 
RUR H36  H  N N 356 
SER N    N  N N 357 
SER CA   C  N S 358 
SER C    C  N N 359 
SER O    O  N N 360 
SER CB   C  N N 361 
SER OG   O  N N 362 
SER OXT  O  N N 363 
SER H    H  N N 364 
SER H2   H  N N 365 
SER HA   H  N N 366 
SER HB2  H  N N 367 
SER HB3  H  N N 368 
SER HG   H  N N 369 
SER HXT  H  N N 370 
THR N    N  N N 371 
THR CA   C  N S 372 
THR C    C  N N 373 
THR O    O  N N 374 
THR CB   C  N R 375 
THR OG1  O  N N 376 
THR CG2  C  N N 377 
THR OXT  O  N N 378 
THR H    H  N N 379 
THR H2   H  N N 380 
THR HA   H  N N 381 
THR HB   H  N N 382 
THR HG1  H  N N 383 
THR HG21 H  N N 384 
THR HG22 H  N N 385 
THR HG23 H  N N 386 
THR HXT  H  N N 387 
TRP N    N  N N 388 
TRP CA   C  N S 389 
TRP C    C  N N 390 
TRP O    O  N N 391 
TRP CB   C  N N 392 
TRP CG   C  Y N 393 
TRP CD1  C  Y N 394 
TRP CD2  C  Y N 395 
TRP NE1  N  Y N 396 
TRP CE2  C  Y N 397 
TRP CE3  C  Y N 398 
TRP CZ2  C  Y N 399 
TRP CZ3  C  Y N 400 
TRP CH2  C  Y N 401 
TRP OXT  O  N N 402 
TRP H    H  N N 403 
TRP H2   H  N N 404 
TRP HA   H  N N 405 
TRP HB2  H  N N 406 
TRP HB3  H  N N 407 
TRP HD1  H  N N 408 
TRP HE1  H  N N 409 
TRP HE3  H  N N 410 
TRP HZ2  H  N N 411 
TRP HZ3  H  N N 412 
TRP HH2  H  N N 413 
TRP HXT  H  N N 414 
TYR N    N  N N 415 
TYR CA   C  N S 416 
TYR C    C  N N 417 
TYR O    O  N N 418 
TYR CB   C  N N 419 
TYR CG   C  Y N 420 
TYR CD1  C  Y N 421 
TYR CD2  C  Y N 422 
TYR CE1  C  Y N 423 
TYR CE2  C  Y N 424 
TYR CZ   C  Y N 425 
TYR OH   O  N N 426 
TYR OXT  O  N N 427 
TYR H    H  N N 428 
TYR H2   H  N N 429 
TYR HA   H  N N 430 
TYR HB2  H  N N 431 
TYR HB3  H  N N 432 
TYR HD1  H  N N 433 
TYR HD2  H  N N 434 
TYR HE1  H  N N 435 
TYR HE2  H  N N 436 
TYR HH   H  N N 437 
TYR HXT  H  N N 438 
VAL N    N  N N 439 
VAL CA   C  N S 440 
VAL C    C  N N 441 
VAL O    O  N N 442 
VAL CB   C  N N 443 
VAL CG1  C  N N 444 
VAL CG2  C  N N 445 
VAL OXT  O  N N 446 
VAL H    H  N N 447 
VAL H2   H  N N 448 
VAL HA   H  N N 449 
VAL HB   H  N N 450 
VAL HG11 H  N N 451 
VAL HG12 H  N N 452 
VAL HG13 H  N N 453 
VAL HG21 H  N N 454 
VAL HG22 H  N N 455 
VAL HG23 H  N N 456 
VAL HXT  H  N N 457 
# 
loop_
_chem_comp_bond.comp_id 
_chem_comp_bond.atom_id_1 
_chem_comp_bond.atom_id_2 
_chem_comp_bond.value_order 
_chem_comp_bond.pdbx_aromatic_flag 
_chem_comp_bond.pdbx_stereo_config 
_chem_comp_bond.pdbx_ordinal 
ALA N   CA   sing N N 1   
ALA N   H    sing N N 2   
ALA N   H2   sing N N 3   
ALA CA  C    sing N N 4   
ALA CA  CB   sing N N 5   
ALA CA  HA   sing N N 6   
ALA C   O    doub N N 7   
ALA C   OXT  sing N N 8   
ALA CB  HB1  sing N N 9   
ALA CB  HB2  sing N N 10  
ALA CB  HB3  sing N N 11  
ALA OXT HXT  sing N N 12  
ARG N   CA   sing N N 13  
ARG N   H    sing N N 14  
ARG N   H2   sing N N 15  
ARG CA  C    sing N N 16  
ARG CA  CB   sing N N 17  
ARG CA  HA   sing N N 18  
ARG C   O    doub N N 19  
ARG C   OXT  sing N N 20  
ARG CB  CG   sing N N 21  
ARG CB  HB2  sing N N 22  
ARG CB  HB3  sing N N 23  
ARG CG  CD   sing N N 24  
ARG CG  HG2  sing N N 25  
ARG CG  HG3  sing N N 26  
ARG CD  NE   sing N N 27  
ARG CD  HD2  sing N N 28  
ARG CD  HD3  sing N N 29  
ARG NE  CZ   sing N N 30  
ARG NE  HE   sing N N 31  
ARG CZ  NH1  sing N N 32  
ARG CZ  NH2  doub N N 33  
ARG NH1 HH11 sing N N 34  
ARG NH1 HH12 sing N N 35  
ARG NH2 HH21 sing N N 36  
ARG NH2 HH22 sing N N 37  
ARG OXT HXT  sing N N 38  
ASN N   CA   sing N N 39  
ASN N   H    sing N N 40  
ASN N   H2   sing N N 41  
ASN CA  C    sing N N 42  
ASN CA  CB   sing N N 43  
ASN CA  HA   sing N N 44  
ASN C   O    doub N N 45  
ASN C   OXT  sing N N 46  
ASN CB  CG   sing N N 47  
ASN CB  HB2  sing N N 48  
ASN CB  HB3  sing N N 49  
ASN CG  OD1  doub N N 50  
ASN CG  ND2  sing N N 51  
ASN ND2 HD21 sing N N 52  
ASN ND2 HD22 sing N N 53  
ASN OXT HXT  sing N N 54  
ASP N   CA   sing N N 55  
ASP N   H    sing N N 56  
ASP N   H2   sing N N 57  
ASP CA  C    sing N N 58  
ASP CA  CB   sing N N 59  
ASP CA  HA   sing N N 60  
ASP C   O    doub N N 61  
ASP C   OXT  sing N N 62  
ASP CB  CG   sing N N 63  
ASP CB  HB2  sing N N 64  
ASP CB  HB3  sing N N 65  
ASP CG  OD1  doub N N 66  
ASP CG  OD2  sing N N 67  
ASP OD2 HD2  sing N N 68  
ASP OXT HXT  sing N N 69  
CMO C   O    trip N N 70  
GLN N   CA   sing N N 71  
GLN N   H    sing N N 72  
GLN N   H2   sing N N 73  
GLN CA  C    sing N N 74  
GLN CA  CB   sing N N 75  
GLN CA  HA   sing N N 76  
GLN C   O    doub N N 77  
GLN C   OXT  sing N N 78  
GLN CB  CG   sing N N 79  
GLN CB  HB2  sing N N 80  
GLN CB  HB3  sing N N 81  
GLN CG  CD   sing N N 82  
GLN CG  HG2  sing N N 83  
GLN CG  HG3  sing N N 84  
GLN CD  OE1  doub N N 85  
GLN CD  NE2  sing N N 86  
GLN NE2 HE21 sing N N 87  
GLN NE2 HE22 sing N N 88  
GLN OXT HXT  sing N N 89  
GLU N   CA   sing N N 90  
GLU N   H    sing N N 91  
GLU N   H2   sing N N 92  
GLU CA  C    sing N N 93  
GLU CA  CB   sing N N 94  
GLU CA  HA   sing N N 95  
GLU C   O    doub N N 96  
GLU C   OXT  sing N N 97  
GLU CB  CG   sing N N 98  
GLU CB  HB2  sing N N 99  
GLU CB  HB3  sing N N 100 
GLU CG  CD   sing N N 101 
GLU CG  HG2  sing N N 102 
GLU CG  HG3  sing N N 103 
GLU CD  OE1  doub N N 104 
GLU CD  OE2  sing N N 105 
GLU OE2 HE2  sing N N 106 
GLU OXT HXT  sing N N 107 
GLY N   CA   sing N N 108 
GLY N   H    sing N N 109 
GLY N   H2   sing N N 110 
GLY CA  C    sing N N 111 
GLY CA  HA2  sing N N 112 
GLY CA  HA3  sing N N 113 
GLY C   O    doub N N 114 
GLY C   OXT  sing N N 115 
GLY OXT HXT  sing N N 116 
HIS N   CA   sing N N 117 
HIS N   H    sing N N 118 
HIS N   H2   sing N N 119 
HIS CA  C    sing N N 120 
HIS CA  CB   sing N N 121 
HIS CA  HA   sing N N 122 
HIS C   O    doub N N 123 
HIS C   OXT  sing N N 124 
HIS CB  CG   sing N N 125 
HIS CB  HB2  sing N N 126 
HIS CB  HB3  sing N N 127 
HIS CG  ND1  sing Y N 128 
HIS CG  CD2  doub Y N 129 
HIS ND1 CE1  doub Y N 130 
HIS ND1 HD1  sing N N 131 
HIS CD2 NE2  sing Y N 132 
HIS CD2 HD2  sing N N 133 
HIS CE1 NE2  sing Y N 134 
HIS CE1 HE1  sing N N 135 
HIS NE2 HE2  sing N N 136 
HIS OXT HXT  sing N N 137 
HOH O   H1   sing N N 138 
HOH O   H2   sing N N 139 
ILE N   CA   sing N N 140 
ILE N   H    sing N N 141 
ILE N   H2   sing N N 142 
ILE CA  C    sing N N 143 
ILE CA  CB   sing N N 144 
ILE CA  HA   sing N N 145 
ILE C   O    doub N N 146 
ILE C   OXT  sing N N 147 
ILE CB  CG1  sing N N 148 
ILE CB  CG2  sing N N 149 
ILE CB  HB   sing N N 150 
ILE CG1 CD1  sing N N 151 
ILE CG1 HG12 sing N N 152 
ILE CG1 HG13 sing N N 153 
ILE CG2 HG21 sing N N 154 
ILE CG2 HG22 sing N N 155 
ILE CG2 HG23 sing N N 156 
ILE CD1 HD11 sing N N 157 
ILE CD1 HD12 sing N N 158 
ILE CD1 HD13 sing N N 159 
ILE OXT HXT  sing N N 160 
LEU N   CA   sing N N 161 
LEU N   H    sing N N 162 
LEU N   H2   sing N N 163 
LEU CA  C    sing N N 164 
LEU CA  CB   sing N N 165 
LEU CA  HA   sing N N 166 
LEU C   O    doub N N 167 
LEU C   OXT  sing N N 168 
LEU CB  CG   sing N N 169 
LEU CB  HB2  sing N N 170 
LEU CB  HB3  sing N N 171 
LEU CG  CD1  sing N N 172 
LEU CG  CD2  sing N N 173 
LEU CG  HG   sing N N 174 
LEU CD1 HD11 sing N N 175 
LEU CD1 HD12 sing N N 176 
LEU CD1 HD13 sing N N 177 
LEU CD2 HD21 sing N N 178 
LEU CD2 HD22 sing N N 179 
LEU CD2 HD23 sing N N 180 
LEU OXT HXT  sing N N 181 
LYS N   CA   sing N N 182 
LYS N   H    sing N N 183 
LYS N   H2   sing N N 184 
LYS CA  C    sing N N 185 
LYS CA  CB   sing N N 186 
LYS CA  HA   sing N N 187 
LYS C   O    doub N N 188 
LYS C   OXT  sing N N 189 
LYS CB  CG   sing N N 190 
LYS CB  HB2  sing N N 191 
LYS CB  HB3  sing N N 192 
LYS CG  CD   sing N N 193 
LYS CG  HG2  sing N N 194 
LYS CG  HG3  sing N N 195 
LYS CD  CE   sing N N 196 
LYS CD  HD2  sing N N 197 
LYS CD  HD3  sing N N 198 
LYS CE  NZ   sing N N 199 
LYS CE  HE2  sing N N 200 
LYS CE  HE3  sing N N 201 
LYS NZ  HZ1  sing N N 202 
LYS NZ  HZ2  sing N N 203 
LYS NZ  HZ3  sing N N 204 
LYS OXT HXT  sing N N 205 
MET N   CA   sing N N 206 
MET N   H    sing N N 207 
MET N   H2   sing N N 208 
MET CA  C    sing N N 209 
MET CA  CB   sing N N 210 
MET CA  HA   sing N N 211 
MET C   O    doub N N 212 
MET C   OXT  sing N N 213 
MET CB  CG   sing N N 214 
MET CB  HB2  sing N N 215 
MET CB  HB3  sing N N 216 
MET CG  SD   sing N N 217 
MET CG  HG2  sing N N 218 
MET CG  HG3  sing N N 219 
MET SD  CE   sing N N 220 
MET CE  HE1  sing N N 221 
MET CE  HE2  sing N N 222 
MET CE  HE3  sing N N 223 
MET OXT HXT  sing N N 224 
PHE N   CA   sing N N 225 
PHE N   H    sing N N 226 
PHE N   H2   sing N N 227 
PHE CA  C    sing N N 228 
PHE CA  CB   sing N N 229 
PHE CA  HA   sing N N 230 
PHE C   O    doub N N 231 
PHE C   OXT  sing N N 232 
PHE CB  CG   sing N N 233 
PHE CB  HB2  sing N N 234 
PHE CB  HB3  sing N N 235 
PHE CG  CD1  doub Y N 236 
PHE CG  CD2  sing Y N 237 
PHE CD1 CE1  sing Y N 238 
PHE CD1 HD1  sing N N 239 
PHE CD2 CE2  doub Y N 240 
PHE CD2 HD2  sing N N 241 
PHE CE1 CZ   doub Y N 242 
PHE CE1 HE1  sing N N 243 
PHE CE2 CZ   sing Y N 244 
PHE CE2 HE2  sing N N 245 
PHE CZ  HZ   sing N N 246 
PHE OXT HXT  sing N N 247 
PRO N   CA   sing N N 248 
PRO N   CD   sing N N 249 
PRO N   H    sing N N 250 
PRO CA  C    sing N N 251 
PRO CA  CB   sing N N 252 
PRO CA  HA   sing N N 253 
PRO C   O    doub N N 254 
PRO C   OXT  sing N N 255 
PRO CB  CG   sing N N 256 
PRO CB  HB2  sing N N 257 
PRO CB  HB3  sing N N 258 
PRO CG  CD   sing N N 259 
PRO CG  HG2  sing N N 260 
PRO CG  HG3  sing N N 261 
PRO CD  HD2  sing N N 262 
PRO CD  HD3  sing N N 263 
PRO OXT HXT  sing N N 264 
RUR CHA C1A  doub N N 265 
RUR CHA C4D  sing N N 266 
RUR CHA HHA  sing N N 267 
RUR CHB C4A  doub N N 268 
RUR CHB C1B  sing N N 269 
RUR CHB HHB  sing N N 270 
RUR CHC C4B  doub N N 271 
RUR CHC C1C  sing N N 272 
RUR CHC HHC  sing N N 273 
RUR CHD C4C  sing N N 274 
RUR CHD C1D  doub N N 275 
RUR CHD HHD  sing N N 276 
RUR C1A C2A  sing Y N 277 
RUR C1A NA   sing Y N 278 
RUR C2A C3A  doub Y N 279 
RUR C2A CAA  sing N N 280 
RUR C3A C4A  sing Y N 281 
RUR C3A CMA  sing N N 282 
RUR C4A NA   sing Y N 283 
RUR CMA HMA  sing N N 284 
RUR CMA HMAA sing N N 285 
RUR CMA HMAB sing N N 286 
RUR CAA CBA  sing N N 287 
RUR CAA HAA  sing N N 288 
RUR CAA HAAA sing N N 289 
RUR CBA CGA  sing N N 290 
RUR CBA HBA  sing N N 291 
RUR CBA HBAA sing N N 292 
RUR CGA O1A  doub N N 293 
RUR CGA O2A  sing N N 294 
RUR O2A H31  sing N N 295 
RUR C1B C2B  sing N N 296 
RUR C1B NB   doub N N 297 
RUR C2B C3B  doub N N 298 
RUR C2B CMB  sing N N 299 
RUR C3B C4B  sing N N 300 
RUR C3B CAB  sing N N 301 
RUR C4B NB   sing N N 302 
RUR CMB HMB  sing N N 303 
RUR CMB HMBA sing N N 304 
RUR CMB HMBB sing N N 305 
RUR CAB CBB  sing N N 306 
RUR CAB HAB  sing N N 307 
RUR CBB HBB  sing N N 308 
RUR CBB HBBA sing N N 309 
RUR C1C C2C  doub N N 310 
RUR C1C NC   sing N N 311 
RUR C2C C3C  sing Y N 312 
RUR C2C CMC  sing Y N 313 
RUR C3C C4C  doub Y N 314 
RUR C3C CAC  sing N N 315 
RUR C4C NC   sing Y N 316 
RUR CMC HMC  sing N N 317 
RUR CMC HMCA sing Y N 318 
RUR CMC HMCB sing N N 319 
RUR CAC CBC  sing N N 320 
RUR CAC HAC  sing N N 321 
RUR CBC HBC  sing N N 322 
RUR CBC HBCA sing N N 323 
RUR C1D C2D  sing N N 324 
RUR C1D ND   sing N N 325 
RUR C2D C3D  doub N N 326 
RUR C2D CMD  sing N N 327 
RUR C3D C4D  sing N N 328 
RUR C3D CAD  sing N N 329 
RUR C4D ND   doub N N 330 
RUR CMD HMD  sing N N 331 
RUR CMD HMDA sing N N 332 
RUR CMD HMDB sing N N 333 
RUR CAD CBD  sing N N 334 
RUR CAD HAD  sing N N 335 
RUR CAD HADA sing N N 336 
RUR CBD CGD  sing N N 337 
RUR CBD HBD  sing N N 338 
RUR CBD HBDA sing N N 339 
RUR CGD O1D  doub N N 340 
RUR CGD O2D  sing N N 341 
RUR O2D H32  sing N N 342 
RUR RU  ND   sing N N 343 
RUR RU  NC   sing N N 344 
RUR NA  RU   sing N N 345 
RUR NB  RU   sing N N 346 
RUR CAB H33  sing N N 347 
RUR CBB H34  sing N N 348 
RUR CAC H35  sing N N 349 
RUR CBC H36  sing N N 350 
SER N   CA   sing N N 351 
SER N   H    sing N N 352 
SER N   H2   sing N N 353 
SER CA  C    sing N N 354 
SER CA  CB   sing N N 355 
SER CA  HA   sing N N 356 
SER C   O    doub N N 357 
SER C   OXT  sing N N 358 
SER CB  OG   sing N N 359 
SER CB  HB2  sing N N 360 
SER CB  HB3  sing N N 361 
SER OG  HG   sing N N 362 
SER OXT HXT  sing N N 363 
THR N   CA   sing N N 364 
THR N   H    sing N N 365 
THR N   H2   sing N N 366 
THR CA  C    sing N N 367 
THR CA  CB   sing N N 368 
THR CA  HA   sing N N 369 
THR C   O    doub N N 370 
THR C   OXT  sing N N 371 
THR CB  OG1  sing N N 372 
THR CB  CG2  sing N N 373 
THR CB  HB   sing N N 374 
THR OG1 HG1  sing N N 375 
THR CG2 HG21 sing N N 376 
THR CG2 HG22 sing N N 377 
THR CG2 HG23 sing N N 378 
THR OXT HXT  sing N N 379 
TRP N   CA   sing N N 380 
TRP N   H    sing N N 381 
TRP N   H2   sing N N 382 
TRP CA  C    sing N N 383 
TRP CA  CB   sing N N 384 
TRP CA  HA   sing N N 385 
TRP C   O    doub N N 386 
TRP C   OXT  sing N N 387 
TRP CB  CG   sing N N 388 
TRP CB  HB2  sing N N 389 
TRP CB  HB3  sing N N 390 
TRP CG  CD1  doub Y N 391 
TRP CG  CD2  sing Y N 392 
TRP CD1 NE1  sing Y N 393 
TRP CD1 HD1  sing N N 394 
TRP CD2 CE2  doub Y N 395 
TRP CD2 CE3  sing Y N 396 
TRP NE1 CE2  sing Y N 397 
TRP NE1 HE1  sing N N 398 
TRP CE2 CZ2  sing Y N 399 
TRP CE3 CZ3  doub Y N 400 
TRP CE3 HE3  sing N N 401 
TRP CZ2 CH2  doub Y N 402 
TRP CZ2 HZ2  sing N N 403 
TRP CZ3 CH2  sing Y N 404 
TRP CZ3 HZ3  sing N N 405 
TRP CH2 HH2  sing N N 406 
TRP OXT HXT  sing N N 407 
TYR N   CA   sing N N 408 
TYR N   H    sing N N 409 
TYR N   H2   sing N N 410 
TYR CA  C    sing N N 411 
TYR CA  CB   sing N N 412 
TYR CA  HA   sing N N 413 
TYR C   O    doub N N 414 
TYR C   OXT  sing N N 415 
TYR CB  CG   sing N N 416 
TYR CB  HB2  sing N N 417 
TYR CB  HB3  sing N N 418 
TYR CG  CD1  doub Y N 419 
TYR CG  CD2  sing Y N 420 
TYR CD1 CE1  sing Y N 421 
TYR CD1 HD1  sing N N 422 
TYR CD2 CE2  doub Y N 423 
TYR CD2 HD2  sing N N 424 
TYR CE1 CZ   doub Y N 425 
TYR CE1 HE1  sing N N 426 
TYR CE2 CZ   sing Y N 427 
TYR CE2 HE2  sing N N 428 
TYR CZ  OH   sing N N 429 
TYR OH  HH   sing N N 430 
TYR OXT HXT  sing N N 431 
VAL N   CA   sing N N 432 
VAL N   H    sing N N 433 
VAL N   H2   sing N N 434 
VAL CA  C    sing N N 435 
VAL CA  CB   sing N N 436 
VAL CA  HA   sing N N 437 
VAL C   O    doub N N 438 
VAL C   OXT  sing N N 439 
VAL CB  CG1  sing N N 440 
VAL CB  CG2  sing N N 441 
VAL CB  HB   sing N N 442 
VAL CG1 HG11 sing N N 443 
VAL CG1 HG12 sing N N 444 
VAL CG1 HG13 sing N N 445 
VAL CG2 HG21 sing N N 446 
VAL CG2 HG22 sing N N 447 
VAL CG2 HG23 sing N N 448 
VAL OXT HXT  sing N N 449 
# 
loop_
_pdbx_entity_nonpoly.entity_id 
_pdbx_entity_nonpoly.name 
_pdbx_entity_nonpoly.comp_id 
2 "[3,3'-(7,12-diethyl-3,8,13,17-tetramethylporphyrin-2,18-diyl-kappa~4~N~21~,N~22~,N~23~,N~24~)dipropanoato(2-)]ruthenium" RUR 
3 'CARBON MONOXIDE'                                                                                                         CMO 
4 water                                                                                                                     HOH 
# 
_pdbx_initial_refinement_model.id               1 
_pdbx_initial_refinement_model.entity_id_list   ? 
_pdbx_initial_refinement_model.type             'experimental model' 
_pdbx_initial_refinement_model.source_name      PDB 
_pdbx_initial_refinement_model.accession_code   1U55 
_pdbx_initial_refinement_model.details          'PDB ENTRY 1U55' 
# 
